data_8HPC
#
_entry.id   8HPC
#
_cell.length_a   79.165
_cell.length_b   79.865
_cell.length_c   91.070
_cell.angle_alpha   91.40
_cell.angle_beta   98.48
_cell.angle_gamma   92.78
#
_symmetry.space_group_name_H-M   'P 1'
#
loop_
_entity.id
_entity.type
_entity.pdbx_description
1 polymer 'N-carbamoyl-D-amino acid hydrolase'
2 non-polymer '(2~{R})-2-(aminocarbonylamino)-2-(4-hydroxyphenyl)ethanoic acid'
3 water water
#
_entity_poly.entity_id   1
_entity_poly.type   'polypeptide(L)'
_entity_poly.pdbx_seq_one_letter_code
;MTRQMILAVGQQGPIARAETREQVVVRLLDMLTKAASRGANFIVFPELALTTFFPRWHFTDEAELDSFYETEMPGPVVRP
LFEKAAELGIGFNLGYAELVVEGGVKRRFNTSILVDKSGKIVGKYRKIHLPGHKEYEAYRPFQHLEKRYFEPGDLGFPVY
DVDAAKMGMFIANDRRWPEAWRVMGLRGAEIICGGYNTPTHNPPVPQHDHLTSFHHLLSMQAGSYQNGAWSAAAGKVGME
ENCMLLGHSCIVAPTGEIVALTTTLEDEVITAAVDLDRCRELREHIFNFKQHRQPQHYGLIAEL
;
_entity_poly.pdbx_strand_id   A,B,C,D,E,F,G,H
#
loop_
_chem_comp.id
_chem_comp.type
_chem_comp.name
_chem_comp.formula
M9L non-polymer '(2~{R})-2-(aminocarbonylamino)-2-(4-hydroxyphenyl)ethanoic acid' 'C9 H10 N2 O4'
#
# COMPACT_ATOMS: atom_id res chain seq x y z
N THR A 2 -36.77 -0.56 -30.03
CA THR A 2 -36.93 -0.28 -31.51
C THR A 2 -35.77 0.62 -31.96
N ARG A 3 -35.85 1.93 -31.63
CA ARG A 3 -34.87 2.96 -32.04
C ARG A 3 -33.86 3.18 -30.90
N GLN A 4 -34.04 2.46 -29.78
CA GLN A 4 -33.16 2.57 -28.58
C GLN A 4 -32.40 1.24 -28.43
N MET A 5 -31.07 1.31 -28.25
CA MET A 5 -30.19 0.13 -28.04
C MET A 5 -29.07 0.54 -27.09
N ILE A 6 -28.23 -0.40 -26.68
CA ILE A 6 -27.01 -0.14 -25.88
C ILE A 6 -25.80 -0.60 -26.68
N LEU A 7 -24.94 0.34 -27.05
CA LEU A 7 -23.70 0.09 -27.81
C LEU A 7 -22.55 -0.10 -26.81
N ALA A 8 -21.72 -1.13 -27.02
CA ALA A 8 -20.52 -1.44 -26.21
C ALA A 8 -19.28 -1.28 -27.10
N VAL A 9 -18.14 -1.00 -26.47
CA VAL A 9 -16.79 -1.06 -27.09
C VAL A 9 -15.96 -2.04 -26.25
N GLY A 10 -15.32 -3.01 -26.89
CA GLY A 10 -14.37 -3.94 -26.25
C GLY A 10 -12.94 -3.57 -26.60
N GLN A 11 -12.34 -2.69 -25.79
CA GLN A 11 -10.92 -2.27 -25.94
C GLN A 11 -10.06 -3.48 -25.58
N GLN A 12 -8.98 -3.69 -26.34
CA GLN A 12 -8.01 -4.78 -26.12
C GLN A 12 -6.71 -4.20 -25.56
N GLY A 13 -6.21 -4.79 -24.48
CA GLY A 13 -4.81 -4.61 -24.07
C GLY A 13 -3.90 -5.24 -25.11
N PRO A 14 -2.57 -5.24 -24.88
CA PRO A 14 -1.63 -5.84 -25.83
C PRO A 14 -1.92 -7.30 -26.21
N ILE A 15 -1.63 -7.65 -27.47
CA ILE A 15 -1.46 -9.05 -27.97
C ILE A 15 0.01 -9.24 -28.34
N ALA A 16 0.72 -10.10 -27.62
CA ALA A 16 2.15 -10.42 -27.83
C ALA A 16 2.28 -11.29 -29.09
N ARG A 17 3.43 -11.23 -29.76
CA ARG A 17 3.74 -11.98 -31.01
C ARG A 17 3.40 -13.48 -30.83
N ALA A 18 3.59 -14.02 -29.62
CA ALA A 18 3.50 -15.47 -29.33
C ALA A 18 2.10 -15.83 -28.82
N GLU A 19 1.20 -14.85 -28.71
CA GLU A 19 -0.20 -15.09 -28.27
C GLU A 19 -1.03 -15.60 -29.47
N THR A 20 -1.55 -16.82 -29.37
CA THR A 20 -2.33 -17.52 -30.42
C THR A 20 -3.70 -16.85 -30.58
N ARG A 21 -4.34 -17.04 -31.73
CA ARG A 21 -5.74 -16.60 -31.99
C ARG A 21 -6.68 -17.24 -30.95
N GLU A 22 -6.38 -18.47 -30.53
CA GLU A 22 -7.15 -19.26 -29.53
C GLU A 22 -7.20 -18.49 -28.20
N GLN A 23 -6.07 -17.92 -27.78
CA GLN A 23 -5.93 -17.17 -26.50
C GLN A 23 -6.60 -15.80 -26.60
N VAL A 24 -6.55 -15.17 -27.78
CA VAL A 24 -7.21 -13.87 -28.06
C VAL A 24 -8.73 -14.05 -28.06
N VAL A 25 -9.25 -15.15 -28.64
CA VAL A 25 -10.71 -15.41 -28.75
C VAL A 25 -11.31 -15.51 -27.34
N VAL A 26 -10.58 -16.14 -26.42
CA VAL A 26 -10.96 -16.26 -24.97
C VAL A 26 -11.16 -14.85 -24.40
N ARG A 27 -10.18 -13.97 -24.64
CA ARG A 27 -10.21 -12.57 -24.17
C ARG A 27 -11.40 -11.83 -24.79
N LEU A 28 -11.64 -12.01 -26.10
CA LEU A 28 -12.81 -11.41 -26.80
C LEU A 28 -14.10 -12.00 -26.26
N LEU A 29 -14.16 -13.30 -25.99
CA LEU A 29 -15.39 -13.98 -25.48
C LEU A 29 -15.75 -13.37 -24.12
N ASP A 30 -14.77 -13.21 -23.23
CA ASP A 30 -14.94 -12.65 -21.86
C ASP A 30 -15.53 -11.23 -21.96
N MET A 31 -14.99 -10.38 -22.83
CA MET A 31 -15.47 -8.99 -22.98
C MET A 31 -16.89 -8.99 -23.56
N LEU A 32 -17.13 -9.86 -24.53
CA LEU A 32 -18.45 -10.04 -25.20
C LEU A 32 -19.49 -10.50 -24.16
N THR A 33 -19.07 -11.25 -23.14
CA THR A 33 -19.94 -11.77 -22.05
C THR A 33 -20.27 -10.64 -21.08
N LYS A 34 -19.30 -9.79 -20.74
CA LYS A 34 -19.47 -8.67 -19.79
C LYS A 34 -20.37 -7.60 -20.43
N ALA A 35 -20.30 -7.42 -21.75
CA ALA A 35 -21.11 -6.42 -22.48
C ALA A 35 -22.59 -6.84 -22.46
N ALA A 36 -22.85 -8.13 -22.70
CA ALA A 36 -24.20 -8.74 -22.59
C ALA A 36 -24.78 -8.46 -21.20
N SER A 37 -23.99 -8.72 -20.15
CA SER A 37 -24.41 -8.61 -18.72
C SER A 37 -24.69 -7.14 -18.36
N ARG A 38 -24.19 -6.19 -19.14
CA ARG A 38 -24.44 -4.73 -18.93
C ARG A 38 -25.49 -4.23 -19.94
N GLY A 39 -26.11 -5.14 -20.69
CA GLY A 39 -27.30 -4.90 -21.52
C GLY A 39 -26.96 -4.52 -22.94
N ALA A 40 -25.72 -4.74 -23.40
CA ALA A 40 -25.24 -4.37 -24.75
C ALA A 40 -25.93 -5.21 -25.83
N ASN A 41 -26.30 -4.59 -26.95
CA ASN A 41 -26.90 -5.25 -28.14
C ASN A 41 -25.86 -5.39 -29.25
N PHE A 42 -24.79 -4.61 -29.16
CA PHE A 42 -23.67 -4.62 -30.14
C PHE A 42 -22.38 -4.22 -29.43
N ILE A 43 -21.26 -4.83 -29.82
CA ILE A 43 -19.93 -4.47 -29.27
C ILE A 43 -18.93 -4.27 -30.43
N VAL A 44 -18.21 -3.15 -30.38
CA VAL A 44 -17.14 -2.79 -31.36
C VAL A 44 -15.81 -3.32 -30.80
N PHE A 45 -15.08 -4.09 -31.60
CA PHE A 45 -13.73 -4.62 -31.30
C PHE A 45 -12.70 -3.88 -32.16
N PRO A 46 -11.40 -3.94 -31.81
CA PRO A 46 -10.40 -3.11 -32.49
C PRO A 46 -10.04 -3.53 -33.91
N GLU A 47 -9.20 -2.71 -34.53
CA GLU A 47 -8.51 -3.01 -35.81
C GLU A 47 -7.56 -4.19 -35.59
N LEU A 48 -7.49 -5.12 -36.54
CA LEU A 48 -6.54 -6.27 -36.49
C LEU A 48 -6.57 -6.87 -35.09
N ALA A 49 -7.76 -7.32 -34.66
CA ALA A 49 -8.09 -7.68 -33.27
C ALA A 49 -7.61 -9.10 -32.92
N LEU A 50 -7.15 -9.89 -33.91
CA LEU A 50 -6.83 -11.34 -33.73
C LEU A 50 -5.33 -11.57 -33.54
N THR A 51 -4.50 -10.54 -33.73
CA THR A 51 -3.02 -10.68 -33.63
C THR A 51 -2.36 -9.40 -33.11
N THR A 52 -1.10 -9.52 -32.68
CA THR A 52 -0.17 -8.39 -32.48
C THR A 52 -0.20 -7.53 -33.73
N PHE A 53 0.21 -6.27 -33.61
CA PHE A 53 0.23 -5.32 -34.74
C PHE A 53 1.53 -5.52 -35.53
N PHE A 54 1.50 -6.50 -36.43
CA PHE A 54 2.64 -7.00 -37.22
C PHE A 54 3.22 -5.92 -38.16
N PRO A 55 2.48 -4.88 -38.61
CA PRO A 55 3.09 -3.83 -39.43
C PRO A 55 4.16 -2.99 -38.70
N ARG A 56 4.46 -3.28 -37.43
CA ARG A 56 5.59 -2.62 -36.73
C ARG A 56 6.95 -3.26 -37.12
N TRP A 57 6.94 -4.44 -37.78
CA TRP A 57 8.17 -5.16 -38.19
C TRP A 57 8.31 -5.22 -39.72
N HIS A 58 9.56 -5.18 -40.17
CA HIS A 58 10.01 -5.53 -41.55
C HIS A 58 10.12 -7.06 -41.63
N PHE A 59 9.43 -7.68 -42.60
CA PHE A 59 9.46 -9.14 -42.84
C PHE A 59 10.24 -9.48 -44.12
N THR A 60 11.07 -10.52 -44.02
CA THR A 60 11.83 -11.17 -45.11
C THR A 60 11.13 -12.47 -45.52
N ASP A 61 10.57 -13.21 -44.55
CA ASP A 61 9.91 -14.54 -44.77
C ASP A 61 8.41 -14.31 -45.01
N GLU A 62 7.89 -14.74 -46.17
CA GLU A 62 6.51 -14.46 -46.64
C GLU A 62 5.51 -15.42 -45.96
N ALA A 63 5.95 -16.60 -45.54
CA ALA A 63 5.12 -17.53 -44.73
C ALA A 63 4.87 -16.91 -43.35
N GLU A 64 5.89 -16.30 -42.75
CA GLU A 64 5.81 -15.62 -41.42
C GLU A 64 4.80 -14.45 -41.54
N LEU A 65 4.87 -13.66 -42.62
CA LEU A 65 3.95 -12.51 -42.86
C LEU A 65 2.50 -13.01 -43.02
N ASP A 66 2.29 -14.05 -43.82
CA ASP A 66 0.95 -14.60 -44.14
C ASP A 66 0.29 -15.14 -42.87
N SER A 67 1.07 -15.66 -41.93
CA SER A 67 0.55 -16.31 -40.69
C SER A 67 -0.30 -15.33 -39.87
N PHE A 68 -0.14 -14.00 -40.05
CA PHE A 68 -0.92 -12.95 -39.35
C PHE A 68 -2.24 -12.64 -40.07
N TYR A 69 -2.49 -13.20 -41.26
CA TYR A 69 -3.72 -12.94 -42.07
C TYR A 69 -4.71 -14.10 -41.92
N GLU A 70 -5.99 -13.83 -42.15
CA GLU A 70 -7.08 -14.83 -42.21
C GLU A 70 -7.36 -15.16 -43.68
N THR A 71 -7.45 -16.45 -44.01
CA THR A 71 -7.84 -16.94 -45.36
C THR A 71 -9.34 -17.20 -45.41
N GLU A 72 -10.00 -17.15 -44.26
CA GLU A 72 -11.47 -17.39 -44.12
C GLU A 72 -11.97 -16.68 -42.87
N MET A 73 -13.27 -16.38 -42.85
CA MET A 73 -13.93 -15.62 -41.77
C MET A 73 -15.39 -16.05 -41.71
N PRO A 74 -15.82 -16.77 -40.64
CA PRO A 74 -14.90 -17.26 -39.60
C PRO A 74 -14.17 -18.55 -39.95
N GLY A 75 -12.95 -18.72 -39.41
CA GLY A 75 -12.25 -20.02 -39.38
C GLY A 75 -12.56 -20.76 -38.08
N PRO A 76 -12.11 -22.02 -37.92
CA PRO A 76 -12.54 -22.82 -36.76
C PRO A 76 -12.14 -22.18 -35.42
N VAL A 77 -10.98 -21.52 -35.36
CA VAL A 77 -10.43 -20.92 -34.11
C VAL A 77 -11.28 -19.71 -33.72
N VAL A 78 -11.81 -18.96 -34.69
CA VAL A 78 -12.60 -17.71 -34.45
C VAL A 78 -14.10 -18.07 -34.38
N ARG A 79 -14.51 -19.23 -34.89
CA ARG A 79 -15.93 -19.64 -34.96
C ARG A 79 -16.61 -19.52 -33.59
N PRO A 80 -15.98 -19.89 -32.46
CA PRO A 80 -16.62 -19.81 -31.14
C PRO A 80 -17.10 -18.40 -30.77
N LEU A 81 -16.44 -17.36 -31.28
CA LEU A 81 -16.81 -15.92 -31.07
C LEU A 81 -18.14 -15.61 -31.75
N PHE A 82 -18.37 -16.11 -32.95
CA PHE A 82 -19.66 -15.97 -33.67
C PHE A 82 -20.76 -16.75 -32.93
N GLU A 83 -20.48 -18.00 -32.55
CA GLU A 83 -21.44 -18.89 -31.86
C GLU A 83 -21.91 -18.21 -30.56
N LYS A 84 -20.98 -17.63 -29.78
CA LYS A 84 -21.29 -16.97 -28.48
C LYS A 84 -22.11 -15.71 -28.73
N ALA A 85 -21.83 -14.94 -29.79
CA ALA A 85 -22.56 -13.70 -30.16
C ALA A 85 -24.02 -14.01 -30.48
N ALA A 86 -24.28 -15.10 -31.18
CA ALA A 86 -25.64 -15.55 -31.58
C ALA A 86 -26.40 -16.03 -30.35
N GLU A 87 -25.71 -16.72 -29.44
CA GLU A 87 -26.27 -17.25 -28.17
C GLU A 87 -26.74 -16.09 -27.29
N LEU A 88 -25.92 -15.05 -27.15
CA LEU A 88 -26.19 -13.90 -26.23
C LEU A 88 -27.11 -12.85 -26.90
N GLY A 89 -27.26 -12.90 -28.21
CA GLY A 89 -28.09 -11.94 -28.99
C GLY A 89 -27.41 -10.59 -29.08
N ILE A 90 -26.10 -10.58 -29.40
CA ILE A 90 -25.25 -9.35 -29.47
C ILE A 90 -24.43 -9.39 -30.75
N GLY A 91 -24.56 -8.35 -31.58
CA GLY A 91 -23.75 -8.13 -32.80
C GLY A 91 -22.38 -7.60 -32.46
N PHE A 92 -21.44 -7.64 -33.41
CA PHE A 92 -20.08 -7.11 -33.19
C PHE A 92 -19.47 -6.64 -34.51
N ASN A 93 -18.45 -5.80 -34.37
CA ASN A 93 -17.58 -5.27 -35.44
C ASN A 93 -16.19 -5.83 -35.13
N LEU A 94 -15.66 -6.63 -36.04
CA LEU A 94 -14.36 -7.31 -35.87
C LEU A 94 -13.43 -6.84 -36.97
N GLY A 95 -12.25 -6.34 -36.59
CA GLY A 95 -11.14 -6.05 -37.51
C GLY A 95 -10.17 -7.21 -37.59
N TYR A 96 -9.64 -7.48 -38.77
CA TYR A 96 -8.68 -8.59 -39.02
C TYR A 96 -7.95 -8.33 -40.33
N ALA A 97 -6.79 -8.97 -40.50
CA ALA A 97 -5.99 -8.92 -41.74
C ALA A 97 -6.54 -9.96 -42.71
N GLU A 98 -6.90 -9.53 -43.92
CA GLU A 98 -7.55 -10.38 -44.96
C GLU A 98 -6.53 -10.73 -46.06
N LEU A 99 -6.27 -12.02 -46.24
CA LEU A 99 -5.46 -12.57 -47.36
C LEU A 99 -6.42 -13.34 -48.28
N VAL A 100 -6.64 -12.81 -49.48
CA VAL A 100 -7.41 -13.50 -50.56
C VAL A 100 -6.45 -13.83 -51.71
N VAL A 101 -6.39 -15.11 -52.04
CA VAL A 101 -5.45 -15.70 -53.03
C VAL A 101 -6.19 -15.82 -54.37
N GLU A 102 -5.59 -15.30 -55.43
CA GLU A 102 -6.17 -15.35 -56.82
C GLU A 102 -5.11 -15.87 -57.81
N LYS A 106 -2.49 -13.19 -54.78
CA LYS A 106 -2.38 -12.81 -53.34
C LYS A 106 -2.71 -11.31 -53.15
N ARG A 107 -3.87 -11.02 -52.58
CA ARG A 107 -4.32 -9.65 -52.24
C ARG A 107 -4.42 -9.53 -50.72
N ARG A 108 -3.94 -8.43 -50.16
CA ARG A 108 -3.86 -8.16 -48.70
C ARG A 108 -4.65 -6.89 -48.35
N PHE A 109 -5.60 -7.01 -47.42
CA PHE A 109 -6.46 -5.91 -46.93
C PHE A 109 -6.47 -5.81 -45.40
N ASN A 110 -6.54 -4.58 -44.89
CA ASN A 110 -6.88 -4.27 -43.48
C ASN A 110 -8.41 -4.16 -43.45
N THR A 111 -9.08 -5.15 -42.86
CA THR A 111 -10.52 -5.41 -43.07
C THR A 111 -11.26 -5.37 -41.72
N SER A 112 -12.55 -5.11 -41.80
CA SER A 112 -13.53 -5.17 -40.69
C SER A 112 -14.88 -5.65 -41.24
N ILE A 113 -15.66 -6.31 -40.39
CA ILE A 113 -17.01 -6.81 -40.75
C ILE A 113 -17.99 -6.39 -39.65
N LEU A 114 -19.26 -6.29 -40.05
CA LEU A 114 -20.40 -6.14 -39.14
C LEU A 114 -21.09 -7.50 -39.09
N VAL A 115 -21.34 -7.99 -37.86
CA VAL A 115 -22.12 -9.22 -37.58
C VAL A 115 -23.35 -8.80 -36.77
N ASP A 116 -24.56 -9.18 -37.21
CA ASP A 116 -25.82 -8.83 -36.49
C ASP A 116 -26.01 -9.82 -35.33
N LYS A 117 -27.11 -9.71 -34.60
CA LYS A 117 -27.34 -10.49 -33.34
C LYS A 117 -27.67 -11.95 -33.65
N SER A 118 -27.99 -12.30 -34.90
CA SER A 118 -28.18 -13.70 -35.40
C SER A 118 -26.82 -14.36 -35.60
N GLY A 119 -25.74 -13.59 -35.66
CA GLY A 119 -24.37 -14.09 -35.92
C GLY A 119 -24.11 -14.20 -37.40
N LYS A 120 -24.81 -13.39 -38.21
CA LYS A 120 -24.72 -13.37 -39.70
C LYS A 120 -23.87 -12.16 -40.12
N ILE A 121 -22.87 -12.38 -40.98
CA ILE A 121 -22.01 -11.29 -41.53
C ILE A 121 -22.87 -10.47 -42.48
N VAL A 122 -23.19 -9.23 -42.10
CA VAL A 122 -24.15 -8.37 -42.87
C VAL A 122 -23.36 -7.37 -43.73
N GLY A 123 -22.05 -7.20 -43.51
CA GLY A 123 -21.29 -6.24 -44.32
C GLY A 123 -19.80 -6.26 -44.05
N LYS A 124 -19.03 -5.93 -45.09
CA LYS A 124 -17.55 -5.90 -45.08
C LYS A 124 -17.07 -4.52 -45.53
N TYR A 125 -15.93 -4.07 -45.02
CA TYR A 125 -15.24 -2.82 -45.40
C TYR A 125 -13.72 -3.07 -45.36
N ARG A 126 -12.99 -2.49 -46.31
CA ARG A 126 -11.51 -2.59 -46.40
C ARG A 126 -10.91 -1.18 -46.26
N LYS A 127 -9.97 -1.02 -45.34
CA LYS A 127 -9.35 0.27 -44.97
C LYS A 127 -8.89 1.00 -46.24
N ILE A 128 -9.38 2.22 -46.48
CA ILE A 128 -9.09 2.99 -47.71
C ILE A 128 -7.92 3.95 -47.46
N HIS A 129 -7.83 4.56 -46.27
CA HIS A 129 -6.71 5.45 -45.89
C HIS A 129 -5.64 4.65 -45.13
N LEU A 130 -4.53 4.33 -45.78
CA LEU A 130 -3.38 3.60 -45.17
C LEU A 130 -2.34 4.62 -44.71
N PRO A 131 -1.94 4.61 -43.42
CA PRO A 131 -0.94 5.54 -42.90
C PRO A 131 0.47 4.95 -42.94
N GLY A 132 1.43 5.70 -42.37
CA GLY A 132 2.83 5.28 -42.26
C GLY A 132 3.53 5.33 -43.61
N HIS A 133 4.28 4.29 -43.94
CA HIS A 133 5.33 4.29 -44.99
C HIS A 133 5.42 2.89 -45.62
N LYS A 134 6.14 2.83 -46.75
CA LYS A 134 6.19 1.68 -47.69
C LYS A 134 7.47 0.86 -47.44
N GLU A 135 8.60 1.54 -47.24
CA GLU A 135 9.94 0.90 -47.14
C GLU A 135 10.44 0.98 -45.68
N TYR A 136 11.35 0.09 -45.31
CA TYR A 136 12.03 0.05 -43.99
C TYR A 136 12.78 1.37 -43.75
N GLU A 137 12.64 1.94 -42.57
CA GLU A 137 13.27 3.22 -42.15
C GLU A 137 13.98 2.98 -40.81
N ALA A 138 15.29 2.78 -40.87
CA ALA A 138 16.13 2.24 -39.78
C ALA A 138 16.09 3.13 -38.53
N TYR A 139 15.91 4.44 -38.69
CA TYR A 139 15.95 5.44 -37.58
C TYR A 139 14.77 5.17 -36.64
N ARG A 140 13.63 4.73 -37.19
CA ARG A 140 12.40 4.44 -36.40
C ARG A 140 12.69 3.31 -35.42
N PRO A 141 12.42 3.49 -34.11
CA PRO A 141 12.55 2.38 -33.16
C PRO A 141 11.57 1.25 -33.51
N PHE A 142 10.39 1.62 -34.05
CA PHE A 142 9.37 0.70 -34.59
C PHE A 142 8.86 1.22 -35.94
N GLN A 143 8.50 0.31 -36.85
CA GLN A 143 7.97 0.64 -38.20
C GLN A 143 6.44 0.82 -38.13
N HIS A 144 5.84 1.33 -39.20
CA HIS A 144 4.36 1.37 -39.44
C HIS A 144 4.10 1.12 -40.93
N LEU A 145 4.28 -0.14 -41.38
CA LEU A 145 4.42 -0.50 -42.81
C LEU A 145 3.07 -1.00 -43.38
N GLU A 146 1.99 -0.30 -43.05
CA GLU A 146 0.64 -0.61 -43.58
C GLU A 146 0.62 -0.50 -45.12
N LYS A 147 1.36 0.44 -45.69
CA LYS A 147 1.40 0.71 -47.15
C LYS A 147 2.12 -0.44 -47.88
N ARG A 148 2.89 -1.24 -47.14
CA ARG A 148 3.62 -2.40 -47.68
C ARG A 148 2.73 -3.64 -47.57
N TYR A 149 2.09 -3.85 -46.41
CA TYR A 149 1.41 -5.11 -46.04
C TYR A 149 -0.08 -5.08 -46.41
N PHE A 150 -0.61 -3.96 -46.88
CA PHE A 150 -2.01 -3.81 -47.32
C PHE A 150 -2.10 -3.00 -48.62
N GLU A 151 -3.08 -3.33 -49.47
CA GLU A 151 -3.52 -2.49 -50.61
C GLU A 151 -4.69 -1.62 -50.11
N PRO A 152 -4.85 -0.37 -50.62
CA PRO A 152 -6.04 0.42 -50.30
C PRO A 152 -7.34 -0.31 -50.67
N GLY A 153 -8.32 -0.33 -49.76
CA GLY A 153 -9.61 -1.03 -49.92
C GLY A 153 -10.35 -0.57 -51.18
N ASP A 154 -11.15 -1.47 -51.76
CA ASP A 154 -11.80 -1.30 -53.09
C ASP A 154 -13.32 -1.37 -52.95
N LEU A 155 -13.86 -1.37 -51.73
CA LEU A 155 -15.32 -1.49 -51.46
C LEU A 155 -15.94 -0.11 -51.16
N GLY A 156 -15.14 0.95 -51.03
CA GLY A 156 -15.66 2.30 -50.72
C GLY A 156 -16.04 2.41 -49.26
N PHE A 157 -16.97 3.31 -48.93
CA PHE A 157 -17.49 3.54 -47.55
C PHE A 157 -18.96 3.16 -47.48
N PRO A 158 -19.30 1.86 -47.49
CA PRO A 158 -20.71 1.44 -47.47
C PRO A 158 -21.36 1.64 -46.09
N VAL A 159 -22.69 1.68 -46.06
CA VAL A 159 -23.51 1.71 -44.83
C VAL A 159 -24.49 0.53 -44.91
N TYR A 160 -24.61 -0.29 -43.85
CA TYR A 160 -25.38 -1.55 -43.82
C TYR A 160 -26.46 -1.46 -42.74
N ASP A 161 -27.61 -2.10 -43.00
CA ASP A 161 -28.67 -2.36 -41.99
C ASP A 161 -28.14 -3.47 -41.08
N VAL A 162 -28.04 -3.19 -39.78
CA VAL A 162 -27.62 -4.16 -38.73
C VAL A 162 -28.69 -4.09 -37.63
N ASP A 163 -29.60 -5.07 -37.60
CA ASP A 163 -30.74 -5.08 -36.65
C ASP A 163 -31.47 -3.74 -36.85
N ALA A 164 -31.63 -2.90 -35.82
CA ALA A 164 -32.43 -1.66 -35.94
C ALA A 164 -31.64 -0.51 -36.61
N ALA A 165 -30.33 -0.65 -36.82
CA ALA A 165 -29.41 0.49 -37.00
C ALA A 165 -28.82 0.51 -38.42
N LYS A 166 -28.70 1.72 -38.98
CA LYS A 166 -27.82 2.01 -40.14
C LYS A 166 -26.40 2.19 -39.62
N MET A 167 -25.48 1.28 -39.94
CA MET A 167 -24.11 1.27 -39.39
C MET A 167 -23.10 1.37 -40.54
N GLY A 168 -22.12 2.26 -40.39
CA GLY A 168 -20.95 2.39 -41.30
C GLY A 168 -19.67 2.10 -40.56
N MET A 169 -18.66 1.63 -41.27
CA MET A 169 -17.35 1.23 -40.69
C MET A 169 -16.26 2.19 -41.18
N PHE A 170 -15.38 2.57 -40.26
CA PHE A 170 -14.04 3.13 -40.54
C PHE A 170 -13.05 2.14 -39.95
N ILE A 171 -11.81 2.18 -40.40
CA ILE A 171 -10.68 1.48 -39.72
C ILE A 171 -9.60 2.52 -39.43
N ALA A 172 -9.32 2.69 -38.13
CA ALA A 172 -8.25 3.52 -37.53
C ALA A 172 -8.09 4.86 -38.28
N ASN A 173 -7.09 4.94 -39.16
CA ASN A 173 -6.61 6.20 -39.79
C ASN A 173 -7.76 6.90 -40.49
N ASP A 174 -8.71 6.14 -41.04
CA ASP A 174 -9.96 6.66 -41.68
C ASP A 174 -10.62 7.74 -40.80
N ARG A 175 -10.54 7.60 -39.47
CA ARG A 175 -11.31 8.46 -38.53
C ARG A 175 -10.80 9.91 -38.61
N ARG A 176 -9.63 10.14 -39.18
CA ARG A 176 -9.00 11.49 -39.27
C ARG A 176 -9.48 12.19 -40.54
N TRP A 177 -10.14 11.47 -41.45
CA TRP A 177 -10.50 11.96 -42.80
C TRP A 177 -11.98 12.34 -42.85
N PRO A 178 -12.32 13.64 -42.98
CA PRO A 178 -13.71 14.06 -43.05
C PRO A 178 -14.50 13.40 -44.20
N GLU A 179 -13.82 13.09 -45.30
CA GLU A 179 -14.43 12.48 -46.51
C GLU A 179 -15.02 11.10 -46.18
N ALA A 180 -14.35 10.31 -45.33
CA ALA A 180 -14.83 8.98 -44.91
C ALA A 180 -16.15 9.13 -44.17
N TRP A 181 -16.18 10.02 -43.18
CA TRP A 181 -17.38 10.34 -42.35
C TRP A 181 -18.52 10.86 -43.24
N ARG A 182 -18.20 11.77 -44.16
CA ARG A 182 -19.21 12.54 -44.93
C ARG A 182 -19.95 11.58 -45.88
N VAL A 183 -19.19 10.75 -46.61
CA VAL A 183 -19.76 9.74 -47.53
C VAL A 183 -20.77 8.89 -46.75
N MET A 184 -20.38 8.42 -45.57
CA MET A 184 -21.24 7.51 -44.76
C MET A 184 -22.41 8.30 -44.15
N GLY A 185 -22.18 9.58 -43.83
CA GLY A 185 -23.24 10.51 -43.38
C GLY A 185 -24.28 10.73 -44.48
N LEU A 186 -23.82 10.89 -45.72
CA LEU A 186 -24.70 11.08 -46.91
C LEU A 186 -25.50 9.81 -47.20
N ARG A 187 -24.97 8.62 -46.83
CA ARG A 187 -25.66 7.31 -47.00
C ARG A 187 -26.59 7.03 -45.81
N GLY A 188 -26.66 7.93 -44.83
CA GLY A 188 -27.66 7.90 -43.73
C GLY A 188 -27.23 7.07 -42.53
N ALA A 189 -25.93 6.91 -42.31
CA ALA A 189 -25.36 6.11 -41.18
C ALA A 189 -25.80 6.78 -39.87
N GLU A 190 -26.29 5.98 -38.92
CA GLU A 190 -26.70 6.45 -37.57
C GLU A 190 -25.59 6.11 -36.56
N ILE A 191 -24.82 5.06 -36.79
CA ILE A 191 -23.62 4.65 -36.01
C ILE A 191 -22.46 4.47 -36.98
N ILE A 192 -21.33 5.10 -36.69
CA ILE A 192 -20.06 4.92 -37.43
C ILE A 192 -19.04 4.34 -36.44
N CYS A 193 -18.52 3.14 -36.70
CA CYS A 193 -17.68 2.44 -35.71
C CYS A 193 -16.49 1.76 -36.37
N GLY A 194 -15.48 1.51 -35.54
CA GLY A 194 -14.24 0.83 -35.95
C GLY A 194 -13.27 0.83 -34.81
N GLY A 195 -12.04 0.45 -35.09
CA GLY A 195 -11.00 0.31 -34.06
C GLY A 195 -9.70 0.87 -34.57
N TYR A 196 -8.68 0.87 -33.71
CA TYR A 196 -7.40 1.53 -34.02
C TYR A 196 -6.25 0.88 -33.25
N ASN A 197 -5.07 0.92 -33.87
CA ASN A 197 -3.74 0.73 -33.25
C ASN A 197 -2.96 2.02 -33.52
N THR A 198 -2.92 2.93 -32.55
CA THR A 198 -2.34 4.29 -32.66
C THR A 198 -1.17 4.45 -31.71
N PRO A 199 0.08 4.41 -32.20
CA PRO A 199 1.25 4.67 -31.36
C PRO A 199 1.21 6.07 -30.74
N THR A 200 1.70 6.24 -29.52
CA THR A 200 1.84 7.54 -28.81
C THR A 200 3.16 8.22 -29.18
N HIS A 201 4.04 7.51 -29.92
CA HIS A 201 5.27 8.09 -30.56
C HIS A 201 5.13 8.02 -32.09
N ASN A 202 5.31 9.15 -32.78
CA ASN A 202 5.40 9.26 -34.25
C ASN A 202 6.80 9.76 -34.60
N PRO A 203 7.71 8.85 -35.03
CA PRO A 203 9.12 9.18 -35.23
C PRO A 203 9.42 10.39 -36.12
N PRO A 204 8.75 10.58 -37.29
CA PRO A 204 8.96 11.77 -38.10
C PRO A 204 8.34 13.07 -37.56
N VAL A 205 7.37 12.99 -36.65
CA VAL A 205 6.68 14.18 -36.08
C VAL A 205 6.53 14.00 -34.57
N PRO A 206 7.63 13.83 -33.82
CA PRO A 206 7.56 13.59 -32.38
C PRO A 206 6.95 14.76 -31.57
N GLN A 207 6.84 15.93 -32.18
CA GLN A 207 6.34 17.17 -31.52
C GLN A 207 4.80 17.17 -31.47
N HIS A 208 4.13 16.11 -31.95
CA HIS A 208 2.67 15.89 -31.79
C HIS A 208 2.40 14.65 -30.93
N ASP A 209 3.41 14.06 -30.29
CA ASP A 209 3.29 12.88 -29.38
C ASP A 209 2.34 13.21 -28.24
N HIS A 210 2.50 14.38 -27.60
CA HIS A 210 1.70 14.79 -26.39
C HIS A 210 0.26 15.13 -26.78
N LEU A 211 -0.04 15.14 -28.09
CA LEU A 211 -1.36 15.45 -28.68
C LEU A 211 -2.04 14.18 -29.19
N THR A 212 -1.52 12.99 -28.88
CA THR A 212 -2.04 11.73 -29.48
C THR A 212 -3.53 11.59 -29.15
N SER A 213 -3.88 11.70 -27.88
CA SER A 213 -5.26 11.61 -27.36
C SER A 213 -6.08 12.71 -27.99
N PHE A 214 -5.63 13.97 -27.85
CA PHE A 214 -6.34 15.16 -28.36
C PHE A 214 -6.77 14.92 -29.81
N HIS A 215 -5.83 14.49 -30.67
CA HIS A 215 -6.05 14.31 -32.13
C HIS A 215 -7.02 13.17 -32.42
N HIS A 216 -6.92 12.08 -31.67
CA HIS A 216 -7.85 10.92 -31.74
C HIS A 216 -9.27 11.40 -31.42
N LEU A 217 -9.47 11.97 -30.24
CA LEU A 217 -10.81 12.38 -29.74
C LEU A 217 -11.36 13.52 -30.60
N LEU A 218 -10.50 14.45 -31.02
CA LEU A 218 -10.92 15.57 -31.90
C LEU A 218 -11.52 14.99 -33.17
N SER A 219 -10.90 13.94 -33.73
CA SER A 219 -11.37 13.28 -34.98
C SER A 219 -12.75 12.66 -34.77
N MET A 220 -12.99 12.02 -33.63
CA MET A 220 -14.24 11.25 -33.36
C MET A 220 -15.38 12.24 -33.10
N GLN A 221 -15.11 13.29 -32.33
CA GLN A 221 -16.12 14.31 -31.96
C GLN A 221 -16.56 15.08 -33.22
N ALA A 222 -15.62 15.51 -34.07
CA ALA A 222 -15.88 16.30 -35.29
C ALA A 222 -16.69 15.47 -36.30
N GLY A 223 -16.27 14.24 -36.55
CA GLY A 223 -16.97 13.32 -37.47
C GLY A 223 -18.42 13.13 -37.05
N SER A 224 -18.67 12.85 -35.76
CA SER A 224 -20.00 12.60 -35.17
C SER A 224 -20.86 13.83 -35.33
N TYR A 225 -20.35 15.00 -34.93
CA TYR A 225 -21.08 16.28 -34.92
C TYR A 225 -21.49 16.64 -36.36
N GLN A 226 -20.51 16.67 -37.27
CA GLN A 226 -20.69 17.22 -38.63
C GLN A 226 -21.63 16.33 -39.46
N ASN A 227 -21.87 15.08 -39.03
CA ASN A 227 -22.72 14.11 -39.75
C ASN A 227 -23.89 13.67 -38.88
N GLY A 228 -24.04 14.25 -37.68
CA GLY A 228 -25.09 13.86 -36.72
C GLY A 228 -25.19 12.34 -36.60
N ALA A 229 -24.04 11.70 -36.38
CA ALA A 229 -23.87 10.23 -36.22
C ALA A 229 -23.34 9.90 -34.82
N TRP A 230 -23.93 8.88 -34.18
CA TRP A 230 -23.28 8.11 -33.09
C TRP A 230 -22.01 7.51 -33.65
N SER A 231 -20.94 7.47 -32.86
CA SER A 231 -19.67 6.79 -33.24
C SER A 231 -19.08 6.09 -32.03
N ALA A 232 -18.19 5.14 -32.29
CA ALA A 232 -17.51 4.29 -31.30
C ALA A 232 -16.15 3.89 -31.89
N ALA A 233 -15.07 4.08 -31.14
CA ALA A 233 -13.70 3.72 -31.56
C ALA A 233 -13.15 2.73 -30.54
N ALA A 234 -12.84 1.51 -30.98
CA ALA A 234 -12.23 0.43 -30.16
C ALA A 234 -10.73 0.37 -30.38
N GLY A 235 -9.95 0.72 -29.36
CA GLY A 235 -8.47 0.69 -29.44
C GLY A 235 -7.94 -0.67 -29.07
N LYS A 236 -6.82 -1.06 -29.68
CA LYS A 236 -5.83 -2.01 -29.09
C LYS A 236 -4.71 -1.13 -28.55
N VAL A 237 -4.39 -1.26 -27.27
CA VAL A 237 -3.78 -0.19 -26.44
C VAL A 237 -2.70 -0.82 -25.55
N GLY A 238 -1.82 0.01 -24.97
CA GLY A 238 -0.81 -0.43 -23.98
C GLY A 238 0.53 -0.77 -24.60
N MET A 239 1.42 -1.32 -23.77
CA MET A 239 2.78 -1.72 -24.21
C MET A 239 2.70 -3.07 -24.92
N GLU A 240 2.67 -3.04 -26.25
CA GLU A 240 2.62 -4.22 -27.13
C GLU A 240 3.97 -4.34 -27.83
N GLU A 241 4.68 -5.45 -27.58
CA GLU A 241 6.03 -5.74 -28.11
C GLU A 241 6.87 -4.46 -28.03
N ASN A 242 6.85 -3.84 -26.86
CA ASN A 242 7.70 -2.69 -26.41
C ASN A 242 7.39 -1.41 -27.19
N CYS A 243 6.26 -1.35 -27.87
CA CYS A 243 5.71 -0.09 -28.46
C CYS A 243 4.44 0.27 -27.71
N MET A 244 4.32 1.51 -27.25
CA MET A 244 3.14 2.03 -26.51
C MET A 244 2.03 2.42 -27.52
N LEU A 245 0.83 1.87 -27.35
CA LEU A 245 -0.38 2.19 -28.19
C LEU A 245 -1.37 3.03 -27.35
N LEU A 246 -1.94 4.09 -27.93
CA LEU A 246 -2.92 4.99 -27.28
C LEU A 246 -4.16 4.22 -26.85
N GLY A 247 -4.65 4.52 -25.64
CA GLY A 247 -5.95 4.09 -25.12
C GLY A 247 -7.05 5.03 -25.56
N HIS A 248 -7.86 5.51 -24.62
CA HIS A 248 -9.01 6.43 -24.84
C HIS A 248 -9.94 5.89 -25.93
N SER A 249 -10.26 4.60 -25.89
CA SER A 249 -11.41 4.01 -26.62
C SER A 249 -12.67 4.77 -26.17
N CYS A 250 -13.63 5.02 -27.05
CA CYS A 250 -14.71 5.99 -26.76
C CYS A 250 -16.01 5.64 -27.51
N ILE A 251 -17.14 6.05 -26.94
CA ILE A 251 -18.45 6.19 -27.64
C ILE A 251 -18.80 7.68 -27.64
N VAL A 252 -19.40 8.16 -28.73
CA VAL A 252 -19.68 9.60 -28.99
C VAL A 252 -21.11 9.74 -29.51
N ALA A 253 -21.85 10.77 -29.05
CA ALA A 253 -23.22 11.10 -29.47
C ALA A 253 -23.19 11.90 -30.77
N PRO A 254 -24.32 12.04 -31.49
CA PRO A 254 -24.36 12.80 -32.73
C PRO A 254 -24.05 14.30 -32.56
N THR A 255 -24.07 14.82 -31.34
CA THR A 255 -23.65 16.19 -30.98
C THR A 255 -22.13 16.29 -30.93
N GLY A 256 -21.42 15.14 -30.93
CA GLY A 256 -19.95 15.07 -30.77
C GLY A 256 -19.53 15.05 -29.31
N GLU A 257 -20.48 14.88 -28.38
CA GLU A 257 -20.18 14.71 -26.93
C GLU A 257 -19.63 13.30 -26.72
N ILE A 258 -18.52 13.15 -25.98
CA ILE A 258 -17.99 11.82 -25.56
C ILE A 258 -18.86 11.33 -24.41
N VAL A 259 -19.63 10.25 -24.63
CA VAL A 259 -20.58 9.71 -23.62
C VAL A 259 -19.94 8.53 -22.87
N ALA A 260 -18.86 7.92 -23.37
CA ALA A 260 -18.08 6.91 -22.61
C ALA A 260 -16.64 6.91 -23.08
N LEU A 261 -15.71 6.54 -22.18
CA LEU A 261 -14.24 6.62 -22.37
C LEU A 261 -13.55 5.59 -21.48
N THR A 262 -12.60 4.84 -22.03
CA THR A 262 -11.72 3.91 -21.27
C THR A 262 -10.67 4.72 -20.52
N THR A 263 -10.19 4.19 -19.38
CA THR A 263 -9.13 4.82 -18.55
C THR A 263 -8.00 3.84 -18.22
N THR A 264 -8.08 2.58 -18.66
CA THR A 264 -7.00 1.57 -18.49
C THR A 264 -6.33 1.31 -19.83
N LEU A 265 -5.14 0.68 -19.81
CA LEU A 265 -4.43 0.18 -21.01
C LEU A 265 -4.57 -1.36 -21.06
N GLU A 266 -5.77 -1.88 -20.77
CA GLU A 266 -6.08 -3.34 -20.71
C GLU A 266 -7.41 -3.63 -21.38
N ASP A 267 -7.74 -4.91 -21.54
CA ASP A 267 -9.11 -5.33 -21.94
C ASP A 267 -10.08 -4.55 -21.06
N GLU A 268 -10.88 -3.68 -21.65
CA GLU A 268 -11.87 -2.87 -20.91
C GLU A 268 -13.10 -2.72 -21.79
N VAL A 269 -14.27 -2.85 -21.20
CA VAL A 269 -15.59 -2.74 -21.87
C VAL A 269 -16.25 -1.43 -21.38
N ILE A 270 -16.73 -0.61 -22.28
CA ILE A 270 -17.55 0.59 -21.97
C ILE A 270 -18.84 0.49 -22.78
N THR A 271 -19.94 1.05 -22.26
CA THR A 271 -21.28 1.04 -22.89
C THR A 271 -21.90 2.44 -22.82
N ALA A 272 -22.82 2.72 -23.73
CA ALA A 272 -23.66 3.94 -23.71
C ALA A 272 -25.04 3.60 -24.29
N ALA A 273 -26.08 4.23 -23.74
CA ALA A 273 -27.45 4.24 -24.31
C ALA A 273 -27.43 4.96 -25.65
N VAL A 274 -27.80 4.29 -26.73
CA VAL A 274 -27.90 4.89 -28.10
C VAL A 274 -29.38 5.04 -28.46
N ASP A 275 -29.80 6.28 -28.74
CA ASP A 275 -31.12 6.61 -29.33
C ASP A 275 -30.91 7.05 -30.77
N LEU A 276 -31.25 6.19 -31.74
CA LEU A 276 -30.96 6.39 -33.17
C LEU A 276 -31.71 7.61 -33.71
N ASP A 277 -32.78 8.04 -33.04
CA ASP A 277 -33.62 9.19 -33.43
C ASP A 277 -32.91 10.52 -33.11
N ARG A 278 -31.85 10.49 -32.30
CA ARG A 278 -31.09 11.69 -31.88
C ARG A 278 -30.30 12.28 -33.03
N CYS A 279 -30.04 11.48 -34.07
CA CYS A 279 -29.39 11.94 -35.32
C CYS A 279 -30.18 13.11 -35.91
N ARG A 280 -31.51 13.12 -35.75
CA ARG A 280 -32.43 14.15 -36.33
C ARG A 280 -32.08 15.55 -35.80
N GLU A 281 -31.64 15.65 -34.53
CA GLU A 281 -31.35 16.94 -33.86
C GLU A 281 -30.36 17.74 -34.71
N LEU A 282 -29.49 17.07 -35.46
CA LEU A 282 -28.50 17.74 -36.35
C LEU A 282 -28.95 17.66 -37.82
N ARG A 283 -29.44 16.50 -38.25
CA ARG A 283 -29.67 16.17 -39.68
C ARG A 283 -30.94 16.83 -40.21
N GLU A 284 -31.82 17.32 -39.32
CA GLU A 284 -33.08 18.01 -39.71
C GLU A 284 -32.97 19.52 -39.43
N HIS A 285 -31.85 20.01 -38.88
CA HIS A 285 -31.69 21.43 -38.47
C HIS A 285 -30.34 21.95 -38.96
N ILE A 286 -29.37 22.04 -38.06
CA ILE A 286 -28.04 22.66 -38.30
C ILE A 286 -27.37 22.01 -39.52
N PHE A 287 -27.44 20.68 -39.62
CA PHE A 287 -26.79 19.87 -40.68
C PHE A 287 -27.88 19.16 -41.49
N ASN A 288 -28.92 19.91 -41.85
CA ASN A 288 -29.92 19.52 -42.88
C ASN A 288 -29.25 19.59 -44.27
N PHE A 289 -28.73 18.46 -44.73
CA PHE A 289 -27.85 18.36 -45.93
C PHE A 289 -28.54 18.93 -47.18
N LYS A 290 -29.70 18.38 -47.55
CA LYS A 290 -30.43 18.78 -48.77
C LYS A 290 -30.66 20.30 -48.76
N GLN A 291 -30.90 20.87 -47.59
CA GLN A 291 -31.39 22.26 -47.40
C GLN A 291 -30.24 23.26 -47.41
N HIS A 292 -29.02 22.85 -47.03
CA HIS A 292 -27.86 23.74 -46.74
C HIS A 292 -26.69 23.52 -47.71
N ARG A 293 -26.43 22.28 -48.11
CA ARG A 293 -25.22 21.92 -48.88
C ARG A 293 -25.30 22.55 -50.28
N GLN A 294 -24.14 22.96 -50.80
CA GLN A 294 -23.98 23.53 -52.18
C GLN A 294 -22.90 22.73 -52.91
N PRO A 295 -23.20 21.46 -53.27
CA PRO A 295 -22.17 20.55 -53.80
C PRO A 295 -21.50 20.97 -55.11
N GLN A 296 -22.06 21.96 -55.82
CA GLN A 296 -21.44 22.51 -57.07
C GLN A 296 -20.11 23.20 -56.73
N HIS A 297 -19.88 23.55 -55.45
CA HIS A 297 -18.63 24.23 -55.00
C HIS A 297 -17.65 23.23 -54.37
N TYR A 298 -17.99 21.94 -54.28
CA TYR A 298 -17.19 20.93 -53.53
C TYR A 298 -16.41 20.00 -54.48
N GLY A 299 -16.46 20.24 -55.80
CA GLY A 299 -15.95 19.33 -56.85
C GLY A 299 -14.49 18.93 -56.68
N LEU A 300 -13.65 19.83 -56.17
CA LEU A 300 -12.18 19.60 -56.04
C LEU A 300 -11.92 18.42 -55.08
N ILE A 301 -12.85 18.13 -54.16
CA ILE A 301 -12.72 17.01 -53.17
C ILE A 301 -12.70 15.65 -53.90
N ALA A 302 -13.36 15.54 -55.07
CA ALA A 302 -13.60 14.26 -55.79
C ALA A 302 -12.68 14.13 -57.01
N GLU A 303 -11.78 15.09 -57.23
CA GLU A 303 -10.84 15.13 -58.38
C GLU A 303 -9.69 14.15 -58.11
N LEU A 304 -9.37 13.29 -59.09
CA LEU A 304 -8.23 12.34 -59.02
C LEU A 304 -6.91 13.09 -59.24
N THR B 2 28.01 5.02 8.67
CA THR B 2 27.10 5.20 7.48
C THR B 2 25.86 4.30 7.65
N ARG B 3 26.02 3.00 7.40
CA ARG B 3 24.94 1.98 7.44
C ARG B 3 24.95 1.28 8.81
N GLN B 4 25.91 1.65 9.67
CA GLN B 4 26.02 1.12 11.06
C GLN B 4 25.69 2.22 12.06
N MET B 5 24.80 1.94 13.01
CA MET B 5 24.38 2.87 14.07
C MET B 5 24.11 2.07 15.34
N ILE B 6 23.84 2.75 16.45
CA ILE B 6 23.45 2.11 17.74
C ILE B 6 22.05 2.62 18.10
N LEU B 7 21.08 1.71 18.13
CA LEU B 7 19.67 1.99 18.47
C LEU B 7 19.49 1.74 19.97
N ALA B 8 18.83 2.68 20.66
CA ALA B 8 18.52 2.57 22.10
C ALA B 8 17.00 2.53 22.27
N VAL B 9 16.55 1.95 23.37
CA VAL B 9 15.14 2.01 23.84
C VAL B 9 15.17 2.60 25.25
N GLY B 10 14.37 3.62 25.50
CA GLY B 10 14.15 4.20 26.84
C GLY B 10 12.83 3.74 27.43
N GLN B 11 12.83 2.61 28.13
CA GLN B 11 11.65 2.06 28.84
C GLN B 11 11.35 2.99 30.02
N GLN B 12 10.07 3.26 30.26
CA GLN B 12 9.61 4.12 31.39
C GLN B 12 8.95 3.25 32.45
N GLY B 13 9.35 3.44 33.72
CA GLY B 13 8.56 2.97 34.87
C GLY B 13 7.25 3.73 34.92
N PRO B 14 6.40 3.47 35.95
CA PRO B 14 5.14 4.20 36.11
C PRO B 14 5.24 5.73 36.07
N ILE B 15 4.23 6.37 35.50
CA ILE B 15 3.91 7.82 35.65
C ILE B 15 2.58 7.93 36.40
N ALA B 16 2.64 8.48 37.62
CA ALA B 16 1.47 8.68 38.52
C ALA B 16 0.61 9.82 37.94
N ARG B 17 -0.69 9.78 38.21
CA ARG B 17 -1.67 10.82 37.79
C ARG B 17 -1.17 12.22 38.17
N ALA B 18 -0.44 12.35 39.29
CA ALA B 18 -0.03 13.65 39.88
C ALA B 18 1.37 14.05 39.40
N GLU B 19 2.01 13.22 38.56
CA GLU B 19 3.36 13.50 38.02
C GLU B 19 3.22 14.44 36.81
N THR B 20 3.79 15.65 36.90
CA THR B 20 3.73 16.70 35.87
C THR B 20 4.55 16.29 34.65
N ARG B 21 4.26 16.87 33.49
CA ARG B 21 5.08 16.70 32.26
C ARG B 21 6.52 17.14 32.53
N GLU B 22 6.72 18.16 33.37
CA GLU B 22 8.03 18.74 33.75
C GLU B 22 8.88 17.64 34.42
N GLN B 23 8.28 16.84 35.31
CA GLN B 23 8.97 15.77 36.07
C GLN B 23 9.28 14.57 35.16
N VAL B 24 8.39 14.29 34.21
CA VAL B 24 8.57 13.20 33.19
C VAL B 24 9.69 13.59 32.22
N VAL B 25 9.77 14.85 31.80
CA VAL B 25 10.80 15.32 30.80
C VAL B 25 12.19 15.12 31.41
N VAL B 26 12.34 15.37 32.72
CA VAL B 26 13.59 15.11 33.50
C VAL B 26 13.97 13.65 33.34
N ARG B 27 13.01 12.74 33.56
CA ARG B 27 13.19 11.28 33.45
C ARG B 27 13.60 10.90 32.02
N LEU B 28 12.94 11.48 31.01
CA LEU B 28 13.28 11.28 29.58
C LEU B 28 14.66 11.84 29.27
N LEU B 29 14.99 13.01 29.81
CA LEU B 29 16.32 13.67 29.55
C LEU B 29 17.43 12.76 30.08
N ASP B 30 17.27 12.23 31.29
CA ASP B 30 18.26 11.34 31.97
C ASP B 30 18.50 10.09 31.10
N MET B 31 17.43 9.47 30.59
CA MET B 31 17.57 8.23 29.78
C MET B 31 18.24 8.58 28.44
N LEU B 32 17.85 9.71 27.86
CA LEU B 32 18.42 10.22 26.59
C LEU B 32 19.92 10.50 26.76
N THR B 33 20.35 10.88 27.97
CA THR B 33 21.78 11.19 28.30
C THR B 33 22.56 9.89 28.44
N LYS B 34 21.98 8.87 29.07
CA LYS B 34 22.65 7.57 29.32
C LYS B 34 22.80 6.83 27.99
N ALA B 35 21.85 7.02 27.05
CA ALA B 35 21.89 6.36 25.73
C ALA B 35 23.05 6.95 24.92
N ALA B 36 23.20 8.27 24.92
CA ALA B 36 24.33 9.00 24.30
C ALA B 36 25.65 8.43 24.81
N SER B 37 25.78 8.27 26.14
CA SER B 37 27.02 7.82 26.82
C SER B 37 27.34 6.37 26.46
N ARG B 38 26.36 5.61 25.97
CA ARG B 38 26.54 4.20 25.52
C ARG B 38 26.59 4.14 23.99
N GLY B 39 26.66 5.30 23.33
CA GLY B 39 26.99 5.48 21.90
C GLY B 39 25.76 5.47 21.02
N ALA B 40 24.55 5.64 21.59
CA ALA B 40 23.27 5.60 20.86
C ALA B 40 23.17 6.80 19.91
N ASN B 41 22.63 6.57 18.71
CA ASN B 41 22.36 7.60 17.67
C ASN B 41 20.87 7.93 17.65
N PHE B 42 20.05 7.02 18.19
CA PHE B 42 18.57 7.15 18.21
C PHE B 42 18.05 6.40 19.45
N ILE B 43 17.01 6.94 20.08
CA ILE B 43 16.33 6.26 21.23
C ILE B 43 14.81 6.26 21.01
N VAL B 44 14.20 5.10 21.19
CA VAL B 44 12.73 4.88 21.12
C VAL B 44 12.17 5.05 22.54
N PHE B 45 11.16 5.92 22.69
CA PHE B 45 10.41 6.17 23.95
C PHE B 45 9.01 5.57 23.80
N PRO B 46 8.29 5.34 24.93
CA PRO B 46 7.01 4.64 24.88
C PRO B 46 5.84 5.41 24.25
N GLU B 47 4.73 4.70 24.12
CA GLU B 47 3.40 5.27 23.78
C GLU B 47 2.94 6.19 24.92
N LEU B 48 2.36 7.34 24.59
CA LEU B 48 1.78 8.29 25.58
C LEU B 48 2.81 8.44 26.71
N ALA B 49 4.00 8.92 26.36
CA ALA B 49 5.22 8.92 27.22
C ALA B 49 5.21 10.10 28.18
N LEU B 50 4.29 11.07 28.04
CA LEU B 50 4.30 12.35 28.80
C LEU B 50 3.36 12.30 30.01
N THR B 51 2.51 11.26 30.10
CA THR B 51 1.48 11.17 31.17
C THR B 51 1.21 9.73 31.58
N THR B 52 0.57 9.55 32.74
CA THR B 52 -0.09 8.30 33.15
C THR B 52 -0.99 7.85 32.00
N PHE B 53 -1.34 6.56 31.97
CA PHE B 53 -2.17 5.96 30.90
C PHE B 53 -3.64 6.20 31.26
N PHE B 54 -4.13 7.39 30.90
CA PHE B 54 -5.46 7.94 31.26
C PHE B 54 -6.61 7.10 30.69
N PRO B 55 -6.45 6.34 29.57
CA PRO B 55 -7.53 5.49 29.08
C PRO B 55 -7.95 4.35 30.02
N ARG B 56 -7.32 4.22 31.19
CA ARG B 56 -7.75 3.23 32.23
C ARG B 56 -8.94 3.79 33.03
N TRP B 57 -9.26 5.08 32.92
CA TRP B 57 -10.39 5.73 33.67
C TRP B 57 -11.49 6.20 32.71
N HIS B 58 -12.72 6.14 33.19
CA HIS B 58 -13.93 6.79 32.60
C HIS B 58 -13.96 8.24 33.05
N PHE B 59 -14.01 9.19 32.10
CA PHE B 59 -14.06 10.65 32.38
C PHE B 59 -15.47 11.21 32.16
N THR B 60 -15.90 12.05 33.11
CA THR B 60 -17.15 12.85 33.07
C THR B 60 -16.82 14.30 32.69
N ASP B 61 -15.69 14.82 33.18
CA ASP B 61 -15.23 16.23 32.97
C ASP B 61 -14.31 16.26 31.77
N GLU B 62 -14.65 17.06 30.74
CA GLU B 62 -13.95 17.12 29.44
C GLU B 62 -12.66 17.98 29.55
N ALA B 63 -12.62 18.93 30.48
CA ALA B 63 -11.40 19.71 30.78
C ALA B 63 -10.34 18.78 31.38
N GLU B 64 -10.76 17.89 32.29
CA GLU B 64 -9.88 16.88 32.95
C GLU B 64 -9.29 15.97 31.88
N LEU B 65 -10.12 15.49 30.94
CA LEU B 65 -9.70 14.59 29.83
C LEU B 65 -8.68 15.29 28.93
N ASP B 66 -8.97 16.53 28.53
CA ASP B 66 -8.12 17.32 27.59
C ASP B 66 -6.73 17.56 28.21
N SER B 67 -6.65 17.68 29.53
CA SER B 67 -5.40 18.03 30.26
C SER B 67 -4.31 16.99 29.99
N PHE B 68 -4.66 15.76 29.58
CA PHE B 68 -3.71 14.66 29.24
C PHE B 68 -3.23 14.73 27.78
N TYR B 69 -3.77 15.64 26.96
CA TYR B 69 -3.41 15.80 25.52
C TYR B 69 -2.48 16.99 25.32
N GLU B 70 -1.70 16.97 24.24
CA GLU B 70 -0.84 18.09 23.78
C GLU B 70 -1.56 18.84 22.67
N THR B 71 -1.63 20.17 22.79
CA THR B 71 -2.23 21.08 21.78
C THR B 71 -1.11 21.60 20.87
N GLU B 72 0.16 21.33 21.21
CA GLU B 72 1.34 21.68 20.39
C GLU B 72 2.49 20.72 20.69
N MET B 73 3.41 20.60 19.75
CA MET B 73 4.55 19.65 19.80
C MET B 73 5.72 20.24 19.00
N PRO B 74 6.82 20.66 19.65
CA PRO B 74 6.91 20.70 21.12
C PRO B 74 6.26 21.95 21.75
N GLY B 75 5.76 21.80 22.97
CA GLY B 75 5.40 22.93 23.86
C GLY B 75 6.59 23.32 24.72
N PRO B 76 6.52 24.41 25.50
CA PRO B 76 7.66 24.87 26.29
C PRO B 76 8.16 23.80 27.28
N VAL B 77 7.26 23.01 27.86
CA VAL B 77 7.56 22.00 28.91
C VAL B 77 8.37 20.86 28.28
N VAL B 78 8.07 20.51 27.01
CA VAL B 78 8.68 19.35 26.30
C VAL B 78 9.89 19.84 25.48
N ARG B 79 9.98 21.15 25.19
CA ARG B 79 11.04 21.75 24.35
C ARG B 79 12.43 21.34 24.82
N PRO B 80 12.73 21.29 26.15
CA PRO B 80 14.08 20.92 26.61
C PRO B 80 14.57 19.55 26.11
N LEU B 81 13.64 18.61 25.88
CA LEU B 81 13.91 17.25 25.36
C LEU B 81 14.44 17.30 23.93
N PHE B 82 13.85 18.14 23.09
CA PHE B 82 14.30 18.40 21.70
C PHE B 82 15.69 19.09 21.72
N GLU B 83 15.84 20.12 22.54
CA GLU B 83 17.11 20.91 22.63
C GLU B 83 18.26 19.98 23.03
N LYS B 84 18.04 19.09 24.01
CA LYS B 84 19.08 18.14 24.51
C LYS B 84 19.42 17.12 23.42
N ALA B 85 18.42 16.64 22.65
CA ALA B 85 18.60 15.68 21.55
C ALA B 85 19.49 16.25 20.45
N ALA B 86 19.30 17.52 20.11
CA ALA B 86 20.07 18.24 19.07
C ALA B 86 21.52 18.46 19.55
N GLU B 87 21.69 18.76 20.83
CA GLU B 87 23.01 19.00 21.49
C GLU B 87 23.83 17.72 21.45
N LEU B 88 23.23 16.58 21.78
CA LEU B 88 23.93 15.27 21.92
C LEU B 88 24.07 14.59 20.55
N GLY B 89 23.31 15.02 19.54
CA GLY B 89 23.31 14.38 18.21
C GLY B 89 22.62 13.02 18.23
N ILE B 90 21.45 12.94 18.87
CA ILE B 90 20.64 11.69 19.01
C ILE B 90 19.18 11.97 18.67
N GLY B 91 18.63 11.22 17.71
CA GLY B 91 17.21 11.25 17.33
C GLY B 91 16.36 10.47 18.33
N PHE B 92 15.04 10.64 18.30
CA PHE B 92 14.13 9.89 19.17
C PHE B 92 12.75 9.75 18.52
N ASN B 93 12.02 8.77 19.04
CA ASN B 93 10.60 8.47 18.73
C ASN B 93 9.84 8.74 20.02
N LEU B 94 8.89 9.66 20.00
CA LEU B 94 8.12 10.07 21.20
C LEU B 94 6.64 9.82 20.90
N GLY B 95 5.96 9.11 21.80
CA GLY B 95 4.49 8.96 21.79
C GLY B 95 3.84 9.97 22.72
N TYR B 96 2.68 10.49 22.32
CA TYR B 96 1.90 11.48 23.11
C TYR B 96 0.45 11.49 22.59
N ALA B 97 -0.47 12.00 23.41
CA ALA B 97 -1.88 12.19 23.06
C ALA B 97 -2.02 13.54 22.33
N GLU B 98 -2.60 13.53 21.13
CA GLU B 98 -2.72 14.71 20.24
C GLU B 98 -4.17 15.22 20.25
N LEU B 99 -4.36 16.47 20.67
CA LEU B 99 -5.66 17.19 20.57
C LEU B 99 -5.50 18.30 19.53
N VAL B 100 -6.20 18.17 18.41
CA VAL B 100 -6.30 19.18 17.30
C VAL B 100 -7.73 19.71 17.21
N VAL B 101 -7.85 21.04 17.24
CA VAL B 101 -9.10 21.80 17.51
C VAL B 101 -9.73 22.22 16.17
N GLU B 102 -11.01 21.91 15.98
CA GLU B 102 -11.87 22.39 14.86
C GLU B 102 -13.22 22.83 15.44
N LYS B 106 -13.03 19.28 17.80
CA LYS B 106 -11.96 18.59 18.56
C LYS B 106 -11.71 17.18 17.97
N ARG B 107 -10.50 16.94 17.47
CA ARG B 107 -10.03 15.60 17.05
C ARG B 107 -8.94 15.10 18.02
N ARG B 108 -9.03 13.82 18.39
CA ARG B 108 -8.15 13.16 19.39
C ARG B 108 -7.44 11.96 18.75
N PHE B 109 -6.11 11.93 18.82
CA PHE B 109 -5.24 10.85 18.26
C PHE B 109 -4.23 10.34 19.28
N ASN B 110 -3.94 9.03 19.21
CA ASN B 110 -2.79 8.39 19.88
C ASN B 110 -1.63 8.48 18.89
N THR B 111 -0.66 9.37 19.15
CA THR B 111 0.30 9.86 18.14
C THR B 111 1.73 9.55 18.58
N SER B 112 2.63 9.49 17.60
CA SER B 112 4.09 9.37 17.76
C SER B 112 4.79 10.13 16.64
N ILE B 113 5.99 10.62 16.90
CA ILE B 113 6.80 11.38 15.92
C ILE B 113 8.21 10.79 15.89
N LEU B 114 8.87 10.98 14.75
CA LEU B 114 10.32 10.73 14.58
C LEU B 114 11.00 12.10 14.56
N VAL B 115 12.04 12.23 15.38
CA VAL B 115 12.93 13.43 15.44
C VAL B 115 14.34 12.96 15.05
N ASP B 116 14.96 13.60 14.08
CA ASP B 116 16.35 13.26 13.62
C ASP B 116 17.34 13.88 14.60
N LYS B 117 18.64 13.72 14.35
CA LYS B 117 19.72 14.12 15.28
C LYS B 117 19.91 15.65 15.29
N SER B 118 19.34 16.39 14.33
CA SER B 118 19.27 17.89 14.30
C SER B 118 18.17 18.38 15.27
N GLY B 119 17.30 17.50 15.72
CA GLY B 119 16.16 17.85 16.60
C GLY B 119 14.96 18.33 15.81
N LYS B 120 14.84 17.91 14.55
CA LYS B 120 13.80 18.33 13.58
C LYS B 120 12.79 17.19 13.46
N ILE B 121 11.49 17.51 13.56
CA ILE B 121 10.39 16.52 13.42
C ILE B 121 10.33 16.12 11.94
N VAL B 122 10.71 14.89 11.62
CA VAL B 122 10.83 14.42 10.20
C VAL B 122 9.59 13.60 9.83
N GLY B 123 8.77 13.20 10.78
CA GLY B 123 7.57 12.41 10.44
C GLY B 123 6.64 12.18 11.63
N LYS B 124 5.35 12.05 11.32
CA LYS B 124 4.25 11.82 12.29
C LYS B 124 3.48 10.56 11.87
N TYR B 125 2.94 9.85 12.85
CA TYR B 125 2.04 8.67 12.66
C TYR B 125 0.96 8.71 13.76
N ARG B 126 -0.27 8.33 13.40
CA ARG B 126 -1.44 8.26 14.32
C ARG B 126 -1.91 6.80 14.38
N LYS B 127 -2.04 6.27 15.61
CA LYS B 127 -2.35 4.85 15.88
C LYS B 127 -3.59 4.44 15.08
N ILE B 128 -3.49 3.43 14.22
CA ILE B 128 -4.59 2.99 13.33
C ILE B 128 -5.39 1.87 13.99
N HIS B 129 -4.72 0.95 14.71
CA HIS B 129 -5.38 -0.16 15.44
C HIS B 129 -5.60 0.25 16.89
N LEU B 130 -6.85 0.57 17.26
CA LEU B 130 -7.24 0.93 18.64
C LEU B 130 -7.80 -0.32 19.33
N PRO B 131 -7.26 -0.72 20.49
CA PRO B 131 -7.75 -1.88 21.22
C PRO B 131 -8.77 -1.48 22.29
N GLY B 132 -9.19 -2.47 23.10
CA GLY B 132 -10.13 -2.27 24.21
C GLY B 132 -11.53 -2.01 23.68
N HIS B 133 -12.21 -1.00 24.25
CA HIS B 133 -13.67 -0.81 24.17
C HIS B 133 -14.03 0.67 24.21
N LYS B 134 -15.29 0.97 23.93
CA LYS B 134 -15.85 2.32 23.64
C LYS B 134 -16.59 2.84 24.88
N GLU B 135 -17.35 1.98 25.55
CA GLU B 135 -18.26 2.36 26.67
C GLU B 135 -17.68 1.83 27.99
N TYR B 136 -18.01 2.46 29.11
CA TYR B 136 -17.66 2.03 30.49
C TYR B 136 -18.19 0.60 30.73
N GLU B 137 -17.33 -0.26 31.29
CA GLU B 137 -17.65 -1.67 31.59
C GLU B 137 -17.30 -1.93 33.05
N ALA B 138 -18.31 -1.91 33.93
CA ALA B 138 -18.17 -1.79 35.40
C ALA B 138 -17.41 -2.99 35.97
N TYR B 139 -17.52 -4.16 35.36
CA TYR B 139 -16.92 -5.44 35.84
C TYR B 139 -15.39 -5.30 35.81
N ARG B 140 -14.85 -4.57 34.85
CA ARG B 140 -13.38 -4.39 34.68
C ARG B 140 -12.83 -3.64 35.90
N PRO B 141 -11.81 -4.17 36.59
CA PRO B 141 -11.15 -3.42 37.67
C PRO B 141 -10.52 -2.12 37.15
N PHE B 142 -10.04 -2.16 35.90
CA PHE B 142 -9.55 -0.98 35.13
C PHE B 142 -10.11 -1.04 33.71
N GLN B 143 -10.35 0.15 33.13
CA GLN B 143 -10.86 0.30 31.74
C GLN B 143 -9.68 0.30 30.75
N HIS B 144 -9.97 0.21 29.45
CA HIS B 144 -9.03 0.43 28.32
C HIS B 144 -9.78 1.14 27.19
N LEU B 145 -10.10 2.42 27.38
CA LEU B 145 -11.11 3.16 26.57
C LEU B 145 -10.44 3.97 25.46
N GLU B 146 -9.47 3.37 24.78
CA GLU B 146 -8.79 3.97 23.60
C GLU B 146 -9.79 4.29 22.49
N LYS B 147 -10.82 3.47 22.30
CA LYS B 147 -11.84 3.64 21.22
C LYS B 147 -12.75 4.83 21.54
N ARG B 148 -12.76 5.27 22.79
CA ARG B 148 -13.55 6.44 23.24
C ARG B 148 -12.71 7.70 23.12
N TYR B 149 -11.45 7.64 23.56
CA TYR B 149 -10.57 8.83 23.76
C TYR B 149 -9.71 9.10 22.52
N PHE B 150 -9.74 8.21 21.50
CA PHE B 150 -8.99 8.38 20.24
C PHE B 150 -9.88 8.00 19.05
N GLU B 151 -9.67 8.68 17.93
CA GLU B 151 -10.16 8.27 16.59
C GLU B 151 -9.06 7.44 15.93
N PRO B 152 -9.39 6.42 15.11
CA PRO B 152 -8.36 5.72 14.32
C PRO B 152 -7.58 6.70 13.43
N GLY B 153 -6.24 6.58 13.42
CA GLY B 153 -5.32 7.46 12.67
C GLY B 153 -5.63 7.44 11.19
N ASP B 154 -5.37 8.57 10.52
CA ASP B 154 -5.82 8.87 9.12
C ASP B 154 -4.58 9.11 8.23
N LEU B 155 -3.36 8.83 8.71
CA LEU B 155 -2.09 9.08 7.97
C LEU B 155 -1.57 7.79 7.33
N GLY B 156 -2.16 6.64 7.58
CA GLY B 156 -1.64 5.35 7.08
C GLY B 156 -0.40 4.90 7.84
N PHE B 157 0.43 4.08 7.18
CA PHE B 157 1.70 3.54 7.74
C PHE B 157 2.88 4.09 6.95
N PRO B 158 3.26 5.36 7.14
CA PRO B 158 4.36 5.95 6.38
C PRO B 158 5.74 5.43 6.83
N VAL B 159 6.73 5.56 5.96
CA VAL B 159 8.17 5.29 6.26
C VAL B 159 8.95 6.57 5.91
N TYR B 160 9.79 7.05 6.84
CA TYR B 160 10.51 8.35 6.74
C TYR B 160 12.02 8.10 6.73
N ASP B 161 12.76 8.91 5.98
CA ASP B 161 14.24 9.01 6.05
C ASP B 161 14.57 9.75 7.34
N VAL B 162 15.30 9.10 8.24
CA VAL B 162 15.78 9.67 9.53
C VAL B 162 17.29 9.44 9.58
N ASP B 163 18.07 10.47 9.28
CA ASP B 163 19.54 10.39 9.15
C ASP B 163 19.84 9.25 8.17
N ALA B 164 20.57 8.22 8.54
CA ALA B 164 20.99 7.16 7.58
C ALA B 164 19.87 6.12 7.33
N ALA B 165 18.77 6.14 8.10
CA ALA B 165 17.84 5.00 8.23
C ALA B 165 16.48 5.32 7.60
N LYS B 166 15.89 4.32 6.93
CA LYS B 166 14.44 4.25 6.61
C LYS B 166 13.71 3.74 7.85
N MET B 167 12.90 4.59 8.49
CA MET B 167 12.23 4.26 9.78
C MET B 167 10.71 4.37 9.64
N GLY B 168 9.99 3.35 10.12
CA GLY B 168 8.52 3.27 10.17
C GLY B 168 8.06 3.19 11.63
N MET B 169 6.90 3.74 11.95
CA MET B 169 6.36 3.77 13.33
C MET B 169 5.12 2.86 13.42
N PHE B 170 5.04 2.13 14.53
CA PHE B 170 3.80 1.50 15.04
C PHE B 170 3.55 2.15 16.40
N ILE B 171 2.32 2.08 16.90
CA ILE B 171 2.01 2.41 18.32
C ILE B 171 1.30 1.20 18.92
N ALA B 172 1.91 0.64 19.96
CA ALA B 172 1.48 -0.49 20.80
C ALA B 172 0.72 -1.55 20.00
N ASN B 173 -0.62 -1.50 20.02
CA ASN B 173 -1.51 -2.59 19.53
C ASN B 173 -1.18 -2.91 18.07
N ASP B 174 -0.76 -1.90 17.30
CA ASP B 174 -0.30 -2.05 15.89
C ASP B 174 0.66 -3.24 15.74
N ARG B 175 1.50 -3.50 16.76
CA ARG B 175 2.60 -4.48 16.66
C ARG B 175 2.04 -5.89 16.51
N ARG B 176 0.76 -6.12 16.81
CA ARG B 176 0.11 -7.45 16.74
C ARG B 176 -0.43 -7.69 15.32
N TRP B 177 -0.48 -6.65 14.48
CA TRP B 177 -1.15 -6.68 13.16
C TRP B 177 -0.14 -6.80 12.03
N PRO B 178 -0.09 -7.95 11.32
CA PRO B 178 0.87 -8.16 10.24
C PRO B 178 0.76 -7.11 9.14
N GLU B 179 -0.45 -6.58 8.88
CA GLU B 179 -0.72 -5.59 7.81
C GLU B 179 0.09 -4.30 8.07
N ALA B 180 0.21 -3.88 9.33
CA ALA B 180 0.99 -2.68 9.72
C ALA B 180 2.46 -2.87 9.32
N TRP B 181 3.05 -4.00 9.74
CA TRP B 181 4.45 -4.39 9.44
C TRP B 181 4.66 -4.48 7.93
N ARG B 182 3.73 -5.13 7.23
CA ARG B 182 3.92 -5.50 5.79
C ARG B 182 3.93 -4.23 4.95
N VAL B 183 2.96 -3.35 5.16
CA VAL B 183 2.88 -2.05 4.43
C VAL B 183 4.22 -1.32 4.58
N MET B 184 4.75 -1.26 5.79
CA MET B 184 6.00 -0.50 6.06
C MET B 184 7.20 -1.27 5.50
N GLY B 185 7.15 -2.60 5.52
CA GLY B 185 8.16 -3.47 4.87
C GLY B 185 8.19 -3.27 3.37
N LEU B 186 7.01 -3.14 2.75
CA LEU B 186 6.88 -2.88 1.29
C LEU B 186 7.39 -1.49 0.94
N ARG B 187 7.34 -0.53 1.87
CA ARG B 187 7.85 0.86 1.67
C ARG B 187 9.36 0.92 1.97
N GLY B 188 9.99 -0.19 2.35
CA GLY B 188 11.45 -0.34 2.47
C GLY B 188 11.98 0.06 3.84
N ALA B 189 11.16 -0.03 4.90
CA ALA B 189 11.57 0.31 6.28
C ALA B 189 12.71 -0.64 6.71
N GLU B 190 13.77 -0.09 7.30
CA GLU B 190 14.92 -0.84 7.84
C GLU B 190 14.79 -0.96 9.36
N ILE B 191 14.15 0.01 10.00
CA ILE B 191 13.82 0.02 11.46
C ILE B 191 12.32 0.32 11.59
N ILE B 192 11.61 -0.51 12.36
CA ILE B 192 10.19 -0.30 12.71
C ILE B 192 10.12 -0.16 14.23
N CYS B 193 9.66 0.97 14.75
CA CYS B 193 9.76 1.24 16.21
C CYS B 193 8.50 1.91 16.74
N GLY B 194 8.32 1.79 18.05
CA GLY B 194 7.20 2.40 18.78
C GLY B 194 7.24 1.95 20.22
N GLY B 195 6.18 2.22 20.94
CA GLY B 195 6.08 1.92 22.38
C GLY B 195 4.73 1.37 22.71
N TYR B 196 4.54 0.99 23.97
CA TYR B 196 3.32 0.29 24.40
C TYR B 196 3.04 0.53 25.88
N ASN B 197 1.75 0.54 26.21
CA ASN B 197 1.18 0.36 27.58
C ASN B 197 0.29 -0.86 27.52
N THR B 198 0.82 -2.02 27.95
CA THR B 198 0.17 -3.35 27.84
C THR B 198 -0.09 -3.91 29.22
N PRO B 199 -1.35 -3.87 29.73
CA PRO B 199 -1.70 -4.54 30.98
C PRO B 199 -1.41 -6.05 30.92
N THR B 200 -0.98 -6.63 32.06
CA THR B 200 -0.74 -8.08 32.22
C THR B 200 -2.04 -8.79 32.62
N HIS B 201 -3.11 -8.03 32.90
CA HIS B 201 -4.50 -8.53 33.11
C HIS B 201 -5.40 -8.01 31.99
N ASN B 202 -6.09 -8.91 31.28
CA ASN B 202 -7.12 -8.59 30.26
C ASN B 202 -8.46 -9.15 30.76
N PRO B 203 -9.35 -8.28 31.32
CA PRO B 203 -10.57 -8.73 31.99
C PRO B 203 -11.49 -9.65 31.20
N PRO B 204 -11.75 -9.42 29.89
CA PRO B 204 -12.54 -10.36 29.09
C PRO B 204 -11.84 -11.67 28.71
N VAL B 205 -10.51 -11.70 28.73
CA VAL B 205 -9.72 -12.91 28.33
C VAL B 205 -8.60 -13.14 29.35
N PRO B 206 -8.94 -13.33 30.65
CA PRO B 206 -7.93 -13.50 31.69
C PRO B 206 -7.07 -14.77 31.53
N GLN B 207 -7.51 -15.69 30.68
CA GLN B 207 -6.84 -17.01 30.49
C GLN B 207 -5.64 -16.87 29.54
N HIS B 208 -5.35 -15.66 29.04
CA HIS B 208 -4.11 -15.34 28.27
C HIS B 208 -3.23 -14.36 29.05
N ASP B 209 -3.50 -14.11 30.34
CA ASP B 209 -2.71 -13.20 31.22
C ASP B 209 -1.26 -13.68 31.28
N HIS B 210 -1.05 -14.98 31.51
CA HIS B 210 0.29 -15.61 31.67
C HIS B 210 1.06 -15.65 30.35
N LEU B 211 0.41 -15.27 29.25
CA LEU B 211 0.97 -15.24 27.87
C LEU B 211 1.24 -13.79 27.43
N THR B 212 1.13 -12.80 28.32
CA THR B 212 1.29 -11.36 27.94
C THR B 212 2.66 -11.16 27.31
N SER B 213 3.72 -11.60 27.96
CA SER B 213 5.12 -11.47 27.45
C SER B 213 5.23 -12.25 26.13
N PHE B 214 4.86 -13.53 26.13
CA PHE B 214 4.91 -14.42 24.95
C PHE B 214 4.32 -13.72 23.74
N HIS B 215 3.11 -13.17 23.88
CA HIS B 215 2.31 -12.55 22.79
C HIS B 215 2.97 -11.26 22.30
N HIS B 216 3.49 -10.46 23.21
CA HIS B 216 4.24 -9.21 22.91
C HIS B 216 5.48 -9.57 22.05
N LEU B 217 6.34 -10.44 22.58
CA LEU B 217 7.63 -10.82 21.94
C LEU B 217 7.36 -11.55 20.63
N LEU B 218 6.35 -12.44 20.61
CA LEU B 218 6.00 -13.18 19.39
C LEU B 218 5.67 -12.17 18.29
N SER B 219 4.91 -11.11 18.62
CA SER B 219 4.51 -10.07 17.64
C SER B 219 5.75 -9.35 17.08
N MET B 220 6.74 -9.05 17.93
CA MET B 220 7.92 -8.23 17.52
C MET B 220 8.86 -9.07 16.66
N GLN B 221 9.08 -10.32 17.06
CA GLN B 221 9.98 -11.25 16.33
C GLN B 221 9.41 -11.57 14.94
N ALA B 222 8.10 -11.86 14.84
CA ALA B 222 7.43 -12.25 13.57
C ALA B 222 7.44 -11.08 12.59
N GLY B 223 7.07 -9.88 13.07
CA GLY B 223 7.09 -8.67 12.23
C GLY B 223 8.46 -8.43 11.63
N SER B 224 9.51 -8.48 12.46
CA SER B 224 10.93 -8.24 12.08
C SER B 224 11.37 -9.25 11.02
N TYR B 225 11.14 -10.54 11.30
CA TYR B 225 11.55 -11.67 10.43
C TYR B 225 10.87 -11.53 9.06
N GLN B 226 9.55 -11.43 9.06
CA GLN B 226 8.73 -11.51 7.81
C GLN B 226 8.99 -10.31 6.89
N ASN B 227 9.57 -9.23 7.41
CA ASN B 227 9.84 -7.98 6.65
C ASN B 227 11.34 -7.69 6.60
N GLY B 228 12.16 -8.56 7.19
CA GLY B 228 13.62 -8.35 7.27
C GLY B 228 13.92 -6.95 7.75
N ALA B 229 13.27 -6.55 8.86
CA ALA B 229 13.38 -5.22 9.50
C ALA B 229 13.93 -5.36 10.92
N TRP B 230 14.86 -4.48 11.30
CA TRP B 230 15.16 -4.12 12.70
C TRP B 230 13.88 -3.56 13.31
N SER B 231 13.61 -3.89 14.58
CA SER B 231 12.48 -3.30 15.33
C SER B 231 12.91 -3.05 16.79
N ALA B 232 12.15 -2.20 17.47
CA ALA B 232 12.36 -1.78 18.86
C ALA B 232 11.00 -1.42 19.46
N ALA B 233 10.67 -1.94 20.63
CA ALA B 233 9.40 -1.67 21.34
C ALA B 233 9.74 -1.11 22.71
N ALA B 234 9.35 0.13 22.98
CA ALA B 234 9.56 0.84 24.26
C ALA B 234 8.29 0.79 25.11
N GLY B 235 8.35 0.07 26.23
CA GLY B 235 7.22 -0.09 27.14
C GLY B 235 7.20 1.05 28.16
N LYS B 236 5.99 1.46 28.58
CA LYS B 236 5.76 2.05 29.92
C LYS B 236 5.19 0.92 30.77
N VAL B 237 5.80 0.65 31.92
CA VAL B 237 5.79 -0.70 32.57
C VAL B 237 5.62 -0.49 34.08
N GLY B 238 5.27 -1.57 34.79
CA GLY B 238 5.25 -1.59 36.27
C GLY B 238 3.86 -1.28 36.85
N MET B 239 3.79 -1.11 38.17
CA MET B 239 2.52 -0.80 38.87
C MET B 239 2.24 0.70 38.72
N GLU B 240 1.39 1.05 37.77
CA GLU B 240 0.96 2.44 37.49
C GLU B 240 -0.49 2.57 37.93
N GLU B 241 -0.75 3.45 38.90
CA GLU B 241 -2.10 3.72 39.48
C GLU B 241 -2.81 2.37 39.67
N ASN B 242 -2.09 1.42 40.28
CA ASN B 242 -2.56 0.10 40.79
C ASN B 242 -2.95 -0.83 39.64
N CYS B 243 -2.54 -0.53 38.41
CA CYS B 243 -2.62 -1.48 37.26
C CYS B 243 -1.19 -1.90 36.87
N MET B 244 -0.92 -3.20 36.76
CA MET B 244 0.39 -3.73 36.34
C MET B 244 0.50 -3.65 34.80
N LEU B 245 1.55 -3.00 34.29
CA LEU B 245 1.88 -2.90 32.84
C LEU B 245 3.10 -3.79 32.52
N LEU B 246 3.02 -4.58 31.45
CA LEU B 246 4.08 -5.51 30.99
C LEU B 246 5.37 -4.73 30.72
N GLY B 247 6.50 -5.30 31.16
CA GLY B 247 7.85 -4.86 30.81
C GLY B 247 8.29 -5.46 29.49
N HIS B 248 9.48 -6.08 29.48
CA HIS B 248 10.08 -6.76 28.29
C HIS B 248 10.10 -5.83 27.08
N SER B 249 10.50 -4.56 27.29
CA SER B 249 10.93 -3.65 26.21
C SER B 249 12.08 -4.34 25.45
N CYS B 250 12.17 -4.21 24.13
CA CYS B 250 13.10 -5.08 23.35
C CYS B 250 13.60 -4.36 22.09
N ILE B 251 14.79 -4.76 21.62
CA ILE B 251 15.29 -4.52 20.24
C ILE B 251 15.41 -5.89 19.56
N VAL B 252 15.12 -5.94 18.27
CA VAL B 252 15.01 -7.20 17.48
C VAL B 252 15.72 -7.00 16.12
N ALA B 253 16.49 -8.01 15.68
CA ALA B 253 17.21 -8.03 14.38
C ALA B 253 16.25 -8.43 13.26
N PRO B 254 16.63 -8.22 11.98
CA PRO B 254 15.77 -8.61 10.86
C PRO B 254 15.52 -10.12 10.73
N THR B 255 16.30 -10.94 11.44
CA THR B 255 16.09 -12.40 11.55
C THR B 255 14.95 -12.71 12.55
N GLY B 256 14.53 -11.72 13.34
CA GLY B 256 13.54 -11.86 14.42
C GLY B 256 14.14 -12.30 15.74
N GLU B 257 15.47 -12.31 15.83
CA GLU B 257 16.20 -12.59 17.10
C GLU B 257 16.07 -11.35 17.99
N ILE B 258 15.74 -11.55 19.27
CA ILE B 258 15.77 -10.50 20.32
C ILE B 258 17.23 -10.26 20.68
N VAL B 259 17.77 -9.08 20.37
CA VAL B 259 19.21 -8.73 20.63
C VAL B 259 19.32 -7.90 21.91
N ALA B 260 18.23 -7.33 22.44
CA ALA B 260 18.24 -6.70 23.79
C ALA B 260 16.84 -6.75 24.40
N LEU B 261 16.77 -6.77 25.73
CA LEU B 261 15.55 -6.97 26.54
C LEU B 261 15.73 -6.33 27.92
N THR B 262 14.72 -5.58 28.37
CA THR B 262 14.66 -5.04 29.76
C THR B 262 14.30 -6.15 30.73
N THR B 263 14.76 -6.03 31.98
CA THR B 263 14.48 -7.00 33.07
C THR B 263 13.98 -6.28 34.34
N THR B 264 13.88 -4.95 34.34
CA THR B 264 13.29 -4.16 35.46
C THR B 264 11.92 -3.62 35.04
N LEU B 265 11.12 -3.20 36.02
CA LEU B 265 9.83 -2.47 35.81
C LEU B 265 10.05 -0.98 36.15
N GLU B 266 11.19 -0.41 35.72
CA GLU B 266 11.59 0.99 35.99
C GLU B 266 12.19 1.61 34.73
N ASP B 267 12.47 2.92 34.78
CA ASP B 267 13.24 3.61 33.72
C ASP B 267 14.47 2.73 33.45
N GLU B 268 14.56 2.17 32.25
CA GLU B 268 15.71 1.31 31.87
C GLU B 268 16.05 1.61 30.41
N VAL B 269 17.34 1.73 30.11
CA VAL B 269 17.87 1.95 28.75
C VAL B 269 18.55 0.67 28.28
N ILE B 270 18.19 0.20 27.09
CA ILE B 270 18.88 -0.95 26.42
C ILE B 270 19.32 -0.46 25.04
N THR B 271 20.43 -1.01 24.53
CA THR B 271 21.00 -0.64 23.21
C THR B 271 21.37 -1.91 22.43
N ALA B 272 21.42 -1.79 21.10
CA ALA B 272 21.97 -2.83 20.21
C ALA B 272 22.66 -2.16 19.04
N ALA B 273 23.74 -2.78 18.54
CA ALA B 273 24.40 -2.42 17.27
C ALA B 273 23.45 -2.74 16.13
N VAL B 274 23.08 -1.76 15.31
CA VAL B 274 22.21 -1.93 14.12
C VAL B 274 23.07 -1.79 12.87
N ASP B 275 23.07 -2.82 12.02
CA ASP B 275 23.64 -2.80 10.65
C ASP B 275 22.48 -2.82 9.65
N LEU B 276 22.17 -1.68 9.02
CA LEU B 276 20.98 -1.51 8.13
C LEU B 276 21.10 -2.40 6.90
N ASP B 277 22.29 -2.85 6.56
CA ASP B 277 22.56 -3.73 5.39
C ASP B 277 22.14 -5.18 5.68
N ARG B 278 21.86 -5.51 6.94
CA ARG B 278 21.46 -6.88 7.38
C ARG B 278 20.04 -7.20 6.91
N CYS B 279 19.26 -6.17 6.57
CA CYS B 279 17.92 -6.33 5.94
C CYS B 279 18.03 -7.18 4.68
N ARG B 280 19.15 -7.10 3.95
CA ARG B 280 19.38 -7.82 2.67
C ARG B 280 19.32 -9.34 2.87
N GLU B 281 19.79 -9.84 4.01
CA GLU B 281 19.88 -11.29 4.32
C GLU B 281 18.52 -11.93 4.10
N LEU B 282 17.43 -11.19 4.32
CA LEU B 282 16.05 -11.70 4.13
C LEU B 282 15.45 -11.15 2.84
N ARG B 283 15.63 -9.86 2.56
CA ARG B 283 14.90 -9.12 1.49
C ARG B 283 15.47 -9.46 0.11
N GLU B 284 16.65 -10.09 0.02
CA GLU B 284 17.26 -10.49 -1.27
C GLU B 284 17.20 -12.01 -1.45
N HIS B 285 16.66 -12.76 -0.48
CA HIS B 285 16.66 -14.25 -0.51
C HIS B 285 15.28 -14.77 -0.12
N ILE B 286 15.12 -15.24 1.10
CA ILE B 286 13.91 -15.91 1.62
C ILE B 286 12.68 -14.99 1.43
N PHE B 287 12.82 -13.70 1.70
CA PHE B 287 11.73 -12.69 1.61
C PHE B 287 12.08 -11.67 0.53
N ASN B 288 12.56 -12.16 -0.61
CA ASN B 288 12.66 -11.38 -1.88
C ASN B 288 11.25 -11.14 -2.41
N PHE B 289 10.68 -9.98 -2.09
CA PHE B 289 9.25 -9.64 -2.33
C PHE B 289 8.90 -9.76 -3.81
N LYS B 290 9.59 -9.01 -4.67
CA LYS B 290 9.31 -8.99 -6.14
C LYS B 290 9.30 -10.41 -6.70
N GLN B 291 10.18 -11.27 -6.19
CA GLN B 291 10.52 -12.60 -6.76
C GLN B 291 9.52 -13.67 -6.30
N HIS B 292 8.91 -13.50 -5.11
CA HIS B 292 8.13 -14.55 -4.41
C HIS B 292 6.65 -14.16 -4.27
N ARG B 293 6.34 -12.89 -4.03
CA ARG B 293 4.95 -12.46 -3.70
C ARG B 293 4.05 -12.65 -4.93
N GLN B 294 2.80 -13.04 -4.67
CA GLN B 294 1.72 -13.24 -5.68
C GLN B 294 0.53 -12.40 -5.26
N PRO B 295 0.62 -11.06 -5.36
CA PRO B 295 -0.40 -10.16 -4.80
C PRO B 295 -1.80 -10.29 -5.41
N GLN B 296 -1.95 -10.98 -6.54
CA GLN B 296 -3.28 -11.23 -7.16
C GLN B 296 -4.12 -12.13 -6.24
N HIS B 297 -3.49 -12.84 -5.29
CA HIS B 297 -4.20 -13.75 -4.35
C HIS B 297 -4.41 -13.09 -2.98
N TYR B 298 -3.98 -11.84 -2.78
CA TYR B 298 -3.98 -11.16 -1.43
C TYR B 298 -5.10 -10.11 -1.33
N GLY B 299 -5.95 -9.97 -2.36
CA GLY B 299 -7.04 -8.98 -2.48
C GLY B 299 -7.97 -8.90 -1.27
N LEU B 300 -8.25 -10.02 -0.61
CA LEU B 300 -9.23 -10.07 0.52
C LEU B 300 -8.73 -9.22 1.69
N ILE B 301 -7.41 -9.00 1.78
CA ILE B 301 -6.76 -8.20 2.88
C ILE B 301 -7.17 -6.73 2.76
N ALA B 302 -7.50 -6.23 1.56
CA ALA B 302 -7.79 -4.80 1.26
C ALA B 302 -9.29 -4.53 1.11
N GLU B 303 -10.14 -5.54 1.31
CA GLU B 303 -11.62 -5.40 1.29
C GLU B 303 -12.09 -4.78 2.61
N LEU B 304 -12.95 -3.75 2.56
CA LEU B 304 -13.92 -3.34 3.62
C LEU B 304 -14.83 -4.49 4.13
N THR C 2 29.15 1.28 41.31
CA THR C 2 29.25 0.59 42.65
C THR C 2 28.80 -0.87 42.56
N ARG C 3 27.50 -1.15 42.71
CA ARG C 3 26.88 -2.48 42.50
C ARG C 3 26.33 -2.59 41.08
N GLN C 4 26.45 -1.51 40.31
CA GLN C 4 26.01 -1.37 38.89
C GLN C 4 27.24 -1.25 38.01
N MET C 5 27.30 -2.06 36.95
CA MET C 5 28.40 -2.12 35.97
C MET C 5 27.80 -2.47 34.61
N ILE C 6 28.62 -2.43 33.56
CA ILE C 6 28.21 -2.82 32.18
C ILE C 6 29.11 -3.98 31.75
N LEU C 7 28.50 -5.15 31.55
CA LEU C 7 29.18 -6.39 31.13
C LEU C 7 29.09 -6.48 29.61
N ALA C 8 30.21 -6.78 28.96
CA ALA C 8 30.32 -6.95 27.49
C ALA C 8 30.69 -8.39 27.21
N VAL C 9 30.33 -8.87 26.01
CA VAL C 9 30.80 -10.16 25.44
C VAL C 9 31.45 -9.83 24.11
N GLY C 10 32.69 -10.30 23.89
CA GLY C 10 33.40 -10.23 22.60
C GLY C 10 33.33 -11.57 21.87
N GLN C 11 32.29 -11.78 21.07
CA GLN C 11 32.13 -12.99 20.21
C GLN C 11 33.19 -12.92 19.13
N GLN C 12 33.81 -14.06 18.81
CA GLN C 12 34.83 -14.18 17.73
C GLN C 12 34.24 -14.94 16.54
N GLY C 13 34.39 -14.37 15.35
CA GLY C 13 34.22 -15.12 14.10
C GLY C 13 35.32 -16.15 13.98
N PRO C 14 35.38 -16.92 12.88
CA PRO C 14 36.41 -17.94 12.68
C PRO C 14 37.86 -17.43 12.85
N ILE C 15 38.72 -18.29 13.41
CA ILE C 15 40.21 -18.19 13.37
C ILE C 15 40.73 -19.35 12.52
N ALA C 16 41.30 -19.04 11.36
CA ALA C 16 41.88 -20.00 10.40
C ALA C 16 43.17 -20.58 11.00
N ARG C 17 43.51 -21.82 10.60
CA ARG C 17 44.70 -22.57 11.07
C ARG C 17 45.95 -21.69 10.94
N ALA C 18 46.03 -20.86 9.90
CA ALA C 18 47.25 -20.10 9.51
C ALA C 18 47.20 -18.69 10.11
N GLU C 19 46.15 -18.36 10.86
CA GLU C 19 45.99 -17.03 11.51
C GLU C 19 46.81 -17.02 12.80
N THR C 20 47.81 -16.14 12.86
CA THR C 20 48.81 -16.02 13.96
C THR C 20 48.11 -15.44 15.19
N ARG C 21 48.67 -15.65 16.37
CA ARG C 21 48.24 -14.99 17.64
C ARG C 21 48.28 -13.47 17.48
N GLU C 22 49.24 -12.95 16.73
CA GLU C 22 49.45 -11.52 16.46
C GLU C 22 48.18 -10.93 15.77
N GLN C 23 47.65 -11.65 14.79
CA GLN C 23 46.44 -11.23 14.01
C GLN C 23 45.16 -11.36 14.84
N VAL C 24 45.10 -12.36 15.73
CA VAL C 24 43.95 -12.57 16.66
C VAL C 24 43.95 -11.46 17.72
N VAL C 25 45.11 -11.07 18.24
CA VAL C 25 45.23 -10.05 19.32
C VAL C 25 44.68 -8.72 18.80
N VAL C 26 44.93 -8.39 17.53
CA VAL C 26 44.40 -7.20 16.82
C VAL C 26 42.87 -7.24 16.91
N ARG C 27 42.28 -8.38 16.56
CA ARG C 27 40.82 -8.61 16.56
C ARG C 27 40.28 -8.45 17.99
N LEU C 28 40.97 -9.02 18.99
CA LEU C 28 40.58 -8.90 20.41
C LEU C 28 40.74 -7.44 20.87
N LEU C 29 41.81 -6.74 20.44
CA LEU C 29 42.07 -5.34 20.83
C LEU C 29 40.92 -4.45 20.33
N ASP C 30 40.51 -4.65 19.07
CA ASP C 30 39.42 -3.88 18.40
C ASP C 30 38.12 -4.06 19.18
N MET C 31 37.77 -5.29 19.57
CA MET C 31 36.50 -5.57 20.29
C MET C 31 36.61 -4.96 21.69
N LEU C 32 37.77 -5.09 22.34
CA LEU C 32 38.03 -4.53 23.69
C LEU C 32 37.91 -3.02 23.67
N THR C 33 38.23 -2.38 22.54
CA THR C 33 38.18 -0.91 22.36
C THR C 33 36.72 -0.48 22.17
N LYS C 34 35.94 -1.23 21.39
CA LYS C 34 34.52 -0.92 21.11
C LYS C 34 33.69 -1.09 22.39
N ALA C 35 34.06 -2.05 23.25
CA ALA C 35 33.33 -2.33 24.51
C ALA C 35 33.53 -1.15 25.47
N ALA C 36 34.77 -0.66 25.59
CA ALA C 36 35.12 0.54 26.37
C ALA C 36 34.26 1.72 25.91
N SER C 37 34.18 1.95 24.61
CA SER C 37 33.47 3.10 23.98
C SER C 37 31.95 2.99 24.22
N ARG C 38 31.45 1.81 24.56
CA ARG C 38 30.01 1.58 24.87
C ARG C 38 29.82 1.46 26.40
N GLY C 39 30.88 1.74 27.16
CA GLY C 39 30.83 1.95 28.63
C GLY C 39 31.06 0.67 29.41
N ALA C 40 31.61 -0.38 28.77
CA ALA C 40 31.85 -1.70 29.39
C ALA C 40 32.95 -1.58 30.46
N ASN C 41 32.77 -2.28 31.58
CA ASN C 41 33.75 -2.38 32.69
C ASN C 41 34.46 -3.74 32.64
N PHE C 42 33.86 -4.70 31.92
CA PHE C 42 34.38 -6.08 31.79
C PHE C 42 33.90 -6.66 30.46
N ILE C 43 34.75 -7.43 29.79
CA ILE C 43 34.39 -8.15 28.53
C ILE C 43 34.78 -9.64 28.61
N VAL C 44 33.84 -10.51 28.27
CA VAL C 44 34.02 -11.99 28.20
C VAL C 44 34.45 -12.35 26.77
N PHE C 45 35.56 -13.07 26.64
CA PHE C 45 36.09 -13.61 25.36
C PHE C 45 35.88 -15.12 25.33
N PRO C 46 35.95 -15.76 24.15
CA PRO C 46 35.61 -17.18 24.03
C PRO C 46 36.61 -18.16 24.65
N GLU C 47 36.22 -19.43 24.63
CA GLU C 47 37.11 -20.59 24.92
C GLU C 47 38.17 -20.65 23.83
N LEU C 48 39.43 -20.93 24.21
CA LEU C 48 40.56 -21.12 23.26
C LEU C 48 40.51 -19.99 22.24
N ALA C 49 40.61 -18.75 22.72
CA ALA C 49 40.33 -17.51 21.97
C ALA C 49 41.54 -17.09 21.11
N LEU C 50 42.71 -17.72 21.26
CA LEU C 50 43.98 -17.30 20.61
C LEU C 50 44.28 -18.12 19.35
N THR C 51 43.51 -19.17 19.08
CA THR C 51 43.78 -20.07 17.93
C THR C 51 42.48 -20.67 17.36
N THR C 52 42.57 -21.21 16.15
CA THR C 52 41.59 -22.15 15.57
C THR C 52 41.30 -23.23 16.60
N PHE C 53 40.16 -23.91 16.47
CA PHE C 53 39.75 -25.00 17.39
C PHE C 53 40.42 -26.29 16.93
N PHE C 54 41.67 -26.46 17.36
CA PHE C 54 42.59 -27.53 16.93
C PHE C 54 42.09 -28.93 17.32
N PRO C 55 41.25 -29.11 18.39
CA PRO C 55 40.70 -30.42 18.70
C PRO C 55 39.81 -31.03 17.60
N ARG C 56 39.57 -30.34 16.49
CA ARG C 56 38.85 -30.91 15.32
C ARG C 56 39.78 -31.82 14.49
N TRP C 57 41.10 -31.79 14.69
CA TRP C 57 42.09 -32.60 13.92
C TRP C 57 42.84 -33.60 14.82
N HIS C 58 43.18 -34.76 14.24
CA HIS C 58 44.13 -35.77 14.78
C HIS C 58 45.58 -35.30 14.50
N PHE C 59 46.40 -35.18 15.55
CA PHE C 59 47.84 -34.78 15.46
C PHE C 59 48.75 -35.98 15.79
N THR C 60 49.80 -36.14 14.99
CA THR C 60 50.89 -37.16 15.16
C THR C 60 52.16 -36.47 15.69
N ASP C 61 52.43 -35.23 15.25
CA ASP C 61 53.68 -34.44 15.52
C ASP C 61 53.42 -33.59 16.77
N GLU C 62 54.27 -33.75 17.79
CA GLU C 62 54.20 -33.17 19.14
C GLU C 62 54.46 -31.66 19.14
N ALA C 63 55.36 -31.23 18.25
CA ALA C 63 55.71 -29.79 18.10
C ALA C 63 54.50 -29.07 17.50
N GLU C 64 53.84 -29.69 16.50
CA GLU C 64 52.65 -29.13 15.81
C GLU C 64 51.52 -28.95 16.85
N LEU C 65 51.30 -29.96 17.71
CA LEU C 65 50.25 -29.94 18.75
C LEU C 65 50.51 -28.83 19.77
N ASP C 66 51.76 -28.75 20.24
CA ASP C 66 52.18 -27.80 21.31
C ASP C 66 52.01 -26.37 20.80
N SER C 67 52.19 -26.12 19.50
CA SER C 67 52.17 -24.77 18.90
C SER C 67 50.84 -24.07 19.15
N PHE C 68 49.75 -24.81 19.43
CA PHE C 68 48.39 -24.25 19.75
C PHE C 68 48.24 -23.92 21.24
N TYR C 69 49.21 -24.27 22.10
CA TYR C 69 49.15 -24.03 23.57
C TYR C 69 50.00 -22.81 23.96
N GLU C 70 49.69 -22.20 25.10
CA GLU C 70 50.49 -21.12 25.73
C GLU C 70 51.32 -21.72 26.86
N THR C 71 52.62 -21.44 26.87
CA THR C 71 53.59 -21.87 27.91
C THR C 71 53.74 -20.77 28.95
N GLU C 72 53.15 -19.60 28.70
CA GLU C 72 53.13 -18.45 29.64
C GLU C 72 51.91 -17.57 29.33
N MET C 73 51.50 -16.79 30.31
CA MET C 73 50.28 -15.95 30.24
C MET C 73 50.45 -14.75 31.15
N PRO C 74 50.59 -13.52 30.61
CA PRO C 74 50.73 -13.31 29.16
C PRO C 74 52.14 -13.54 28.61
N GLY C 75 52.23 -13.95 27.34
CA GLY C 75 53.47 -13.92 26.55
C GLY C 75 53.59 -12.59 25.79
N PRO C 76 54.72 -12.30 25.13
CA PRO C 76 54.91 -11.00 24.50
C PRO C 76 53.84 -10.67 23.45
N VAL C 77 53.36 -11.68 22.72
CA VAL C 77 52.38 -11.52 21.60
C VAL C 77 51.02 -11.12 22.18
N VAL C 78 50.66 -11.64 23.36
CA VAL C 78 49.34 -11.44 24.01
C VAL C 78 49.44 -10.24 24.98
N ARG C 79 50.65 -9.85 25.39
CA ARG C 79 50.87 -8.78 26.40
C ARG C 79 50.13 -7.49 26.02
N PRO C 80 50.10 -7.06 24.72
CA PRO C 80 49.40 -5.82 24.35
C PRO C 80 47.92 -5.78 24.75
N LEU C 81 47.26 -6.94 24.81
CA LEU C 81 45.83 -7.10 25.21
C LEU C 81 45.65 -6.72 26.68
N PHE C 82 46.56 -7.17 27.54
CA PHE C 82 46.57 -6.82 28.99
C PHE C 82 46.86 -5.32 29.16
N GLU C 83 47.86 -4.80 28.46
CA GLU C 83 48.30 -3.38 28.56
C GLU C 83 47.12 -2.47 28.19
N LYS C 84 46.40 -2.81 27.12
CA LYS C 84 45.25 -2.00 26.62
C LYS C 84 44.10 -2.06 27.63
N ALA C 85 43.85 -3.22 28.25
CA ALA C 85 42.78 -3.44 29.26
C ALA C 85 43.03 -2.56 30.50
N ALA C 86 44.28 -2.45 30.93
CA ALA C 86 44.69 -1.65 32.12
C ALA C 86 44.54 -0.16 31.80
N GLU C 87 44.87 0.24 30.57
CA GLU C 87 44.77 1.64 30.08
C GLU C 87 43.31 2.09 30.08
N LEU C 88 42.41 1.25 29.57
CA LEU C 88 40.97 1.56 29.36
C LEU C 88 40.17 1.34 30.64
N GLY C 89 40.72 0.64 31.64
CA GLY C 89 40.06 0.35 32.92
C GLY C 89 38.95 -0.68 32.75
N ILE C 90 39.23 -1.77 32.02
CA ILE C 90 38.25 -2.82 31.65
C ILE C 90 38.88 -4.19 31.90
N GLY C 91 38.24 -5.01 32.73
CA GLY C 91 38.63 -6.41 32.98
C GLY C 91 38.18 -7.31 31.86
N PHE C 92 38.70 -8.54 31.80
CA PHE C 92 38.30 -9.53 30.77
C PHE C 92 38.48 -10.95 31.29
N ASN C 93 37.77 -11.85 30.60
CA ASN C 93 37.84 -13.32 30.79
C ASN C 93 38.41 -13.86 29.47
N LEU C 94 39.55 -14.51 29.51
CA LEU C 94 40.26 -15.01 28.32
C LEU C 94 40.41 -16.53 28.46
N GLY C 95 39.95 -17.26 27.45
CA GLY C 95 40.20 -18.72 27.32
C GLY C 95 41.40 -18.97 26.42
N TYR C 96 42.19 -19.97 26.77
CA TYR C 96 43.40 -20.39 26.01
C TYR C 96 43.75 -21.82 26.39
N ALA C 97 44.55 -22.48 25.54
CA ALA C 97 45.10 -23.82 25.77
C ALA C 97 46.37 -23.66 26.61
N GLU C 98 46.43 -24.35 27.76
CA GLU C 98 47.52 -24.22 28.77
C GLU C 98 48.41 -25.45 28.71
N LEU C 99 49.70 -25.25 28.38
CA LEU C 99 50.75 -26.29 28.45
C LEU C 99 51.68 -25.93 29.62
N VAL C 100 51.67 -26.76 30.66
CA VAL C 100 52.35 -26.61 31.97
C VAL C 100 53.23 -27.85 32.17
N VAL C 101 54.25 -27.68 32.98
CA VAL C 101 55.08 -28.80 33.53
C VAL C 101 54.56 -29.19 34.93
N GLU C 102 54.27 -30.49 35.13
CA GLU C 102 54.09 -31.13 36.46
C GLU C 102 54.97 -32.38 36.45
N GLY C 103 55.89 -32.47 37.43
CA GLY C 103 56.96 -33.47 37.51
C GLY C 103 57.69 -33.61 36.20
N GLY C 104 58.09 -32.51 35.58
CA GLY C 104 58.93 -32.54 34.38
C GLY C 104 58.18 -32.99 33.14
N VAL C 105 56.93 -33.44 33.30
CA VAL C 105 56.06 -33.92 32.17
C VAL C 105 55.06 -32.82 31.77
N LYS C 106 54.65 -32.86 30.52
CA LYS C 106 53.69 -31.92 29.90
C LYS C 106 52.27 -32.24 30.39
N ARG C 107 51.63 -31.27 31.06
CA ARG C 107 50.17 -31.30 31.35
C ARG C 107 49.44 -30.26 30.49
N ARG C 108 48.28 -30.66 29.97
CA ARG C 108 47.48 -29.90 28.99
C ARG C 108 46.09 -29.64 29.56
N PHE C 109 45.71 -28.35 29.64
CA PHE C 109 44.41 -27.89 30.17
C PHE C 109 43.70 -26.97 29.18
N ASN C 110 42.37 -27.06 29.14
CA ASN C 110 41.50 -26.05 28.51
C ASN C 110 41.18 -25.04 29.61
N THR C 111 41.77 -23.84 29.51
CA THR C 111 41.91 -22.90 30.65
C THR C 111 41.26 -21.56 30.30
N SER C 112 40.89 -20.82 31.36
CA SER C 112 40.38 -19.44 31.31
C SER C 112 40.87 -18.69 32.56
N ILE C 113 41.02 -17.37 32.44
CA ILE C 113 41.49 -16.50 33.54
C ILE C 113 40.55 -15.30 33.64
N LEU C 114 40.47 -14.74 34.84
CA LEU C 114 39.83 -13.44 35.12
C LEU C 114 40.94 -12.42 35.32
N VAL C 115 40.85 -11.30 34.60
CA VAL C 115 41.78 -10.14 34.71
C VAL C 115 40.92 -8.94 35.16
N ASP C 116 41.30 -8.28 36.26
CA ASP C 116 40.56 -7.11 36.78
C ASP C 116 40.93 -5.87 35.96
N LYS C 117 40.40 -4.71 36.32
CA LYS C 117 40.55 -3.46 35.53
C LYS C 117 41.97 -2.88 35.68
N SER C 118 42.79 -3.33 36.65
CA SER C 118 44.23 -3.00 36.79
C SER C 118 45.07 -3.80 35.80
N GLY C 119 44.50 -4.86 35.21
CA GLY C 119 45.23 -5.75 34.30
C GLY C 119 45.97 -6.84 35.04
N LYS C 120 45.50 -7.18 36.24
CA LYS C 120 46.09 -8.21 37.14
C LYS C 120 45.26 -9.49 37.04
N ILE C 121 45.89 -10.64 36.81
CA ILE C 121 45.24 -11.97 36.78
C ILE C 121 44.80 -12.29 38.22
N VAL C 122 43.49 -12.28 38.47
CA VAL C 122 42.91 -12.45 39.84
C VAL C 122 42.43 -13.89 40.02
N GLY C 123 42.31 -14.68 38.97
CA GLY C 123 41.87 -16.08 39.14
C GLY C 123 42.01 -16.91 37.88
N LYS C 124 42.22 -18.22 38.08
CA LYS C 124 42.35 -19.22 36.99
C LYS C 124 41.32 -20.34 37.21
N TYR C 125 40.85 -20.95 36.12
CA TYR C 125 39.96 -22.15 36.11
C TYR C 125 40.36 -23.05 34.94
N ARG C 126 40.31 -24.37 35.16
CA ARG C 126 40.63 -25.41 34.15
C ARG C 126 39.37 -26.25 33.90
N LYS C 127 38.97 -26.36 32.64
CA LYS C 127 37.71 -27.04 32.20
C LYS C 127 37.64 -28.43 32.85
N ILE C 128 36.58 -28.70 33.60
CA ILE C 128 36.40 -29.98 34.37
C ILE C 128 35.62 -30.98 33.52
N HIS C 129 34.60 -30.52 32.78
CA HIS C 129 33.78 -31.39 31.90
C HIS C 129 34.30 -31.34 30.47
N LEU C 130 34.98 -32.41 30.03
CA LEU C 130 35.53 -32.51 28.65
C LEU C 130 34.54 -33.32 27.80
N PRO C 131 34.06 -32.77 26.66
CA PRO C 131 33.17 -33.49 25.76
C PRO C 131 33.92 -34.26 24.65
N GLY C 132 33.15 -34.83 23.73
CA GLY C 132 33.68 -35.58 22.56
C GLY C 132 34.28 -36.90 22.95
N HIS C 133 35.46 -37.21 22.42
CA HIS C 133 36.03 -38.58 22.36
C HIS C 133 37.56 -38.52 22.44
N LYS C 134 38.16 -39.69 22.64
CA LYS C 134 39.60 -39.87 22.98
C LYS C 134 40.39 -40.24 21.71
N GLU C 135 39.86 -41.15 20.89
CA GLU C 135 40.58 -41.71 19.71
C GLU C 135 39.99 -41.17 18.41
N TYR C 136 40.79 -41.16 17.35
CA TYR C 136 40.41 -40.81 15.96
C TYR C 136 39.26 -41.69 15.48
N GLU C 137 38.24 -41.08 14.89
CA GLU C 137 37.02 -41.73 14.38
C GLU C 137 36.82 -41.26 12.93
N ALA C 138 37.20 -42.09 11.97
CA ALA C 138 37.36 -41.73 10.54
C ALA C 138 36.03 -41.29 9.93
N TYR C 139 34.89 -41.79 10.41
CA TYR C 139 33.54 -41.51 9.84
C TYR C 139 33.22 -40.02 10.03
N ARG C 140 33.69 -39.44 11.14
CA ARG C 140 33.42 -38.02 11.49
C ARG C 140 34.04 -37.12 10.42
N PRO C 141 33.28 -36.20 9.81
CA PRO C 141 33.84 -35.20 8.90
C PRO C 141 34.88 -34.32 9.62
N PHE C 142 34.66 -34.07 10.91
CA PHE C 142 35.58 -33.36 11.83
C PHE C 142 35.56 -34.09 13.18
N GLN C 143 36.69 -34.09 13.88
CA GLN C 143 36.87 -34.71 15.23
C GLN C 143 36.45 -33.70 16.33
N HIS C 144 36.37 -34.17 17.59
CA HIS C 144 36.22 -33.34 18.80
C HIS C 144 37.03 -33.98 19.93
N LEU C 145 38.36 -33.89 19.86
CA LEU C 145 39.29 -34.74 20.63
C LEU C 145 39.79 -34.00 21.89
N GLU C 146 38.89 -33.33 22.60
CA GLU C 146 39.19 -32.63 23.87
C GLU C 146 39.69 -33.62 24.93
N LYS C 147 39.18 -34.86 24.94
CA LYS C 147 39.56 -35.91 25.92
C LYS C 147 40.98 -36.39 25.65
N ARG C 148 41.49 -36.14 24.45
CA ARG C 148 42.87 -36.51 24.06
C ARG C 148 43.82 -35.35 24.39
N TYR C 149 43.44 -34.13 24.05
CA TYR C 149 44.32 -32.95 24.04
C TYR C 149 44.26 -32.18 25.38
N PHE C 150 43.36 -32.56 26.29
CA PHE C 150 43.22 -31.94 27.63
C PHE C 150 43.00 -33.02 28.69
N GLU C 151 43.52 -32.76 29.90
CA GLU C 151 43.18 -33.49 31.15
C GLU C 151 42.05 -32.73 31.83
N PRO C 152 41.10 -33.40 32.54
CA PRO C 152 40.12 -32.71 33.35
C PRO C 152 40.79 -31.79 34.39
N GLY C 153 40.31 -30.55 34.51
CA GLY C 153 40.85 -29.51 35.41
C GLY C 153 40.85 -29.96 36.87
N ASP C 154 41.80 -29.44 37.65
CA ASP C 154 42.12 -29.90 39.03
C ASP C 154 41.93 -28.74 40.02
N LEU C 155 41.38 -27.61 39.62
CA LEU C 155 41.20 -26.41 40.49
C LEU C 155 39.76 -26.32 41.02
N GLY C 156 38.84 -27.17 40.57
CA GLY C 156 37.43 -27.12 41.01
C GLY C 156 36.69 -26.00 40.31
N PHE C 157 35.62 -25.49 40.92
CA PHE C 157 34.79 -24.36 40.43
C PHE C 157 34.93 -23.16 41.36
N PRO C 158 36.07 -22.44 41.33
CA PRO C 158 36.27 -21.31 42.25
C PRO C 158 35.45 -20.09 41.86
N VAL C 159 35.24 -19.18 42.80
CA VAL C 159 34.60 -17.85 42.62
C VAL C 159 35.57 -16.81 43.19
N TYR C 160 35.88 -15.77 42.41
CA TYR C 160 36.92 -14.75 42.71
C TYR C 160 36.26 -13.38 42.86
N ASP C 161 36.80 -12.54 43.74
CA ASP C 161 36.49 -11.08 43.77
C ASP C 161 37.21 -10.45 42.57
N VAL C 162 36.44 -9.81 41.68
CA VAL C 162 36.96 -9.06 40.50
C VAL C 162 36.33 -7.67 40.58
N ASP C 163 37.11 -6.69 41.06
CA ASP C 163 36.62 -5.30 41.30
C ASP C 163 35.38 -5.44 42.20
N ALA C 164 34.20 -4.95 41.82
CA ALA C 164 33.02 -4.96 42.69
C ALA C 164 32.29 -6.33 42.70
N ALA C 165 32.67 -7.27 41.84
CA ALA C 165 31.83 -8.45 41.51
C ALA C 165 32.44 -9.76 42.04
N LYS C 166 31.58 -10.64 42.52
CA LYS C 166 31.91 -12.08 42.75
C LYS C 166 31.70 -12.79 41.41
N MET C 167 32.79 -13.27 40.79
CA MET C 167 32.74 -13.85 39.42
C MET C 167 33.25 -15.29 39.46
N GLY C 168 32.51 -16.21 38.84
CA GLY C 168 32.88 -17.61 38.61
C GLY C 168 33.02 -17.90 37.13
N MET C 169 33.87 -18.85 36.77
CA MET C 169 34.14 -19.23 35.36
C MET C 169 33.60 -20.65 35.08
N PHE C 170 32.98 -20.82 33.92
CA PHE C 170 32.75 -22.12 33.26
C PHE C 170 33.53 -22.06 31.94
N ILE C 171 33.84 -23.20 31.35
CA ILE C 171 34.33 -23.28 29.95
C ILE C 171 33.42 -24.21 29.17
N ALA C 172 32.77 -23.65 28.14
CA ALA C 172 31.88 -24.29 27.16
C ALA C 172 31.03 -25.41 27.78
N ASN C 173 31.45 -26.67 27.65
CA ASN C 173 30.63 -27.87 27.96
C ASN C 173 30.14 -27.79 29.41
N ASP C 174 30.93 -27.21 30.31
CA ASP C 174 30.57 -26.95 31.74
C ASP C 174 29.15 -26.37 31.84
N ARG C 175 28.73 -25.53 30.89
CA ARG C 175 27.47 -24.75 30.99
C ARG C 175 26.26 -25.69 30.97
N ARG C 176 26.43 -26.95 30.55
CA ARG C 176 25.35 -27.95 30.42
C ARG C 176 25.18 -28.69 31.74
N TRP C 177 26.12 -28.52 32.69
CA TRP C 177 26.18 -29.32 33.94
C TRP C 177 25.67 -28.47 35.11
N PRO C 178 24.51 -28.82 35.70
CA PRO C 178 23.95 -28.08 36.84
C PRO C 178 24.92 -27.99 38.03
N GLU C 179 25.75 -29.03 38.22
CA GLU C 179 26.69 -29.12 39.36
C GLU C 179 27.72 -27.99 39.28
N ALA C 180 28.18 -27.63 38.08
CA ALA C 180 29.16 -26.53 37.87
C ALA C 180 28.54 -25.21 38.36
N TRP C 181 27.33 -24.91 37.90
CA TRP C 181 26.56 -23.70 38.27
C TRP C 181 26.31 -23.67 39.79
N ARG C 182 25.88 -24.81 40.35
CA ARG C 182 25.38 -24.89 41.74
C ARG C 182 26.54 -24.63 42.71
N VAL C 183 27.67 -25.30 42.49
CA VAL C 183 28.89 -25.10 43.33
C VAL C 183 29.22 -23.59 43.38
N MET C 184 29.22 -22.94 42.22
CA MET C 184 29.61 -21.51 42.12
C MET C 184 28.50 -20.65 42.72
N GLY C 185 27.23 -21.06 42.58
CA GLY C 185 26.08 -20.39 43.20
C GLY C 185 26.17 -20.47 44.70
N LEU C 186 26.58 -21.62 45.24
CA LEU C 186 26.74 -21.83 46.70
C LEU C 186 27.89 -20.99 47.24
N ARG C 187 28.90 -20.67 46.42
CA ARG C 187 30.06 -19.81 46.80
C ARG C 187 29.71 -18.32 46.66
N GLY C 188 28.50 -18.00 46.18
CA GLY C 188 27.96 -16.62 46.15
C GLY C 188 28.36 -15.84 44.90
N ALA C 189 28.58 -16.55 43.79
CA ALA C 189 28.89 -15.93 42.47
C ALA C 189 27.72 -15.05 42.05
N GLU C 190 28.00 -13.82 41.59
CA GLU C 190 26.99 -12.86 41.08
C GLU C 190 27.01 -12.87 39.55
N ILE C 191 28.18 -13.14 38.95
CA ILE C 191 28.37 -13.33 37.48
C ILE C 191 29.07 -14.67 37.26
N ILE C 192 28.54 -15.49 36.36
CA ILE C 192 29.18 -16.75 35.90
C ILE C 192 29.41 -16.60 34.40
N CYS C 193 30.66 -16.66 33.95
CA CYS C 193 30.99 -16.35 32.54
C CYS C 193 32.01 -17.32 31.97
N GLY C 194 32.03 -17.38 30.65
CA GLY C 194 32.96 -18.23 29.88
C GLY C 194 32.61 -18.16 28.40
N GLY C 195 33.18 -19.04 27.63
CA GLY C 195 33.06 -19.06 26.18
C GLY C 195 32.92 -20.48 25.69
N TYR C 196 32.71 -20.63 24.38
CA TYR C 196 32.39 -21.95 23.79
C TYR C 196 32.78 -22.01 22.33
N ASN C 197 33.14 -23.22 21.91
CA ASN C 197 33.25 -23.66 20.50
C ASN C 197 32.31 -24.85 20.36
N THR C 198 31.10 -24.63 19.85
CA THR C 198 29.99 -25.60 19.79
C THR C 198 29.61 -25.87 18.33
N PRO C 199 30.03 -27.02 17.76
CA PRO C 199 29.60 -27.41 16.41
C PRO C 199 28.09 -27.58 16.34
N THR C 200 27.49 -27.21 15.20
CA THR C 200 26.05 -27.34 14.90
C THR C 200 25.76 -28.74 14.33
N HIS C 201 26.80 -29.53 14.05
CA HIS C 201 26.75 -30.97 13.67
C HIS C 201 27.44 -31.79 14.76
N ASN C 202 26.73 -32.79 15.30
CA ASN C 202 27.27 -33.83 16.22
C ASN C 202 27.15 -35.18 15.52
N PRO C 203 28.27 -35.70 14.96
CA PRO C 203 28.24 -36.91 14.12
C PRO C 203 27.57 -38.15 14.70
N PRO C 204 27.79 -38.51 15.99
CA PRO C 204 27.10 -39.64 16.60
C PRO C 204 25.63 -39.41 16.94
N VAL C 205 25.19 -38.15 17.06
CA VAL C 205 23.79 -37.82 17.42
C VAL C 205 23.30 -36.69 16.52
N PRO C 206 23.29 -36.87 15.18
CA PRO C 206 22.91 -35.80 14.25
C PRO C 206 21.44 -35.35 14.41
N GLN C 207 20.63 -36.14 15.12
CA GLN C 207 19.19 -35.88 15.32
C GLN C 207 18.95 -34.80 16.39
N HIS C 208 20.00 -34.24 16.98
CA HIS C 208 19.95 -33.06 17.91
C HIS C 208 20.64 -31.82 17.30
N ASP C 209 21.02 -31.87 16.03
CA ASP C 209 21.69 -30.76 15.29
C ASP C 209 20.81 -29.50 15.30
N HIS C 210 19.51 -29.65 14.99
CA HIS C 210 18.52 -28.55 14.89
C HIS C 210 18.21 -27.96 16.28
N LEU C 211 18.73 -28.58 17.35
CA LEU C 211 18.52 -28.17 18.77
C LEU C 211 19.78 -27.52 19.33
N THR C 212 20.81 -27.25 18.52
CA THR C 212 22.09 -26.73 19.01
C THR C 212 21.86 -25.42 19.78
N SER C 213 21.16 -24.46 19.19
CA SER C 213 20.86 -23.16 19.83
C SER C 213 20.02 -23.40 21.09
N PHE C 214 18.90 -24.10 20.95
CA PHE C 214 17.94 -24.42 22.04
C PHE C 214 18.71 -24.92 23.26
N HIS C 215 19.59 -25.90 23.07
CA HIS C 215 20.34 -26.60 24.16
C HIS C 215 21.35 -25.65 24.81
N HIS C 216 22.03 -24.84 24.02
CA HIS C 216 22.97 -23.80 24.49
C HIS C 216 22.23 -22.82 25.39
N LEU C 217 21.19 -22.17 24.86
CA LEU C 217 20.43 -21.11 25.57
C LEU C 217 19.69 -21.69 26.77
N LEU C 218 19.14 -22.90 26.64
CA LEU C 218 18.43 -23.58 27.76
C LEU C 218 19.41 -23.70 28.91
N SER C 219 20.68 -24.09 28.62
CA SER C 219 21.70 -24.31 29.67
C SER C 219 22.02 -22.99 30.37
N MET C 220 22.10 -21.87 29.64
CA MET C 220 22.51 -20.56 30.22
C MET C 220 21.38 -20.00 31.06
N GLN C 221 20.15 -20.10 30.57
CA GLN C 221 18.96 -19.55 31.24
C GLN C 221 18.70 -20.31 32.55
N ALA C 222 18.78 -21.64 32.54
CA ALA C 222 18.49 -22.51 33.70
C ALA C 222 19.55 -22.28 34.78
N GLY C 223 20.84 -22.28 34.40
CA GLY C 223 21.94 -22.02 35.34
C GLY C 223 21.75 -20.69 36.07
N SER C 224 21.47 -19.61 35.31
CA SER C 224 21.30 -18.23 35.83
C SER C 224 20.13 -18.19 36.81
N TYR C 225 18.98 -18.71 36.39
CA TYR C 225 17.73 -18.70 37.18
C TYR C 225 17.94 -19.44 38.50
N GLN C 226 18.41 -20.68 38.42
CA GLN C 226 18.43 -21.62 39.57
C GLN C 226 19.45 -21.19 40.61
N ASN C 227 20.38 -20.30 40.25
CA ASN C 227 21.46 -19.80 41.14
C ASN C 227 21.34 -18.28 41.34
N GLY C 228 20.32 -17.65 40.75
CA GLY C 228 20.15 -16.20 40.80
C GLY C 228 21.44 -15.48 40.49
N ALA C 229 22.08 -15.87 39.39
CA ALA C 229 23.36 -15.34 38.88
C ALA C 229 23.19 -14.71 37.49
N TRP C 230 23.77 -13.54 37.29
CA TRP C 230 24.12 -13.01 35.95
C TRP C 230 25.06 -14.01 35.29
N SER C 231 24.91 -14.23 33.98
CA SER C 231 25.85 -15.07 33.20
C SER C 231 26.06 -14.44 31.81
N ALA C 232 27.13 -14.86 31.16
CA ALA C 232 27.59 -14.39 29.85
C ALA C 232 28.35 -15.53 29.17
N ALA C 233 28.02 -15.84 27.93
CA ALA C 233 28.66 -16.93 27.15
C ALA C 233 29.20 -16.31 25.87
N ALA C 234 30.53 -16.33 25.68
CA ALA C 234 31.23 -15.80 24.49
C ALA C 234 31.57 -16.96 23.55
N GLY C 235 30.94 -16.98 22.39
CA GLY C 235 31.16 -18.02 21.38
C GLY C 235 32.31 -17.63 20.46
N LYS C 236 33.05 -18.63 19.98
CA LYS C 236 33.77 -18.55 18.69
C LYS C 236 32.90 -19.32 17.69
N VAL C 237 32.55 -18.69 16.58
CA VAL C 237 31.31 -18.97 15.81
C VAL C 237 31.64 -18.93 14.32
N GLY C 238 30.75 -19.47 13.49
CA GLY C 238 30.83 -19.36 12.01
C GLY C 238 31.57 -20.53 11.38
N MET C 239 31.85 -20.41 10.08
CA MET C 239 32.52 -21.45 9.29
C MET C 239 34.03 -21.34 9.55
N GLU C 240 34.54 -22.18 10.46
CA GLU C 240 35.97 -22.24 10.81
C GLU C 240 36.53 -23.54 10.26
N GLU C 241 37.51 -23.45 9.37
CA GLU C 241 38.15 -24.60 8.67
C GLU C 241 37.05 -25.61 8.29
N ASN C 242 35.98 -25.10 7.66
CA ASN C 242 34.87 -25.84 7.00
C ASN C 242 34.01 -26.59 8.02
N CYS C 243 34.12 -26.28 9.31
CA CYS C 243 33.18 -26.74 10.36
C CYS C 243 32.37 -25.54 10.84
N MET C 244 31.04 -25.67 10.88
CA MET C 244 30.15 -24.58 11.36
C MET C 244 30.09 -24.61 12.90
N LEU C 245 30.40 -23.47 13.55
CA LEU C 245 30.32 -23.28 15.02
C LEU C 245 29.10 -22.40 15.36
N LEU C 246 28.32 -22.78 16.37
CA LEU C 246 27.08 -22.07 16.81
C LEU C 246 27.45 -20.64 17.25
N GLY C 247 26.63 -19.68 16.87
CA GLY C 247 26.65 -18.29 17.38
C GLY C 247 25.86 -18.16 18.66
N HIS C 248 24.94 -17.18 18.71
CA HIS C 248 24.06 -16.90 19.86
C HIS C 248 24.88 -16.75 21.15
N SER C 249 25.99 -16.01 21.08
CA SER C 249 26.67 -15.46 22.26
C SER C 249 25.66 -14.61 23.03
N CYS C 250 25.68 -14.60 24.36
CA CYS C 250 24.55 -14.05 25.15
C CYS C 250 25.03 -13.52 26.51
N ILE C 251 24.28 -12.54 27.02
CA ILE C 251 24.27 -12.14 28.46
C ILE C 251 22.89 -12.45 29.01
N VAL C 252 22.82 -12.91 30.27
CA VAL C 252 21.58 -13.44 30.91
C VAL C 252 21.48 -12.84 32.31
N ALA C 253 20.28 -12.45 32.74
CA ALA C 253 19.96 -11.90 34.07
C ALA C 253 19.77 -13.03 35.07
N PRO C 254 19.78 -12.76 36.39
CA PRO C 254 19.57 -13.81 37.38
C PRO C 254 18.20 -14.48 37.32
N THR C 255 17.23 -13.89 36.63
CA THR C 255 15.89 -14.48 36.34
C THR C 255 15.99 -15.53 35.22
N GLY C 256 17.13 -15.56 34.49
CA GLY C 256 17.33 -16.42 33.31
C GLY C 256 16.82 -15.78 32.03
N GLU C 257 16.45 -14.50 32.07
CA GLU C 257 16.06 -13.71 30.88
C GLU C 257 17.33 -13.41 30.08
N ILE C 258 17.31 -13.63 28.75
CA ILE C 258 18.42 -13.20 27.85
C ILE C 258 18.29 -11.70 27.64
N VAL C 259 19.26 -10.92 28.11
CA VAL C 259 19.25 -9.43 28.05
C VAL C 259 20.13 -8.95 26.88
N ALA C 260 20.99 -9.80 26.31
CA ALA C 260 21.71 -9.48 25.05
C ALA C 260 22.05 -10.76 24.28
N LEU C 261 22.12 -10.67 22.95
CA LEU C 261 22.26 -11.83 22.01
C LEU C 261 22.92 -11.36 20.72
N THR C 262 23.92 -12.08 20.24
CA THR C 262 24.56 -11.85 18.92
C THR C 262 23.63 -12.39 17.83
N THR C 263 23.69 -11.78 16.63
CA THR C 263 22.94 -12.24 15.44
C THR C 263 23.83 -12.41 14.20
N THR C 264 25.13 -12.10 14.29
CA THR C 264 26.13 -12.38 13.21
C THR C 264 26.98 -13.61 13.58
N LEU C 265 27.68 -14.16 12.58
CA LEU C 265 28.72 -15.21 12.77
C LEU C 265 30.11 -14.59 12.57
N GLU C 266 30.32 -13.40 13.15
CA GLU C 266 31.58 -12.62 13.05
C GLU C 266 31.92 -12.01 14.41
N ASP C 267 33.11 -11.41 14.49
CA ASP C 267 33.50 -10.58 15.67
C ASP C 267 32.32 -9.65 15.95
N GLU C 268 31.68 -9.81 17.10
CA GLU C 268 30.52 -8.98 17.47
C GLU C 268 30.61 -8.73 18.97
N VAL C 269 30.35 -7.49 19.38
CA VAL C 269 30.34 -7.04 20.79
C VAL C 269 28.89 -6.78 21.18
N ILE C 270 28.46 -7.35 22.30
CA ILE C 270 27.14 -7.05 22.92
C ILE C 270 27.41 -6.62 24.37
N THR C 271 26.57 -5.77 24.93
CA THR C 271 26.64 -5.29 26.32
C THR C 271 25.25 -5.37 26.99
N ALA C 272 25.25 -5.45 28.32
CA ALA C 272 24.03 -5.32 29.15
C ALA C 272 24.39 -4.60 30.45
N ALA C 273 23.45 -3.81 30.98
CA ALA C 273 23.52 -3.21 32.32
C ALA C 273 23.42 -4.34 33.34
N VAL C 274 24.43 -4.50 34.20
CA VAL C 274 24.44 -5.52 35.30
C VAL C 274 24.25 -4.80 36.63
N ASP C 275 23.20 -5.16 37.37
CA ASP C 275 22.97 -4.74 38.78
C ASP C 275 23.20 -5.96 39.67
N LEU C 276 24.32 -6.01 40.38
CA LEU C 276 24.75 -7.19 41.18
C LEU C 276 23.76 -7.45 42.32
N ASP C 277 22.98 -6.46 42.73
CA ASP C 277 21.97 -6.56 43.81
C ASP C 277 20.74 -7.32 43.35
N ARG C 278 20.57 -7.53 42.03
CA ARG C 278 19.41 -8.25 41.44
C ARG C 278 19.45 -9.74 41.79
N CYS C 279 20.61 -10.25 42.15
CA CYS C 279 20.79 -11.65 42.62
C CYS C 279 19.85 -11.90 43.81
N ARG C 280 19.57 -10.88 44.64
CA ARG C 280 18.74 -10.98 45.85
C ARG C 280 17.30 -11.43 45.52
N GLU C 281 16.78 -10.98 44.38
CA GLU C 281 15.39 -11.26 43.94
C GLU C 281 15.13 -12.77 43.97
N LEU C 282 16.16 -13.59 43.74
CA LEU C 282 16.05 -15.06 43.76
C LEU C 282 16.64 -15.63 45.06
N ARG C 283 17.80 -15.14 45.48
CA ARG C 283 18.63 -15.74 46.54
C ARG C 283 18.08 -15.43 47.93
N GLU C 284 17.15 -14.48 48.05
CA GLU C 284 16.51 -14.13 49.35
C GLU C 284 15.05 -14.60 49.37
N HIS C 285 14.54 -15.20 48.30
CA HIS C 285 13.11 -15.59 48.18
C HIS C 285 13.02 -17.04 47.66
N ILE C 286 12.68 -17.20 46.39
CA ILE C 286 12.41 -18.51 45.73
C ILE C 286 13.60 -19.45 45.93
N PHE C 287 14.82 -18.95 45.78
CA PHE C 287 16.09 -19.74 45.87
C PHE C 287 16.89 -19.22 47.05
N ASN C 288 16.22 -19.01 48.18
CA ASN C 288 16.84 -18.83 49.52
C ASN C 288 17.43 -20.17 49.96
N PHE C 289 18.71 -20.40 49.69
CA PHE C 289 19.39 -21.72 49.83
C PHE C 289 19.28 -22.23 51.26
N LYS C 290 19.75 -21.45 52.24
CA LYS C 290 19.76 -21.86 53.68
C LYS C 290 18.36 -22.30 54.11
N GLN C 291 17.33 -21.62 53.59
CA GLN C 291 15.92 -21.71 54.07
C GLN C 291 15.20 -22.90 53.40
N HIS C 292 15.62 -23.33 52.20
CA HIS C 292 14.87 -24.27 51.34
C HIS C 292 15.62 -25.59 51.12
N ARG C 293 16.94 -25.53 50.93
CA ARG C 293 17.75 -26.72 50.55
C ARG C 293 17.78 -27.71 51.71
N GLN C 294 17.76 -29.00 51.35
CA GLN C 294 17.82 -30.17 52.28
C GLN C 294 18.97 -31.07 51.85
N PRO C 295 20.22 -30.62 52.05
CA PRO C 295 21.39 -31.31 51.49
C PRO C 295 21.64 -32.74 52.02
N GLN C 296 20.95 -33.17 53.08
CA GLN C 296 21.04 -34.55 53.60
C GLN C 296 20.45 -35.53 52.56
N HIS C 297 19.64 -35.04 51.60
CA HIS C 297 19.02 -35.90 50.56
C HIS C 297 19.79 -35.80 49.23
N TYR C 298 20.88 -35.02 49.16
CA TYR C 298 21.60 -34.72 47.89
C TYR C 298 22.91 -35.50 47.78
N GLY C 299 23.23 -36.36 48.76
CA GLY C 299 24.51 -37.09 48.89
C GLY C 299 24.97 -37.82 47.63
N LEU C 300 24.05 -38.40 46.88
CA LEU C 300 24.39 -39.24 45.68
C LEU C 300 25.09 -38.39 44.61
N ILE C 301 24.85 -37.07 44.60
CA ILE C 301 25.45 -36.13 43.61
C ILE C 301 26.97 -36.04 43.81
N ALA C 302 27.47 -36.26 45.04
CA ALA C 302 28.90 -36.04 45.43
C ALA C 302 29.64 -37.37 45.58
N GLU C 303 29.00 -38.50 45.27
CA GLU C 303 29.59 -39.86 45.40
C GLU C 303 30.57 -40.11 44.23
N LEU C 304 31.79 -40.57 44.53
CA LEU C 304 32.91 -40.68 43.55
C LEU C 304 32.73 -41.95 42.73
N THR D 2 6.49 -52.52 24.60
CA THR D 2 7.64 -52.97 25.48
C THR D 2 8.22 -51.74 26.19
N ARG D 3 9.07 -50.98 25.48
CA ARG D 3 9.77 -49.76 25.95
C ARG D 3 8.99 -48.52 25.49
N GLN D 4 7.84 -48.73 24.85
CA GLN D 4 6.96 -47.68 24.28
C GLN D 4 5.66 -47.68 25.09
N MET D 5 5.21 -46.48 25.49
CA MET D 5 3.92 -46.27 26.16
C MET D 5 3.38 -44.91 25.74
N ILE D 6 2.16 -44.59 26.17
CA ILE D 6 1.55 -43.23 26.00
C ILE D 6 1.31 -42.66 27.40
N LEU D 7 2.00 -41.57 27.71
CA LEU D 7 1.91 -40.85 29.00
C LEU D 7 0.86 -39.73 28.83
N ALA D 8 -0.04 -39.62 29.80
CA ALA D 8 -1.09 -38.58 29.84
C ALA D 8 -0.82 -37.69 31.06
N VAL D 9 -1.28 -36.45 31.01
CA VAL D 9 -1.37 -35.52 32.16
C VAL D 9 -2.84 -35.11 32.30
N GLY D 10 -3.40 -35.23 33.49
CA GLY D 10 -4.75 -34.73 33.83
C GLY D 10 -4.67 -33.44 34.62
N GLN D 11 -4.62 -32.31 33.92
CA GLN D 11 -4.62 -30.94 34.52
C GLN D 11 -6.01 -30.73 35.15
N GLN D 12 -6.05 -30.11 36.33
CA GLN D 12 -7.30 -29.80 37.07
C GLN D 12 -7.55 -28.29 37.02
N GLY D 13 -8.77 -27.91 36.66
CA GLY D 13 -9.26 -26.54 36.91
C GLY D 13 -9.42 -26.34 38.40
N PRO D 14 -9.94 -25.17 38.84
CA PRO D 14 -10.12 -24.91 40.27
C PRO D 14 -10.95 -25.97 41.03
N ILE D 15 -10.57 -26.20 42.29
CA ILE D 15 -11.40 -26.91 43.32
C ILE D 15 -11.75 -25.87 44.39
N ALA D 16 -13.04 -25.54 44.50
CA ALA D 16 -13.59 -24.57 45.46
C ALA D 16 -13.54 -25.17 46.86
N ARG D 17 -13.45 -24.31 47.88
CA ARG D 17 -13.43 -24.68 49.32
C ARG D 17 -14.63 -25.61 49.63
N ALA D 18 -15.77 -25.44 48.95
CA ALA D 18 -17.05 -26.12 49.23
C ALA D 18 -17.17 -27.43 48.41
N GLU D 19 -16.20 -27.70 47.53
CA GLU D 19 -16.23 -28.87 46.64
C GLU D 19 -15.70 -30.09 47.39
N THR D 20 -16.55 -31.11 47.56
CA THR D 20 -16.25 -32.38 48.29
C THR D 20 -15.24 -33.22 47.50
N ARG D 21 -14.54 -34.12 48.18
CA ARG D 21 -13.66 -35.14 47.57
C ARG D 21 -14.47 -35.99 46.55
N GLU D 22 -15.73 -36.23 46.84
CA GLU D 22 -16.69 -37.01 46.03
C GLU D 22 -16.86 -36.35 44.65
N GLN D 23 -17.00 -35.03 44.62
CA GLN D 23 -17.19 -34.22 43.39
C GLN D 23 -15.89 -34.11 42.59
N VAL D 24 -14.75 -34.07 43.27
CA VAL D 24 -13.39 -34.05 42.64
C VAL D 24 -13.11 -35.42 41.99
N VAL D 25 -13.48 -36.52 42.65
CA VAL D 25 -13.20 -37.90 42.14
C VAL D 25 -13.93 -38.10 40.81
N VAL D 26 -15.16 -37.57 40.68
CA VAL D 26 -15.97 -37.57 39.43
C VAL D 26 -15.14 -36.92 38.32
N ARG D 27 -14.59 -35.73 38.61
CA ARG D 27 -13.76 -34.95 37.66
C ARG D 27 -12.51 -35.75 37.29
N LEU D 28 -11.84 -36.37 38.26
CA LEU D 28 -10.65 -37.24 38.01
C LEU D 28 -11.06 -38.48 37.20
N LEU D 29 -12.21 -39.09 37.49
CA LEU D 29 -12.70 -40.29 36.77
C LEU D 29 -12.92 -39.95 35.29
N ASP D 30 -13.54 -38.83 35.01
CA ASP D 30 -13.83 -38.32 33.64
C ASP D 30 -12.52 -38.15 32.86
N MET D 31 -11.50 -37.53 33.46
CA MET D 31 -10.19 -37.29 32.79
C MET D 31 -9.50 -38.65 32.57
N LEU D 32 -9.58 -39.53 33.56
CA LEU D 32 -8.98 -40.90 33.50
C LEU D 32 -9.64 -41.70 32.37
N THR D 33 -10.90 -41.42 32.07
CA THR D 33 -11.68 -42.09 30.99
C THR D 33 -11.23 -41.54 29.63
N LYS D 34 -11.03 -40.23 29.52
CA LYS D 34 -10.62 -39.56 28.26
C LYS D 34 -9.18 -39.98 27.90
N ALA D 35 -8.32 -40.21 28.90
CA ALA D 35 -6.91 -40.61 28.68
C ALA D 35 -6.86 -42.04 28.11
N ALA D 36 -7.68 -42.95 28.66
CA ALA D 36 -7.86 -44.33 28.16
C ALA D 36 -8.25 -44.29 26.69
N SER D 37 -9.23 -43.46 26.35
CA SER D 37 -9.81 -43.35 24.99
C SER D 37 -8.78 -42.79 24.00
N ARG D 38 -7.72 -42.14 24.48
CA ARG D 38 -6.63 -41.57 23.65
C ARG D 38 -5.39 -42.47 23.76
N GLY D 39 -5.53 -43.64 24.40
CA GLY D 39 -4.54 -44.74 24.38
C GLY D 39 -3.54 -44.65 25.52
N ALA D 40 -3.80 -43.85 26.55
CA ALA D 40 -2.87 -43.59 27.68
C ALA D 40 -2.67 -44.85 28.52
N ASN D 41 -1.44 -45.13 28.95
CA ASN D 41 -1.07 -46.27 29.84
C ASN D 41 -0.80 -45.75 31.26
N PHE D 42 -0.60 -44.45 31.41
CA PHE D 42 -0.32 -43.78 32.70
C PHE D 42 -0.80 -42.33 32.61
N ILE D 43 -1.35 -41.79 33.70
CA ILE D 43 -1.79 -40.36 33.76
C ILE D 43 -1.23 -39.72 35.05
N VAL D 44 -0.64 -38.54 34.90
CA VAL D 44 -0.12 -37.70 36.01
C VAL D 44 -1.23 -36.73 36.44
N PHE D 45 -1.57 -36.72 37.74
CA PHE D 45 -2.54 -35.79 38.35
C PHE D 45 -1.78 -34.78 39.21
N PRO D 46 -2.40 -33.64 39.56
CA PRO D 46 -1.68 -32.56 40.24
C PRO D 46 -1.31 -32.83 41.71
N GLU D 47 -0.56 -31.89 42.27
CA GLU D 47 -0.27 -31.77 43.71
C GLU D 47 -1.58 -31.51 44.45
N LEU D 48 -1.77 -32.15 45.62
CA LEU D 48 -2.94 -31.89 46.48
C LEU D 48 -4.20 -31.87 45.61
N ALA D 49 -4.45 -32.99 44.91
CA ALA D 49 -5.43 -33.09 43.81
C ALA D 49 -6.86 -33.29 44.34
N LEU D 50 -7.04 -33.54 45.65
CA LEU D 50 -8.34 -33.92 46.26
C LEU D 50 -9.05 -32.72 46.89
N THR D 51 -8.38 -31.57 47.00
CA THR D 51 -8.94 -30.39 47.70
C THR D 51 -8.46 -29.09 47.08
N THR D 52 -9.16 -28.00 47.40
CA THR D 52 -8.68 -26.61 47.22
C THR D 52 -7.28 -26.52 47.83
N PHE D 53 -6.51 -25.51 47.41
CA PHE D 53 -5.12 -25.32 47.91
C PHE D 53 -5.20 -24.55 49.23
N PHE D 54 -5.41 -25.30 50.32
CA PHE D 54 -5.70 -24.78 51.67
C PHE D 54 -4.51 -23.99 52.25
N PRO D 55 -3.23 -24.19 51.82
CA PRO D 55 -2.14 -23.38 52.33
C PRO D 55 -2.23 -21.89 51.99
N ARG D 56 -3.26 -21.46 51.25
CA ARG D 56 -3.50 -20.03 50.96
C ARG D 56 -4.16 -19.33 52.15
N TRP D 57 -4.68 -20.07 53.14
CA TRP D 57 -5.37 -19.51 54.34
C TRP D 57 -4.62 -19.83 55.63
N HIS D 58 -4.70 -18.91 56.59
CA HIS D 58 -4.31 -19.08 58.02
C HIS D 58 -5.43 -19.83 58.76
N PHE D 59 -5.11 -20.95 59.40
CA PHE D 59 -6.03 -21.76 60.23
C PHE D 59 -5.66 -21.62 61.71
N THR D 60 -6.67 -21.41 62.56
CA THR D 60 -6.56 -21.34 64.05
C THR D 60 -7.07 -22.65 64.67
N ASP D 61 -8.11 -23.24 64.07
CA ASP D 61 -8.78 -24.50 64.48
C ASP D 61 -8.08 -25.68 63.78
N GLU D 62 -7.57 -26.63 64.57
CA GLU D 62 -6.73 -27.77 64.11
C GLU D 62 -7.61 -28.88 63.49
N ALA D 63 -8.87 -28.99 63.89
CA ALA D 63 -9.84 -29.91 63.26
C ALA D 63 -10.12 -29.44 61.82
N GLU D 64 -10.28 -28.12 61.63
CA GLU D 64 -10.53 -27.49 60.31
C GLU D 64 -9.33 -27.77 59.39
N LEU D 65 -8.10 -27.62 59.92
CA LEU D 65 -6.85 -27.87 59.18
C LEU D 65 -6.74 -29.34 58.76
N ASP D 66 -6.98 -30.25 59.71
CA ASP D 66 -6.86 -31.71 59.51
C ASP D 66 -7.84 -32.20 58.44
N SER D 67 -9.00 -31.54 58.32
CA SER D 67 -10.07 -31.97 57.39
C SER D 67 -9.58 -31.99 55.93
N PHE D 68 -8.51 -31.26 55.59
CA PHE D 68 -7.90 -31.21 54.23
C PHE D 68 -6.87 -32.34 54.02
N TYR D 69 -6.55 -33.12 55.06
CA TYR D 69 -5.54 -34.23 54.99
C TYR D 69 -6.24 -35.58 54.87
N GLU D 70 -5.53 -36.56 54.30
CA GLU D 70 -5.94 -37.98 54.23
C GLU D 70 -5.19 -38.72 55.35
N THR D 71 -5.89 -39.56 56.10
CA THR D 71 -5.31 -40.55 57.06
C THR D 71 -5.09 -41.88 56.32
N GLU D 72 -5.62 -42.02 55.10
CA GLU D 72 -5.89 -43.34 54.46
C GLU D 72 -5.86 -43.13 52.94
N MET D 73 -5.25 -44.06 52.22
CA MET D 73 -5.05 -43.95 50.76
C MET D 73 -4.99 -45.36 50.15
N PRO D 74 -6.01 -45.80 49.39
CA PRO D 74 -7.25 -45.04 49.18
C PRO D 74 -8.26 -45.14 50.34
N GLY D 75 -9.06 -44.08 50.51
CA GLY D 75 -10.25 -44.09 51.38
C GLY D 75 -11.47 -44.50 50.57
N PRO D 76 -12.65 -44.74 51.18
CA PRO D 76 -13.83 -45.14 50.41
C PRO D 76 -14.22 -44.13 49.31
N VAL D 77 -14.02 -42.82 49.57
CA VAL D 77 -14.43 -41.74 48.63
C VAL D 77 -13.49 -41.73 47.42
N VAL D 78 -12.22 -42.08 47.61
CA VAL D 78 -11.17 -42.06 46.54
C VAL D 78 -11.08 -43.45 45.88
N ARG D 79 -11.56 -44.50 46.55
CA ARG D 79 -11.46 -45.91 46.09
C ARG D 79 -11.96 -46.07 44.67
N PRO D 80 -13.08 -45.43 44.24
CA PRO D 80 -13.58 -45.59 42.87
C PRO D 80 -12.56 -45.26 41.77
N LEU D 81 -11.66 -44.30 42.05
CA LEU D 81 -10.58 -43.85 41.13
C LEU D 81 -9.56 -44.98 40.90
N PHE D 82 -9.17 -45.68 41.97
CA PHE D 82 -8.26 -46.85 41.91
C PHE D 82 -8.95 -47.99 41.14
N GLU D 83 -10.21 -48.30 41.48
CA GLU D 83 -10.97 -49.42 40.86
C GLU D 83 -11.05 -49.19 39.35
N LYS D 84 -11.35 -47.97 38.91
CA LYS D 84 -11.49 -47.61 37.48
C LYS D 84 -10.14 -47.72 36.76
N ALA D 85 -9.04 -47.32 37.42
CA ALA D 85 -7.65 -47.36 36.87
C ALA D 85 -7.23 -48.80 36.61
N ALA D 86 -7.57 -49.72 37.50
CA ALA D 86 -7.22 -51.16 37.42
C ALA D 86 -8.06 -51.80 36.30
N GLU D 87 -9.31 -51.39 36.15
CA GLU D 87 -10.24 -51.88 35.11
C GLU D 87 -9.71 -51.51 33.72
N LEU D 88 -9.26 -50.26 33.55
CA LEU D 88 -8.83 -49.68 32.25
C LEU D 88 -7.38 -50.06 31.94
N GLY D 89 -6.62 -50.52 32.93
CA GLY D 89 -5.19 -50.88 32.75
C GLY D 89 -4.31 -49.65 32.60
N ILE D 90 -4.52 -48.63 33.45
CA ILE D 90 -3.82 -47.31 33.39
C ILE D 90 -3.34 -46.94 34.79
N GLY D 91 -2.03 -46.75 34.93
CA GLY D 91 -1.38 -46.30 36.19
C GLY D 91 -1.56 -44.80 36.34
N PHE D 92 -1.30 -44.26 37.53
CA PHE D 92 -1.42 -42.81 37.80
C PHE D 92 -0.50 -42.40 38.92
N ASN D 93 -0.24 -41.08 38.94
CA ASN D 93 0.50 -40.36 40.00
C ASN D 93 -0.53 -39.42 40.63
N LEU D 94 -0.76 -39.56 41.93
CA LEU D 94 -1.78 -38.77 42.67
C LEU D 94 -1.08 -38.02 43.79
N GLY D 95 -1.27 -36.71 43.89
CA GLY D 95 -0.85 -35.87 45.01
C GLY D 95 -1.99 -35.67 46.00
N TYR D 96 -1.65 -35.64 47.31
CA TYR D 96 -2.61 -35.44 48.40
C TYR D 96 -1.87 -35.00 49.67
N ALA D 97 -2.59 -34.41 50.62
CA ALA D 97 -2.05 -34.01 51.94
C ALA D 97 -2.10 -35.23 52.87
N GLU D 98 -0.96 -35.59 53.46
CA GLU D 98 -0.81 -36.81 54.30
C GLU D 98 -0.70 -36.42 55.78
N LEU D 99 -1.64 -36.88 56.61
CA LEU D 99 -1.59 -36.78 58.08
C LEU D 99 -1.32 -38.17 58.67
N VAL D 100 -0.16 -38.34 59.28
CA VAL D 100 0.35 -39.64 59.86
C VAL D 100 0.70 -39.39 61.33
N VAL D 101 0.37 -40.31 62.25
CA VAL D 101 0.93 -40.32 63.64
C VAL D 101 2.10 -41.31 63.70
N GLU D 102 3.26 -40.86 64.15
CA GLU D 102 4.51 -41.66 64.29
C GLU D 102 5.18 -41.20 65.59
N GLY D 103 5.43 -42.14 66.52
CA GLY D 103 5.83 -41.89 67.91
C GLY D 103 5.01 -40.79 68.56
N GLY D 104 3.69 -40.82 68.44
CA GLY D 104 2.79 -39.85 69.12
C GLY D 104 2.90 -38.45 68.52
N VAL D 105 3.83 -38.24 67.58
CA VAL D 105 4.00 -36.97 66.82
C VAL D 105 3.03 -37.08 65.66
N LYS D 106 2.02 -36.20 65.63
CA LYS D 106 1.19 -35.90 64.44
C LYS D 106 2.09 -35.26 63.36
N ARG D 107 2.35 -35.95 62.24
CA ARG D 107 3.22 -35.41 61.16
C ARG D 107 2.37 -35.11 59.93
N ARG D 108 2.70 -34.00 59.25
CA ARG D 108 2.00 -33.49 58.04
C ARG D 108 2.97 -33.44 56.86
N PHE D 109 2.62 -34.07 55.75
CA PHE D 109 3.43 -34.14 54.49
C PHE D 109 2.59 -33.74 53.27
N ASN D 110 3.23 -33.07 52.32
CA ASN D 110 2.74 -32.86 50.94
C ASN D 110 3.24 -34.05 50.13
N THR D 111 2.35 -34.98 49.79
CA THR D 111 2.69 -36.35 49.37
C THR D 111 2.15 -36.63 47.96
N SER D 112 2.77 -37.60 47.30
CA SER D 112 2.35 -38.17 46.01
C SER D 112 2.70 -39.68 45.98
N ILE D 113 1.94 -40.45 45.22
CA ILE D 113 2.15 -41.92 45.07
C ILE D 113 2.16 -42.29 43.59
N LEU D 114 2.82 -43.38 43.27
CA LEU D 114 2.78 -44.05 41.95
C LEU D 114 1.92 -45.29 42.12
N VAL D 115 0.94 -45.45 41.23
CA VAL D 115 0.06 -46.64 41.14
C VAL D 115 0.30 -47.27 39.76
N ASP D 116 0.63 -48.57 39.71
CA ASP D 116 0.85 -49.28 38.42
C ASP D 116 -0.51 -49.63 37.80
N LYS D 117 -0.51 -50.31 36.66
CA LYS D 117 -1.74 -50.56 35.86
C LYS D 117 -2.64 -51.64 36.53
N SER D 118 -2.12 -52.40 37.52
CA SER D 118 -2.91 -53.35 38.36
C SER D 118 -3.68 -52.58 39.45
N GLY D 119 -3.33 -51.32 39.69
CA GLY D 119 -3.98 -50.51 40.73
C GLY D 119 -3.31 -50.71 42.08
N LYS D 120 -2.04 -51.10 42.06
CA LYS D 120 -1.20 -51.36 43.28
C LYS D 120 -0.26 -50.15 43.50
N ILE D 121 -0.23 -49.61 44.71
CA ILE D 121 0.64 -48.48 45.11
C ILE D 121 2.08 -49.02 45.16
N VAL D 122 2.93 -48.62 44.22
CA VAL D 122 4.30 -49.17 44.04
C VAL D 122 5.33 -48.22 44.65
N GLY D 123 4.96 -46.99 45.01
CA GLY D 123 5.93 -46.05 45.60
C GLY D 123 5.30 -44.77 46.13
N LYS D 124 5.92 -44.22 47.18
CA LYS D 124 5.49 -42.96 47.84
C LYS D 124 6.67 -41.97 47.85
N TYR D 125 6.39 -40.67 47.79
CA TYR D 125 7.36 -39.55 47.91
C TYR D 125 6.70 -38.40 48.70
N ARG D 126 7.47 -37.73 49.55
CA ARG D 126 7.01 -36.58 50.38
C ARG D 126 7.85 -35.35 49.98
N LYS D 127 7.17 -34.25 49.64
CA LYS D 127 7.76 -33.00 49.10
C LYS D 127 8.90 -32.56 50.01
N ILE D 128 10.12 -32.43 49.47
CA ILE D 128 11.34 -32.10 50.26
C ILE D 128 11.57 -30.58 50.25
N HIS D 129 11.33 -29.91 49.11
CA HIS D 129 11.47 -28.44 48.98
C HIS D 129 10.12 -27.76 49.20
N LEU D 130 9.95 -27.14 50.38
CA LEU D 130 8.71 -26.40 50.75
C LEU D 130 8.92 -24.92 50.48
N PRO D 131 8.06 -24.27 49.67
CA PRO D 131 8.17 -22.85 49.38
C PRO D 131 7.34 -22.00 50.34
N GLY D 132 7.29 -20.69 50.06
CA GLY D 132 6.50 -19.71 50.83
C GLY D 132 7.11 -19.45 52.20
N HIS D 133 6.28 -19.44 53.24
CA HIS D 133 6.59 -18.84 54.56
C HIS D 133 5.86 -19.61 55.66
N LYS D 134 6.27 -19.32 56.90
CA LYS D 134 5.92 -20.08 58.14
C LYS D 134 4.77 -19.38 58.87
N GLU D 135 4.83 -18.05 59.00
CA GLU D 135 3.85 -17.26 59.80
C GLU D 135 2.93 -16.45 58.89
N TYR D 136 1.73 -16.11 59.40
CA TYR D 136 0.74 -15.25 58.72
C TYR D 136 1.35 -13.89 58.39
N GLU D 137 1.13 -13.41 57.16
CA GLU D 137 1.64 -12.12 56.65
C GLU D 137 0.45 -11.38 56.04
N ALA D 138 -0.08 -10.42 56.78
CA ALA D 138 -1.40 -9.76 56.56
C ALA D 138 -1.44 -9.05 55.20
N TYR D 139 -0.30 -8.53 54.72
CA TYR D 139 -0.20 -7.71 53.47
C TYR D 139 -0.59 -8.59 52.28
N ARG D 140 -0.27 -9.90 52.35
CA ARG D 140 -0.49 -10.84 51.23
C ARG D 140 -1.99 -10.95 50.99
N PRO D 141 -2.45 -10.75 49.73
CA PRO D 141 -3.85 -10.98 49.39
C PRO D 141 -4.24 -12.45 49.62
N PHE D 142 -3.29 -13.36 49.40
CA PHE D 142 -3.36 -14.80 49.76
C PHE D 142 -2.03 -15.23 50.35
N GLN D 143 -2.03 -16.19 51.27
CA GLN D 143 -0.85 -16.79 51.95
C GLN D 143 -0.30 -17.94 51.10
N HIS D 144 0.88 -18.46 51.46
CA HIS D 144 1.49 -19.71 50.92
C HIS D 144 2.21 -20.43 52.06
N LEU D 145 1.46 -21.01 53.00
CA LEU D 145 1.95 -21.44 54.33
C LEU D 145 2.30 -22.95 54.31
N GLU D 146 2.94 -23.41 53.25
CA GLU D 146 3.43 -24.82 53.14
C GLU D 146 4.43 -25.13 54.28
N LYS D 147 5.24 -24.17 54.71
CA LYS D 147 6.29 -24.37 55.74
C LYS D 147 5.63 -24.52 57.12
N ARG D 148 4.37 -24.11 57.25
CA ARG D 148 3.59 -24.24 58.49
C ARG D 148 2.83 -25.58 58.47
N TYR D 149 2.21 -25.90 57.35
CA TYR D 149 1.22 -27.01 57.22
C TYR D 149 1.89 -28.32 56.80
N PHE D 150 3.18 -28.31 56.45
CA PHE D 150 3.96 -29.50 56.06
C PHE D 150 5.34 -29.46 56.71
N GLU D 151 5.87 -30.63 57.02
CA GLU D 151 7.30 -30.86 57.35
C GLU D 151 8.00 -31.28 56.07
N PRO D 152 9.29 -30.92 55.85
CA PRO D 152 10.05 -31.46 54.73
C PRO D 152 10.06 -33.00 54.73
N GLY D 153 9.79 -33.60 53.56
CA GLY D 153 9.73 -35.06 53.36
C GLY D 153 10.99 -35.78 53.80
N ASP D 154 10.87 -37.02 54.25
CA ASP D 154 11.96 -37.81 54.89
C ASP D 154 12.26 -39.07 54.09
N LEU D 155 11.71 -39.22 52.87
CA LEU D 155 11.91 -40.43 52.02
C LEU D 155 13.00 -40.20 50.96
N GLY D 156 13.50 -38.98 50.81
CA GLY D 156 14.50 -38.64 49.77
C GLY D 156 13.84 -38.55 48.41
N PHE D 157 14.60 -38.78 47.34
CA PHE D 157 14.15 -38.76 45.93
C PHE D 157 14.24 -40.18 45.34
N PRO D 158 13.34 -41.10 45.71
CA PRO D 158 13.43 -42.48 45.24
C PRO D 158 13.03 -42.62 43.76
N VAL D 159 13.47 -43.70 43.11
CA VAL D 159 13.04 -44.08 41.75
C VAL D 159 12.46 -45.51 41.84
N TYR D 160 11.26 -45.73 41.32
CA TYR D 160 10.50 -47.00 41.43
C TYR D 160 10.30 -47.61 40.05
N ASP D 161 10.30 -48.95 39.97
CA ASP D 161 9.83 -49.69 38.78
C ASP D 161 8.30 -49.61 38.77
N VAL D 162 7.73 -49.05 37.70
CA VAL D 162 6.26 -48.95 37.47
C VAL D 162 6.00 -49.52 36.09
N ASP D 163 5.50 -50.77 36.03
CA ASP D 163 5.31 -51.50 34.74
C ASP D 163 6.67 -51.48 34.04
N ALA D 164 6.78 -50.99 32.81
CA ALA D 164 8.05 -51.06 32.03
C ALA D 164 9.02 -49.94 32.44
N ALA D 165 8.62 -48.96 33.24
CA ALA D 165 9.31 -47.67 33.37
C ALA D 165 9.98 -47.50 34.75
N LYS D 166 11.19 -46.92 34.75
CA LYS D 166 11.82 -46.35 35.96
C LYS D 166 11.24 -44.94 36.15
N MET D 167 10.46 -44.73 37.21
CA MET D 167 9.73 -43.46 37.43
C MET D 167 10.16 -42.85 38.77
N GLY D 168 10.44 -41.54 38.74
CA GLY D 168 10.70 -40.73 39.92
C GLY D 168 9.67 -39.64 40.08
N MET D 169 9.38 -39.22 41.30
CA MET D 169 8.39 -38.17 41.61
C MET D 169 9.09 -36.90 42.13
N PHE D 170 8.59 -35.75 41.67
CA PHE D 170 8.80 -34.43 42.30
C PHE D 170 7.40 -33.94 42.69
N ILE D 171 7.32 -32.99 43.62
CA ILE D 171 6.07 -32.24 43.90
C ILE D 171 6.38 -30.75 43.76
N ALA D 172 5.68 -30.12 42.81
CA ALA D 172 5.69 -28.69 42.45
C ALA D 172 7.08 -28.06 42.62
N ASN D 173 7.33 -27.39 43.75
CA ASN D 173 8.52 -26.51 43.97
C ASN D 173 9.80 -27.29 43.68
N ASP D 174 9.82 -28.59 43.98
CA ASP D 174 10.94 -29.53 43.67
C ASP D 174 11.46 -29.32 42.24
N ARG D 175 10.57 -29.00 41.29
CA ARG D 175 10.92 -28.97 39.83
C ARG D 175 11.93 -27.84 39.56
N ARG D 176 12.10 -26.89 40.48
CA ARG D 176 12.99 -25.72 40.29
C ARG D 176 14.39 -26.06 40.80
N TRP D 177 14.57 -27.20 41.47
CA TRP D 177 15.82 -27.58 42.17
C TRP D 177 16.55 -28.64 41.34
N PRO D 178 17.72 -28.32 40.75
CA PRO D 178 18.49 -29.29 39.98
C PRO D 178 18.85 -30.54 40.76
N GLU D 179 19.04 -30.42 42.08
CA GLU D 179 19.44 -31.54 42.98
C GLU D 179 18.36 -32.63 42.96
N ALA D 180 17.09 -32.27 42.94
CA ALA D 180 15.95 -33.23 42.90
C ALA D 180 16.04 -34.08 41.63
N TRP D 181 16.19 -33.40 40.49
CA TRP D 181 16.32 -34.03 39.14
C TRP D 181 17.55 -34.94 39.09
N ARG D 182 18.68 -34.43 39.60
CA ARG D 182 20.00 -35.07 39.41
C ARG D 182 20.03 -36.39 40.20
N VAL D 183 19.61 -36.36 41.47
CA VAL D 183 19.56 -37.57 42.34
C VAL D 183 18.75 -38.64 41.60
N MET D 184 17.60 -38.28 41.05
CA MET D 184 16.70 -39.27 40.39
C MET D 184 17.32 -39.68 39.04
N GLY D 185 18.00 -38.77 38.36
CA GLY D 185 18.76 -39.07 37.12
C GLY D 185 19.88 -40.05 37.38
N LEU D 186 20.59 -39.89 38.50
CA LEU D 186 21.69 -40.79 38.91
C LEU D 186 21.15 -42.18 39.27
N ARG D 187 19.90 -42.27 39.73
CA ARG D 187 19.20 -43.55 40.08
C ARG D 187 18.58 -44.17 38.82
N GLY D 188 18.69 -43.53 37.65
CA GLY D 188 18.33 -44.08 36.32
C GLY D 188 16.86 -43.90 35.98
N ALA D 189 16.22 -42.85 36.49
CA ALA D 189 14.82 -42.49 36.19
C ALA D 189 14.70 -42.23 34.69
N GLU D 190 13.67 -42.79 34.04
CA GLU D 190 13.36 -42.56 32.62
C GLU D 190 12.20 -41.57 32.50
N ILE D 191 11.32 -41.53 33.50
CA ILE D 191 10.19 -40.55 33.61
C ILE D 191 10.28 -39.91 34.99
N ILE D 192 10.25 -38.58 35.03
CA ILE D 192 10.16 -37.80 36.31
C ILE D 192 8.84 -37.02 36.25
N CYS D 193 7.93 -37.23 37.20
CA CYS D 193 6.58 -36.62 37.09
C CYS D 193 6.07 -36.12 38.43
N GLY D 194 5.11 -35.22 38.36
CA GLY D 194 4.46 -34.63 39.53
C GLY D 194 3.52 -33.53 39.11
N GLY D 195 2.99 -32.80 40.07
CA GLY D 195 2.00 -31.74 39.82
C GLY D 195 2.36 -30.49 40.59
N TYR D 196 1.58 -29.44 40.40
CA TYR D 196 1.88 -28.12 40.97
C TYR D 196 0.62 -27.29 41.17
N ASN D 197 0.68 -26.46 42.22
CA ASN D 197 -0.21 -25.29 42.43
C ASN D 197 0.70 -24.07 42.49
N THR D 198 0.81 -23.33 41.37
CA THR D 198 1.75 -22.19 41.21
C THR D 198 1.00 -20.90 40.97
N PRO D 199 0.87 -20.02 41.98
CA PRO D 199 0.28 -18.70 41.77
C PRO D 199 1.03 -17.88 40.74
N THR D 200 0.31 -17.07 39.94
CA THR D 200 0.86 -16.14 38.92
C THR D 200 1.22 -14.80 39.58
N HIS D 201 0.85 -14.62 40.85
CA HIS D 201 1.24 -13.45 41.71
C HIS D 201 2.09 -13.98 42.88
N ASN D 202 3.28 -13.41 43.07
CA ASN D 202 4.17 -13.66 44.23
C ASN D 202 4.32 -12.33 44.98
N PRO D 203 3.57 -12.17 46.11
CA PRO D 203 3.50 -10.89 46.82
C PRO D 203 4.84 -10.23 47.18
N PRO D 204 5.84 -10.98 47.71
CA PRO D 204 7.17 -10.39 47.98
C PRO D 204 8.04 -10.10 46.76
N VAL D 205 7.77 -10.72 45.62
CA VAL D 205 8.58 -10.51 44.37
C VAL D 205 7.63 -10.37 43.19
N PRO D 206 6.72 -9.39 43.20
CA PRO D 206 5.74 -9.21 42.12
C PRO D 206 6.37 -8.91 40.74
N GLN D 207 7.66 -8.56 40.72
CA GLN D 207 8.38 -8.15 39.49
C GLN D 207 8.82 -9.39 38.69
N HIS D 208 8.49 -10.61 39.14
CA HIS D 208 8.67 -11.88 38.38
C HIS D 208 7.31 -12.52 38.00
N ASP D 209 6.19 -11.82 38.21
CA ASP D 209 4.82 -12.33 37.94
C ASP D 209 4.68 -12.73 36.46
N HIS D 210 5.11 -11.89 35.56
CA HIS D 210 5.02 -12.03 34.08
C HIS D 210 5.94 -13.14 33.58
N LEU D 211 6.78 -13.70 34.45
CA LEU D 211 7.77 -14.77 34.15
C LEU D 211 7.30 -16.11 34.74
N THR D 212 6.07 -16.19 35.27
CA THR D 212 5.59 -17.41 35.96
C THR D 212 5.67 -18.60 34.98
N SER D 213 5.13 -18.48 33.79
CA SER D 213 5.17 -19.53 32.75
C SER D 213 6.61 -19.86 32.39
N PHE D 214 7.37 -18.83 32.01
CA PHE D 214 8.78 -18.96 31.59
C PHE D 214 9.53 -19.81 32.61
N HIS D 215 9.44 -19.47 33.89
CA HIS D 215 10.20 -20.12 35.00
C HIS D 215 9.77 -21.56 35.20
N HIS D 216 8.47 -21.84 35.11
CA HIS D 216 7.89 -23.20 35.20
C HIS D 216 8.47 -24.06 34.08
N LEU D 217 8.29 -23.63 32.82
CA LEU D 217 8.70 -24.42 31.61
C LEU D 217 10.22 -24.52 31.57
N LEU D 218 10.92 -23.45 31.93
CA LEU D 218 12.41 -23.47 31.95
C LEU D 218 12.87 -24.59 32.90
N SER D 219 12.22 -24.72 34.06
CA SER D 219 12.58 -25.75 35.08
C SER D 219 12.35 -27.16 34.52
N MET D 220 11.28 -27.38 33.77
CA MET D 220 10.91 -28.74 33.28
C MET D 220 11.82 -29.14 32.13
N GLN D 221 12.10 -28.21 31.22
CA GLN D 221 12.97 -28.45 30.04
C GLN D 221 14.41 -28.75 30.50
N ALA D 222 14.95 -27.94 31.42
CA ALA D 222 16.36 -28.05 31.90
C ALA D 222 16.53 -29.39 32.67
N GLY D 223 15.61 -29.70 33.58
CA GLY D 223 15.65 -30.98 34.33
C GLY D 223 15.71 -32.18 33.39
N SER D 224 14.81 -32.21 32.39
CA SER D 224 14.65 -33.30 31.40
C SER D 224 15.94 -33.46 30.60
N TYR D 225 16.44 -32.35 30.05
CA TYR D 225 17.64 -32.32 29.18
C TYR D 225 18.85 -32.81 29.96
N GLN D 226 19.12 -32.22 31.13
CA GLN D 226 20.39 -32.43 31.88
C GLN D 226 20.45 -33.86 32.44
N ASN D 227 19.33 -34.57 32.49
CA ASN D 227 19.25 -35.95 33.05
C ASN D 227 18.77 -36.93 31.98
N GLY D 228 18.55 -36.45 30.75
CA GLY D 228 18.01 -37.30 29.67
C GLY D 228 16.83 -38.09 30.12
N ALA D 229 15.87 -37.41 30.76
CA ALA D 229 14.62 -37.98 31.32
C ALA D 229 13.38 -37.37 30.64
N TRP D 230 12.41 -38.21 30.28
CA TRP D 230 11.00 -37.81 30.08
C TRP D 230 10.50 -37.17 31.37
N SER D 231 9.72 -36.11 31.29
CA SER D 231 9.04 -35.51 32.46
C SER D 231 7.64 -35.06 32.08
N ALA D 232 6.81 -34.86 33.11
CA ALA D 232 5.40 -34.46 33.00
C ALA D 232 5.07 -33.65 34.26
N ALA D 233 4.44 -32.49 34.10
CA ALA D 233 4.00 -31.64 35.22
C ALA D 233 2.50 -31.42 35.08
N ALA D 234 1.71 -31.89 36.06
CA ALA D 234 0.23 -31.73 36.13
C ALA D 234 -0.14 -30.56 37.05
N GLY D 235 -0.66 -29.49 36.48
CA GLY D 235 -1.06 -28.30 37.24
C GLY D 235 -2.49 -28.43 37.75
N LYS D 236 -2.76 -27.86 38.92
CA LYS D 236 -4.11 -27.36 39.30
C LYS D 236 -4.05 -25.84 39.06
N VAL D 237 -4.99 -25.32 38.27
CA VAL D 237 -4.82 -24.08 37.47
C VAL D 237 -6.11 -23.27 37.54
N GLY D 238 -6.06 -22.00 37.18
CA GLY D 238 -7.25 -21.12 37.02
C GLY D 238 -7.55 -20.31 38.26
N MET D 239 -8.69 -19.62 38.28
CA MET D 239 -9.15 -18.80 39.42
C MET D 239 -9.75 -19.72 40.48
N GLU D 240 -8.94 -20.06 41.49
CA GLU D 240 -9.36 -20.89 42.65
C GLU D 240 -9.43 -19.97 43.87
N GLU D 241 -10.62 -19.82 44.44
CA GLU D 241 -10.92 -18.97 45.62
C GLU D 241 -10.17 -17.64 45.46
N ASN D 242 -10.33 -17.01 44.28
CA ASN D 242 -9.89 -15.65 43.93
C ASN D 242 -8.36 -15.53 43.87
N CYS D 243 -7.62 -16.65 43.85
CA CYS D 243 -6.18 -16.67 43.52
C CYS D 243 -6.02 -17.35 42.15
N MET D 244 -5.30 -16.69 41.24
CA MET D 244 -5.02 -17.24 39.89
C MET D 244 -3.83 -18.23 39.99
N LEU D 245 -4.02 -19.48 39.53
CA LEU D 245 -2.97 -20.52 39.48
C LEU D 245 -2.53 -20.74 38.03
N LEU D 246 -1.21 -20.82 37.78
CA LEU D 246 -0.61 -20.97 36.43
C LEU D 246 -1.08 -22.28 35.81
N GLY D 247 -1.41 -22.24 34.51
CA GLY D 247 -1.66 -23.43 33.67
C GLY D 247 -0.37 -23.96 33.11
N HIS D 248 -0.32 -24.17 31.79
CA HIS D 248 0.86 -24.72 31.06
C HIS D 248 1.33 -26.03 31.69
N SER D 249 0.41 -26.93 32.05
CA SER D 249 0.71 -28.37 32.30
C SER D 249 1.41 -28.92 31.06
N CYS D 250 2.40 -29.80 31.22
CA CYS D 250 3.30 -30.16 30.10
C CYS D 250 3.81 -31.60 30.21
N ILE D 251 4.14 -32.18 29.06
CA ILE D 251 5.02 -33.39 28.93
C ILE D 251 6.25 -32.92 28.16
N VAL D 252 7.42 -33.47 28.52
CA VAL D 252 8.75 -33.05 28.00
C VAL D 252 9.55 -34.31 27.65
N ALA D 253 10.27 -34.29 26.53
CA ALA D 253 11.16 -35.38 26.05
C ALA D 253 12.52 -35.26 26.76
N PRO D 254 13.37 -36.30 26.71
CA PRO D 254 14.68 -36.24 27.34
C PRO D 254 15.64 -35.19 26.76
N THR D 255 15.33 -34.65 25.58
CA THR D 255 16.05 -33.52 24.94
C THR D 255 15.64 -32.19 25.60
N GLY D 256 14.57 -32.19 26.39
CA GLY D 256 13.98 -30.98 27.00
C GLY D 256 12.99 -30.27 26.08
N GLU D 257 12.62 -30.91 24.96
CA GLU D 257 11.57 -30.41 24.05
C GLU D 257 10.21 -30.63 24.71
N ILE D 258 9.34 -29.61 24.70
CA ILE D 258 7.93 -29.70 25.16
C ILE D 258 7.15 -30.44 24.06
N VAL D 259 6.68 -31.65 24.34
CA VAL D 259 5.95 -32.51 23.36
C VAL D 259 4.44 -32.43 23.60
N ALA D 260 3.98 -31.91 24.75
CA ALA D 260 2.55 -31.58 24.95
C ALA D 260 2.41 -30.43 25.95
N LEU D 261 1.34 -29.63 25.81
CA LEU D 261 1.12 -28.38 26.60
C LEU D 261 -0.38 -28.07 26.64
N THR D 262 -0.92 -27.78 27.84
CA THR D 262 -2.32 -27.35 28.03
C THR D 262 -2.46 -25.89 27.61
N THR D 263 -3.65 -25.49 27.15
CA THR D 263 -3.98 -24.12 26.71
C THR D 263 -5.26 -23.60 27.38
N THR D 264 -5.94 -24.40 28.21
CA THR D 264 -7.10 -23.98 29.02
C THR D 264 -6.69 -23.85 30.48
N LEU D 265 -7.52 -23.16 31.28
CA LEU D 265 -7.44 -23.14 32.77
C LEU D 265 -8.55 -24.01 33.36
N GLU D 266 -8.77 -25.20 32.79
CA GLU D 266 -9.84 -26.15 33.19
C GLU D 266 -9.29 -27.58 33.17
N ASP D 267 -10.09 -28.53 33.66
CA ASP D 267 -9.78 -29.97 33.51
C ASP D 267 -9.40 -30.17 32.04
N GLU D 268 -8.17 -30.55 31.78
CA GLU D 268 -7.68 -30.79 30.40
C GLU D 268 -6.73 -31.98 30.45
N VAL D 269 -6.85 -32.86 29.46
CA VAL D 269 -5.98 -34.06 29.28
C VAL D 269 -5.07 -33.79 28.08
N ILE D 270 -3.77 -34.00 28.25
CA ILE D 270 -2.77 -33.99 27.15
C ILE D 270 -2.00 -35.30 27.21
N THR D 271 -1.53 -35.80 26.06
CA THR D 271 -0.81 -37.09 25.92
C THR D 271 0.42 -36.90 25.02
N ALA D 272 1.43 -37.76 25.18
CA ALA D 272 2.59 -37.87 24.29
C ALA D 272 3.02 -39.33 24.21
N ALA D 273 3.51 -39.74 23.04
CA ALA D 273 4.20 -41.05 22.83
C ALA D 273 5.51 -41.01 23.60
N VAL D 274 5.71 -41.93 24.56
CA VAL D 274 6.98 -42.03 25.34
C VAL D 274 7.73 -43.28 24.88
N ASP D 275 8.96 -43.08 24.42
CA ASP D 275 9.93 -44.15 24.09
C ASP D 275 11.04 -44.11 25.14
N LEU D 276 11.04 -45.05 26.06
CA LEU D 276 11.96 -45.05 27.24
C LEU D 276 13.42 -45.21 26.77
N ASP D 277 13.65 -45.73 25.57
CA ASP D 277 15.00 -45.94 25.00
C ASP D 277 15.60 -44.61 24.52
N ARG D 278 14.81 -43.55 24.42
CA ARG D 278 15.25 -42.22 23.93
C ARG D 278 16.14 -41.54 24.98
N CYS D 279 16.08 -41.98 26.23
CA CYS D 279 16.97 -41.52 27.33
C CYS D 279 18.43 -41.75 26.92
N ARG D 280 18.72 -42.81 26.13
CA ARG D 280 20.08 -43.19 25.71
C ARG D 280 20.74 -42.06 24.88
N GLU D 281 19.95 -41.36 24.08
CA GLU D 281 20.45 -40.31 23.13
C GLU D 281 21.25 -39.27 23.93
N LEU D 282 20.94 -39.07 25.22
CA LEU D 282 21.66 -38.12 26.09
C LEU D 282 22.60 -38.86 27.05
N ARG D 283 22.12 -39.95 27.65
CA ARG D 283 22.79 -40.65 28.77
C ARG D 283 23.98 -41.50 28.27
N GLU D 284 24.09 -41.75 26.97
CA GLU D 284 25.20 -42.53 26.36
C GLU D 284 26.15 -41.61 25.57
N HIS D 285 25.86 -40.30 25.50
CA HIS D 285 26.65 -39.35 24.67
C HIS D 285 26.93 -38.10 25.49
N ILE D 286 26.20 -37.02 25.23
CA ILE D 286 26.43 -35.67 25.79
C ILE D 286 26.47 -35.75 27.33
N PHE D 287 25.53 -36.51 27.93
CA PHE D 287 25.38 -36.63 29.40
C PHE D 287 25.60 -38.10 29.78
N ASN D 288 26.68 -38.67 29.24
CA ASN D 288 27.29 -39.94 29.72
C ASN D 288 27.96 -39.68 31.08
N PHE D 289 27.23 -39.93 32.15
CA PHE D 289 27.59 -39.56 33.55
C PHE D 289 28.94 -40.15 33.95
N LYS D 290 29.10 -41.47 33.88
CA LYS D 290 30.32 -42.19 34.32
C LYS D 290 31.52 -41.61 33.57
N GLN D 291 31.35 -41.22 32.30
CA GLN D 291 32.43 -40.85 31.36
C GLN D 291 32.86 -39.39 31.55
N HIS D 292 31.96 -38.51 32.01
CA HIS D 292 32.13 -37.03 31.97
C HIS D 292 32.15 -36.41 33.37
N ARG D 293 31.34 -36.92 34.31
CA ARG D 293 31.18 -36.29 35.64
C ARG D 293 32.49 -36.42 36.43
N GLN D 294 32.80 -35.39 37.23
CA GLN D 294 33.98 -35.32 38.13
C GLN D 294 33.48 -35.02 39.54
N PRO D 295 32.82 -35.99 40.20
CA PRO D 295 32.15 -35.75 41.47
C PRO D 295 33.05 -35.34 42.64
N GLN D 296 34.38 -35.47 42.51
CA GLN D 296 35.33 -34.99 43.55
C GLN D 296 35.27 -33.46 43.67
N HIS D 297 34.74 -32.77 42.67
CA HIS D 297 34.62 -31.28 42.65
C HIS D 297 33.20 -30.82 43.07
N TYR D 298 32.26 -31.73 43.35
CA TYR D 298 30.82 -31.42 43.55
C TYR D 298 30.43 -31.50 45.04
N GLY D 299 31.37 -31.74 45.94
CA GLY D 299 31.16 -31.98 47.39
C GLY D 299 30.35 -30.91 48.08
N LEU D 300 30.51 -29.64 47.69
CA LEU D 300 29.84 -28.49 48.37
C LEU D 300 28.32 -28.62 48.23
N ILE D 301 27.83 -29.32 47.20
CA ILE D 301 26.37 -29.50 46.93
C ILE D 301 25.73 -30.35 48.04
N ALA D 302 26.49 -31.24 48.70
CA ALA D 302 25.98 -32.23 49.69
C ALA D 302 26.31 -31.81 51.13
N GLU D 303 26.89 -30.62 51.33
CA GLU D 303 27.35 -30.15 52.67
C GLU D 303 26.15 -29.67 53.50
N LEU D 304 26.05 -30.15 54.75
CA LEU D 304 24.87 -29.97 55.63
C LEU D 304 24.92 -28.58 56.25
N THR E 2 -15.65 -7.29 -6.02
CA THR E 2 -15.20 -6.96 -4.62
C THR E 2 -14.74 -5.49 -4.55
N ARG E 3 -13.57 -5.19 -5.14
CA ARG E 3 -13.02 -3.82 -5.32
C ARG E 3 -13.46 -3.24 -6.67
N GLN E 4 -14.16 -4.05 -7.48
CA GLN E 4 -14.79 -3.66 -8.75
C GLN E 4 -16.31 -3.63 -8.56
N MET E 5 -16.94 -2.54 -9.01
CA MET E 5 -18.41 -2.33 -8.95
C MET E 5 -18.80 -1.51 -10.18
N ILE E 6 -20.10 -1.35 -10.39
CA ILE E 6 -20.65 -0.47 -11.46
C ILE E 6 -21.45 0.65 -10.80
N LEU E 7 -20.97 1.88 -10.96
CA LEU E 7 -21.60 3.11 -10.44
C LEU E 7 -22.52 3.68 -11.52
N ALA E 8 -23.75 4.04 -11.13
CA ALA E 8 -24.76 4.65 -12.02
C ALA E 8 -25.03 6.08 -11.52
N VAL E 9 -25.45 6.94 -12.44
CA VAL E 9 -26.02 8.28 -12.12
C VAL E 9 -27.44 8.32 -12.71
N GLY E 10 -28.42 8.69 -11.90
CA GLY E 10 -29.81 8.94 -12.34
C GLY E 10 -30.07 10.43 -12.47
N GLN E 11 -29.79 10.99 -13.65
CA GLN E 11 -30.08 12.41 -13.98
C GLN E 11 -31.60 12.55 -14.04
N GLN E 12 -32.13 13.66 -13.51
CA GLN E 12 -33.58 13.98 -13.52
C GLN E 12 -33.83 15.13 -14.50
N GLY E 13 -34.80 14.95 -15.39
CA GLY E 13 -35.42 16.07 -16.11
C GLY E 13 -36.16 16.96 -15.13
N PRO E 14 -36.84 18.02 -15.61
CA PRO E 14 -37.60 18.92 -14.75
C PRO E 14 -38.62 18.22 -13.81
N ILE E 15 -38.77 18.78 -12.59
CA ILE E 15 -39.92 18.54 -11.67
C ILE E 15 -40.70 19.85 -11.57
N ALA E 16 -41.95 19.85 -12.07
CA ALA E 16 -42.86 21.02 -12.06
C ALA E 16 -43.36 21.24 -10.63
N ARG E 17 -43.71 22.49 -10.28
CA ARG E 17 -44.20 22.91 -8.94
C ARG E 17 -45.37 21.99 -8.51
N ALA E 18 -46.19 21.51 -9.46
CA ALA E 18 -47.45 20.77 -9.18
C ALA E 18 -47.19 19.27 -9.19
N GLU E 19 -45.96 18.84 -9.45
CA GLU E 19 -45.58 17.40 -9.51
C GLU E 19 -45.34 16.91 -8.06
N THR E 20 -46.15 15.94 -7.62
CA THR E 20 -46.15 15.38 -6.26
C THR E 20 -44.89 14.52 -6.06
N ARG E 21 -44.50 14.30 -4.80
CA ARG E 21 -43.42 13.36 -4.43
C ARG E 21 -43.73 11.96 -4.96
N GLU E 22 -45.01 11.59 -4.99
CA GLU E 22 -45.52 10.27 -5.46
C GLU E 22 -45.13 10.09 -6.94
N GLN E 23 -45.28 11.12 -7.76
CA GLN E 23 -45.00 11.09 -9.22
C GLN E 23 -43.48 11.08 -9.47
N VAL E 24 -42.71 11.77 -8.62
CA VAL E 24 -41.23 11.78 -8.69
C VAL E 24 -40.66 10.42 -8.28
N VAL E 25 -41.24 9.77 -7.26
CA VAL E 25 -40.74 8.45 -6.76
C VAL E 25 -40.86 7.40 -7.87
N VAL E 26 -41.93 7.48 -8.66
CA VAL E 26 -42.16 6.60 -9.85
C VAL E 26 -40.99 6.79 -10.81
N ARG E 27 -40.64 8.04 -11.10
CA ARG E 27 -39.52 8.41 -12.00
C ARG E 27 -38.20 7.88 -11.45
N LEU E 28 -37.96 8.04 -10.14
CA LEU E 28 -36.74 7.52 -9.46
C LEU E 28 -36.74 5.99 -9.50
N LEU E 29 -37.89 5.34 -9.27
CA LEU E 29 -38.01 3.86 -9.26
C LEU E 29 -37.63 3.31 -10.63
N ASP E 30 -38.14 3.93 -11.71
CA ASP E 30 -37.88 3.54 -13.12
C ASP E 30 -36.38 3.61 -13.40
N MET E 31 -35.71 4.69 -13.00
CA MET E 31 -34.26 4.87 -13.27
C MET E 31 -33.48 3.85 -12.44
N LEU E 32 -33.89 3.63 -11.20
CA LEU E 32 -33.27 2.66 -10.27
C LEU E 32 -33.39 1.24 -10.85
N THR E 33 -34.46 0.97 -11.60
CA THR E 33 -34.72 -0.35 -12.24
C THR E 33 -33.82 -0.51 -13.47
N LYS E 34 -33.66 0.54 -14.27
CA LYS E 34 -32.83 0.50 -15.51
C LYS E 34 -31.35 0.38 -15.12
N ALA E 35 -30.94 0.94 -13.99
CA ALA E 35 -29.54 0.88 -13.51
C ALA E 35 -29.21 -0.55 -13.10
N ALA E 36 -30.11 -1.22 -12.37
CA ALA E 36 -30.02 -2.65 -12.00
C ALA E 36 -29.81 -3.49 -13.25
N SER E 37 -30.63 -3.26 -14.30
CA SER E 37 -30.64 -4.04 -15.55
C SER E 37 -29.33 -3.83 -16.34
N ARG E 38 -28.58 -2.76 -16.04
CA ARG E 38 -27.28 -2.47 -16.69
C ARG E 38 -26.14 -2.82 -15.72
N GLY E 39 -26.46 -3.46 -14.59
CA GLY E 39 -25.49 -4.10 -13.69
C GLY E 39 -25.02 -3.18 -12.57
N ALA E 40 -25.71 -2.07 -12.33
CA ALA E 40 -25.32 -1.04 -11.34
C ALA E 40 -25.48 -1.60 -9.92
N ASN E 41 -24.51 -1.28 -9.04
CA ASN E 41 -24.52 -1.66 -7.61
C ASN E 41 -24.89 -0.43 -6.76
N PHE E 42 -24.78 0.77 -7.34
CA PHE E 42 -25.07 2.05 -6.65
C PHE E 42 -25.51 3.07 -7.70
N ILE E 43 -26.48 3.92 -7.35
CA ILE E 43 -26.94 5.02 -8.24
C ILE E 43 -26.97 6.35 -7.47
N VAL E 44 -26.38 7.38 -8.07
CA VAL E 44 -26.37 8.78 -7.55
C VAL E 44 -27.59 9.50 -8.13
N PHE E 45 -28.41 10.10 -7.26
CA PHE E 45 -29.57 10.95 -7.63
C PHE E 45 -29.23 12.41 -7.32
N PRO E 46 -29.96 13.38 -7.90
CA PRO E 46 -29.59 14.79 -7.78
C PRO E 46 -29.83 15.41 -6.40
N GLU E 47 -29.37 16.66 -6.27
CA GLU E 47 -29.70 17.58 -5.15
C GLU E 47 -31.21 17.85 -5.15
N LEU E 48 -31.85 17.88 -3.97
CA LEU E 48 -33.28 18.23 -3.82
C LEU E 48 -34.07 17.47 -4.90
N ALA E 49 -33.98 16.15 -4.88
CA ALA E 49 -34.43 15.23 -5.96
C ALA E 49 -35.94 14.97 -5.87
N LEU E 50 -36.62 15.37 -4.78
CA LEU E 50 -38.05 15.02 -4.51
C LEU E 50 -38.99 16.15 -4.91
N THR E 51 -38.46 17.32 -5.28
CA THR E 51 -39.30 18.51 -5.60
C THR E 51 -38.63 19.38 -6.66
N THR E 52 -39.43 20.26 -7.28
CA THR E 52 -38.96 21.43 -8.05
C THR E 52 -37.93 22.17 -7.21
N PHE E 53 -37.08 22.97 -7.84
CA PHE E 53 -36.02 23.75 -7.15
C PHE E 53 -36.66 25.04 -6.61
N PHE E 54 -37.27 24.92 -5.44
CA PHE E 54 -38.11 25.97 -4.79
C PHE E 54 -37.29 27.21 -4.42
N PRO E 55 -35.94 27.14 -4.20
CA PRO E 55 -35.15 28.34 -3.96
C PRO E 55 -35.14 29.36 -5.11
N ARG E 56 -35.80 29.08 -6.22
CA ARG E 56 -35.94 30.05 -7.35
C ARG E 56 -37.05 31.07 -7.05
N TRP E 57 -37.90 30.84 -6.04
CA TRP E 57 -39.02 31.74 -5.67
C TRP E 57 -38.84 32.34 -4.27
N HIS E 58 -39.30 33.58 -4.10
CA HIS E 58 -39.47 34.26 -2.79
C HIS E 58 -40.80 33.82 -2.16
N PHE E 59 -40.76 33.28 -0.94
CA PHE E 59 -41.96 32.82 -0.19
C PHE E 59 -42.24 33.75 0.98
N THR E 60 -43.52 34.13 1.11
CA THR E 60 -44.10 34.96 2.19
C THR E 60 -44.83 34.06 3.19
N ASP E 61 -45.48 32.99 2.71
CA ASP E 61 -46.23 31.99 3.51
C ASP E 61 -45.27 30.85 3.89
N GLU E 62 -45.11 30.61 5.20
CA GLU E 62 -44.12 29.68 5.79
C GLU E 62 -44.63 28.24 5.71
N ALA E 63 -45.95 28.02 5.66
CA ALA E 63 -46.54 26.69 5.41
C ALA E 63 -46.21 26.24 3.98
N GLU E 64 -46.31 27.16 3.00
CA GLU E 64 -46.00 26.90 1.57
C GLU E 64 -44.52 26.50 1.47
N LEU E 65 -43.63 27.24 2.15
CA LEU E 65 -42.17 26.97 2.16
C LEU E 65 -41.87 25.59 2.75
N ASP E 66 -42.46 25.28 3.90
CA ASP E 66 -42.23 24.02 4.65
C ASP E 66 -42.66 22.81 3.81
N SER E 67 -43.67 22.97 2.96
CA SER E 67 -44.26 21.86 2.17
C SER E 67 -43.21 21.22 1.24
N PHE E 68 -42.12 21.93 0.92
CA PHE E 68 -40.99 21.44 0.06
C PHE E 68 -39.95 20.67 0.87
N TYR E 69 -40.05 20.64 2.20
CA TYR E 69 -39.07 19.96 3.10
C TYR E 69 -39.63 18.60 3.55
N GLU E 70 -38.72 17.68 3.90
CA GLU E 70 -39.05 16.37 4.51
C GLU E 70 -38.86 16.48 6.04
N THR E 71 -39.87 16.05 6.82
CA THR E 71 -39.85 16.02 8.30
C THR E 71 -39.41 14.63 8.76
N GLU E 72 -39.30 13.69 7.83
CA GLU E 72 -38.79 12.31 8.11
C GLU E 72 -38.20 11.72 6.84
N MET E 73 -37.31 10.74 6.99
CA MET E 73 -36.56 10.11 5.87
C MET E 73 -36.22 8.68 6.26
N PRO E 74 -36.85 7.66 5.63
CA PRO E 74 -37.92 7.87 4.66
C PRO E 74 -39.31 8.10 5.29
N GLY E 75 -40.15 8.86 4.58
CA GLY E 75 -41.59 8.96 4.83
C GLY E 75 -42.34 7.93 4.01
N PRO E 76 -43.66 7.74 4.21
CA PRO E 76 -44.40 6.70 3.49
C PRO E 76 -44.32 6.86 1.96
N VAL E 77 -44.30 8.10 1.46
CA VAL E 77 -44.33 8.41 -0.01
C VAL E 77 -42.98 8.00 -0.63
N VAL E 78 -41.89 8.15 0.11
CA VAL E 78 -40.50 7.89 -0.38
C VAL E 78 -40.11 6.45 -0.03
N ARG E 79 -40.78 5.82 0.94
CA ARG E 79 -40.44 4.46 1.45
C ARG E 79 -40.33 3.45 0.30
N PRO E 80 -41.21 3.46 -0.73
CA PRO E 80 -41.11 2.47 -1.82
C PRO E 80 -39.76 2.46 -2.54
N LEU E 81 -39.08 3.61 -2.60
CA LEU E 81 -37.74 3.77 -3.24
C LEU E 81 -36.68 3.00 -2.46
N PHE E 82 -36.72 3.05 -1.12
CA PHE E 82 -35.84 2.27 -0.22
C PHE E 82 -36.13 0.77 -0.38
N GLU E 83 -37.41 0.39 -0.34
CA GLU E 83 -37.85 -1.04 -0.43
C GLU E 83 -37.33 -1.65 -1.74
N LYS E 84 -37.45 -0.92 -2.85
CA LYS E 84 -37.05 -1.39 -4.20
C LYS E 84 -35.52 -1.52 -4.27
N ALA E 85 -34.78 -0.60 -3.65
CA ALA E 85 -33.30 -0.58 -3.62
C ALA E 85 -32.77 -1.83 -2.88
N ALA E 86 -33.43 -2.21 -1.78
CA ALA E 86 -33.04 -3.37 -0.95
C ALA E 86 -33.37 -4.66 -1.70
N GLU E 87 -34.48 -4.68 -2.44
CA GLU E 87 -34.93 -5.85 -3.27
C GLU E 87 -33.91 -6.12 -4.38
N LEU E 88 -33.43 -5.07 -5.06
CA LEU E 88 -32.53 -5.17 -6.25
C LEU E 88 -31.07 -5.32 -5.81
N GLY E 89 -30.74 -4.99 -4.56
CA GLY E 89 -29.36 -5.01 -4.07
C GLY E 89 -28.53 -3.86 -4.63
N ILE E 90 -29.09 -2.64 -4.62
CA ILE E 90 -28.45 -1.41 -5.20
C ILE E 90 -28.58 -0.27 -4.19
N GLY E 91 -27.45 0.31 -3.78
CA GLY E 91 -27.39 1.50 -2.92
C GLY E 91 -27.68 2.76 -3.71
N PHE E 92 -27.95 3.87 -3.03
CA PHE E 92 -28.21 5.17 -3.70
C PHE E 92 -27.82 6.32 -2.78
N ASN E 93 -27.63 7.47 -3.44
CA ASN E 93 -27.39 8.81 -2.83
C ASN E 93 -28.59 9.65 -3.21
N LEU E 94 -29.33 10.14 -2.23
CA LEU E 94 -30.58 10.92 -2.44
C LEU E 94 -30.38 12.28 -1.77
N GLY E 95 -30.63 13.35 -2.52
CA GLY E 95 -30.71 14.73 -2.02
C GLY E 95 -32.15 15.13 -1.73
N TYR E 96 -32.36 15.88 -0.66
CA TYR E 96 -33.70 16.38 -0.25
C TYR E 96 -33.54 17.57 0.68
N ALA E 97 -34.60 18.37 0.84
CA ALA E 97 -34.66 19.49 1.79
C ALA E 97 -35.07 18.95 3.16
N GLU E 98 -34.26 19.20 4.20
CA GLU E 98 -34.45 18.65 5.57
C GLU E 98 -34.97 19.73 6.51
N LEU E 99 -36.17 19.52 7.09
CA LEU E 99 -36.74 20.37 8.16
C LEU E 99 -36.74 19.56 9.46
N VAL E 100 -36.09 19.98 10.54
CA VAL E 100 -35.96 19.10 11.75
C VAL E 100 -37.35 18.64 12.22
N LYS E 106 -37.04 25.53 14.42
CA LYS E 106 -37.03 25.01 13.03
C LYS E 106 -35.63 25.23 12.41
N ARG E 107 -34.92 24.15 12.09
CA ARG E 107 -33.66 24.20 11.31
C ARG E 107 -33.88 23.62 9.91
N ARG E 108 -33.30 24.29 8.91
CA ARG E 108 -33.48 23.96 7.47
C ARG E 108 -32.11 23.67 6.84
N PHE E 109 -31.97 22.49 6.23
CA PHE E 109 -30.71 22.01 5.57
C PHE E 109 -30.98 21.52 4.14
N ASN E 110 -30.01 21.75 3.26
CA ASN E 110 -29.91 21.11 1.93
C ASN E 110 -29.09 19.84 2.16
N THR E 111 -29.74 18.69 2.13
CA THR E 111 -29.24 17.42 2.70
C THR E 111 -29.15 16.36 1.62
N SER E 112 -28.30 15.37 1.86
CA SER E 112 -28.12 14.13 1.07
C SER E 112 -27.76 12.98 2.00
N ILE E 113 -28.13 11.76 1.63
CA ILE E 113 -27.83 10.54 2.43
C ILE E 113 -27.24 9.47 1.51
N LEU E 114 -26.46 8.58 2.10
CA LEU E 114 -25.97 7.35 1.47
C LEU E 114 -26.79 6.20 2.03
N VAL E 115 -27.34 5.36 1.15
CA VAL E 115 -28.08 4.11 1.48
C VAL E 115 -27.30 2.96 0.87
N ASP E 116 -26.93 1.95 1.67
CA ASP E 116 -26.21 0.75 1.17
C ASP E 116 -27.22 -0.20 0.50
N LYS E 117 -26.75 -1.35 0.02
CA LYS E 117 -27.54 -2.30 -0.81
C LYS E 117 -28.57 -3.06 0.08
N SER E 118 -28.44 -3.02 1.41
CA SER E 118 -29.44 -3.56 2.39
C SER E 118 -30.62 -2.58 2.53
N GLY E 119 -30.46 -1.35 2.05
CA GLY E 119 -31.50 -0.29 2.15
C GLY E 119 -31.42 0.43 3.48
N LYS E 120 -30.23 0.45 4.09
CA LYS E 120 -29.95 1.07 5.41
C LYS E 120 -29.24 2.40 5.19
N ILE E 121 -29.71 3.47 5.82
CA ILE E 121 -29.07 4.82 5.76
C ILE E 121 -27.74 4.73 6.54
N VAL E 122 -26.61 4.80 5.83
CA VAL E 122 -25.26 4.59 6.44
C VAL E 122 -24.60 5.94 6.69
N GLY E 123 -25.12 7.03 6.15
CA GLY E 123 -24.50 8.35 6.39
C GLY E 123 -25.32 9.51 5.86
N LYS E 124 -25.19 10.65 6.52
CA LYS E 124 -25.87 11.93 6.17
C LYS E 124 -24.83 13.03 5.97
N TYR E 125 -25.12 13.98 5.09
CA TYR E 125 -24.31 15.22 4.86
C TYR E 125 -25.23 16.41 4.60
N ARG E 126 -24.89 17.58 5.13
CA ARG E 126 -25.64 18.84 4.99
C ARG E 126 -24.76 19.86 4.24
N LYS E 127 -25.29 20.43 3.15
CA LYS E 127 -24.55 21.33 2.22
C LYS E 127 -23.88 22.44 3.01
N ILE E 128 -22.56 22.57 2.91
CA ILE E 128 -21.77 23.55 3.73
C ILE E 128 -21.56 24.84 2.92
N HIS E 129 -21.34 24.74 1.61
CA HIS E 129 -21.22 25.91 0.72
C HIS E 129 -22.58 26.20 0.08
N LEU E 130 -23.25 27.27 0.57
CA LEU E 130 -24.53 27.76 0.02
C LEU E 130 -24.22 28.91 -0.96
N PRO E 131 -24.68 28.81 -2.23
CA PRO E 131 -24.49 29.88 -3.21
C PRO E 131 -25.69 30.84 -3.24
N GLY E 132 -25.66 31.78 -4.19
CA GLY E 132 -26.72 32.77 -4.40
C GLY E 132 -26.74 33.81 -3.30
N HIS E 133 -27.93 34.13 -2.81
CA HIS E 133 -28.22 35.37 -2.05
C HIS E 133 -29.32 35.11 -1.02
N LYS E 134 -29.48 36.05 -0.10
CA LYS E 134 -30.28 35.97 1.15
C LYS E 134 -31.63 36.67 0.92
N GLU E 135 -31.61 37.86 0.29
CA GLU E 135 -32.80 38.71 0.11
C GLU E 135 -33.24 38.71 -1.34
N TYR E 136 -34.53 38.96 -1.57
CA TYR E 136 -35.17 39.03 -2.91
C TYR E 136 -34.47 40.10 -3.75
N GLU E 137 -34.17 39.75 -5.02
CA GLU E 137 -33.51 40.64 -5.99
C GLU E 137 -34.37 40.68 -7.25
N ALA E 138 -35.14 41.77 -7.39
CA ALA E 138 -36.27 41.89 -8.35
C ALA E 138 -35.78 41.75 -9.81
N TYR E 139 -34.56 42.19 -10.09
CA TYR E 139 -33.97 42.25 -11.46
C TYR E 139 -33.83 40.82 -11.99
N ARG E 140 -33.54 39.86 -11.10
CA ARG E 140 -33.31 38.45 -11.48
C ARG E 140 -34.61 37.89 -12.06
N PRO E 141 -34.57 37.29 -13.28
CA PRO E 141 -35.74 36.60 -13.83
C PRO E 141 -36.18 35.44 -12.92
N PHE E 142 -35.21 34.80 -12.26
CA PHE E 142 -35.39 33.76 -11.23
C PHE E 142 -34.41 34.02 -10.07
N GLN E 143 -34.81 33.70 -8.85
CA GLN E 143 -33.99 33.86 -7.61
C GLN E 143 -33.12 32.62 -7.40
N HIS E 144 -32.17 32.67 -6.45
CA HIS E 144 -31.38 31.51 -5.97
C HIS E 144 -31.15 31.69 -4.47
N LEU E 145 -32.20 31.51 -3.66
CA LEU E 145 -32.28 31.96 -2.24
C LEU E 145 -31.92 30.81 -1.29
N GLU E 146 -30.87 30.06 -1.61
CA GLU E 146 -30.34 28.98 -0.75
C GLU E 146 -29.89 29.53 0.60
N LYS E 147 -29.34 30.74 0.65
CA LYS E 147 -28.81 31.37 1.90
C LYS E 147 -29.98 31.78 2.80
N ARG E 148 -31.19 31.87 2.25
CA ARG E 148 -32.41 32.21 2.99
C ARG E 148 -33.06 30.93 3.50
N TYR E 149 -33.16 29.91 2.64
CA TYR E 149 -33.99 28.71 2.88
C TYR E 149 -33.17 27.57 3.53
N PHE E 150 -31.84 27.74 3.66
CA PHE E 150 -30.95 26.75 4.29
C PHE E 150 -29.94 27.46 5.20
N GLU E 151 -29.58 26.79 6.30
CA GLU E 151 -28.40 27.12 7.15
C GLU E 151 -27.21 26.31 6.63
N PRO E 152 -25.97 26.83 6.70
CA PRO E 152 -24.80 26.01 6.38
C PRO E 152 -24.74 24.74 7.23
N GLY E 153 -24.49 23.59 6.58
CA GLY E 153 -24.44 22.27 7.24
C GLY E 153 -23.44 22.21 8.37
N ASP E 154 -23.72 21.37 9.38
CA ASP E 154 -22.97 21.35 10.67
C ASP E 154 -22.33 19.97 10.89
N LEU E 155 -22.32 19.10 9.87
CA LEU E 155 -21.77 17.72 9.94
C LEU E 155 -20.37 17.65 9.34
N GLY E 156 -19.85 18.72 8.74
CA GLY E 156 -18.53 18.71 8.08
C GLY E 156 -18.59 17.93 6.76
N PHE E 157 -17.46 17.38 6.33
CA PHE E 157 -17.32 16.56 5.10
C PHE E 157 -16.97 15.12 5.47
N PRO E 158 -17.92 14.32 6.00
CA PRO E 158 -17.61 12.96 6.41
C PRO E 158 -17.42 12.01 5.22
N VAL E 159 -16.75 10.89 5.46
CA VAL E 159 -16.58 9.77 4.50
C VAL E 159 -17.07 8.49 5.21
N TYR E 160 -17.95 7.71 4.56
CA TYR E 160 -18.65 6.55 5.15
C TYR E 160 -18.27 5.28 4.36
N ASP E 161 -18.20 4.14 5.05
CA ASP E 161 -18.14 2.80 4.42
C ASP E 161 -19.54 2.50 3.88
N VAL E 162 -19.64 2.27 2.57
CA VAL E 162 -20.88 1.87 1.87
C VAL E 162 -20.56 0.60 1.08
N ASP E 163 -20.94 -0.57 1.60
CA ASP E 163 -20.61 -1.88 1.01
C ASP E 163 -19.08 -1.90 0.85
N ALA E 164 -18.54 -2.10 -0.36
CA ALA E 164 -17.07 -2.24 -0.54
C ALA E 164 -16.35 -0.88 -0.58
N ALA E 165 -17.06 0.26 -0.60
CA ALA E 165 -16.49 1.57 -1.01
C ALA E 165 -16.44 2.55 0.17
N LYS E 166 -15.36 3.33 0.24
CA LYS E 166 -15.28 4.59 1.02
C LYS E 166 -15.92 5.69 0.17
N MET E 167 -17.07 6.22 0.61
CA MET E 167 -17.86 7.21 -0.17
C MET E 167 -18.00 8.50 0.63
N GLY E 168 -17.74 9.63 -0.02
CA GLY E 168 -17.98 10.99 0.51
C GLY E 168 -19.03 11.70 -0.32
N MET E 169 -19.77 12.63 0.29
CA MET E 169 -20.85 13.38 -0.38
C MET E 169 -20.46 14.86 -0.50
N PHE E 170 -20.74 15.45 -1.66
CA PHE E 170 -20.83 16.91 -1.86
C PHE E 170 -22.29 17.17 -2.26
N ILE E 171 -22.74 18.41 -2.12
CA ILE E 171 -24.03 18.85 -2.74
C ILE E 171 -23.72 20.09 -3.59
N ALA E 172 -24.00 19.95 -4.89
CA ALA E 172 -23.88 20.95 -5.98
C ALA E 172 -22.70 21.89 -5.78
N ASN E 173 -22.93 23.08 -5.22
CA ASN E 173 -21.96 24.20 -5.17
C ASN E 173 -20.65 23.73 -4.52
N ASP E 174 -20.72 22.81 -3.56
CA ASP E 174 -19.55 22.16 -2.90
C ASP E 174 -18.50 21.72 -3.95
N ARG E 175 -18.95 21.29 -5.15
CA ARG E 175 -18.05 20.65 -6.14
C ARG E 175 -17.04 21.67 -6.68
N ARG E 176 -17.29 22.98 -6.47
CA ARG E 176 -16.43 24.06 -7.00
C ARG E 176 -15.34 24.39 -5.98
N TRP E 177 -15.43 23.83 -4.76
CA TRP E 177 -14.55 24.19 -3.61
C TRP E 177 -13.51 23.11 -3.39
N PRO E 178 -12.21 23.39 -3.65
CA PRO E 178 -11.14 22.40 -3.44
C PRO E 178 -11.10 21.87 -2.00
N GLU E 179 -11.48 22.71 -1.01
CA GLU E 179 -11.49 22.35 0.43
C GLU E 179 -12.41 21.16 0.68
N ALA E 180 -13.57 21.11 0.03
CA ALA E 180 -14.57 20.03 0.22
C ALA E 180 -13.95 18.71 -0.24
N TRP E 181 -13.38 18.71 -1.45
CA TRP E 181 -12.70 17.54 -2.06
C TRP E 181 -11.54 17.09 -1.18
N ARG E 182 -10.72 18.02 -0.71
CA ARG E 182 -9.42 17.72 -0.06
C ARG E 182 -9.70 17.05 1.29
N VAL E 183 -10.60 17.62 2.09
CA VAL E 183 -10.98 17.05 3.41
C VAL E 183 -11.41 15.59 3.19
N MET E 184 -12.25 15.33 2.19
CA MET E 184 -12.78 13.97 1.94
C MET E 184 -11.68 13.08 1.36
N GLY E 185 -10.77 13.66 0.56
CA GLY E 185 -9.57 12.95 0.05
C GLY E 185 -8.66 12.55 1.18
N LEU E 186 -8.46 13.42 2.17
CA LEU E 186 -7.60 13.16 3.35
C LEU E 186 -8.24 12.06 4.23
N ARG E 187 -9.57 11.91 4.21
CA ARG E 187 -10.32 10.89 4.96
C ARG E 187 -10.38 9.59 4.17
N GLY E 188 -9.81 9.53 2.96
CA GLY E 188 -9.58 8.29 2.19
C GLY E 188 -10.76 7.92 1.30
N ALA E 189 -11.56 8.89 0.86
CA ALA E 189 -12.74 8.65 0.00
C ALA E 189 -12.25 8.08 -1.34
N GLU E 190 -12.91 7.03 -1.83
CA GLU E 190 -12.64 6.39 -3.13
C GLU E 190 -13.65 6.86 -4.16
N ILE E 191 -14.87 7.19 -3.71
CA ILE E 191 -15.95 7.79 -4.55
C ILE E 191 -16.45 9.05 -3.84
N ILE E 192 -16.51 10.16 -4.55
CA ILE E 192 -17.11 11.44 -4.07
C ILE E 192 -18.30 11.75 -4.99
N CYS E 193 -19.50 11.80 -4.45
CA CYS E 193 -20.71 11.89 -5.30
C CYS E 193 -21.73 12.86 -4.71
N GLY E 194 -22.61 13.33 -5.58
CA GLY E 194 -23.70 14.24 -5.22
C GLY E 194 -24.42 14.68 -6.47
N GLY E 195 -25.29 15.67 -6.32
CA GLY E 195 -26.08 16.18 -7.45
C GLY E 195 -26.09 17.68 -7.46
N TYR E 196 -26.76 18.25 -8.46
CA TYR E 196 -26.74 19.71 -8.68
C TYR E 196 -28.00 20.18 -9.39
N ASN E 197 -28.40 21.41 -9.03
CA ASN E 197 -29.34 22.26 -9.81
C ASN E 197 -28.56 23.53 -10.16
N THR E 198 -28.04 23.59 -11.39
CA THR E 198 -27.13 24.64 -11.89
C THR E 198 -27.78 25.37 -13.06
N PRO E 199 -28.32 26.59 -12.86
CA PRO E 199 -28.82 27.41 -13.96
C PRO E 199 -27.71 27.70 -14.98
N THR E 200 -28.08 27.76 -16.27
CA THR E 200 -27.18 28.13 -17.40
C THR E 200 -27.17 29.66 -17.57
N HIS E 201 -28.03 30.38 -16.84
CA HIS E 201 -28.01 31.86 -16.69
C HIS E 201 -27.66 32.22 -15.23
N ASN E 202 -26.64 33.05 -15.03
CA ASN E 202 -26.26 33.68 -13.73
C ASN E 202 -26.45 35.18 -13.85
N PRO E 203 -27.58 35.71 -13.30
CA PRO E 203 -27.96 37.12 -13.49
C PRO E 203 -26.89 38.15 -13.14
N PRO E 204 -26.15 38.04 -12.01
CA PRO E 204 -25.07 38.97 -11.69
C PRO E 204 -23.80 38.83 -12.53
N VAL E 205 -23.57 37.67 -13.15
CA VAL E 205 -22.35 37.48 -14.00
C VAL E 205 -22.76 36.74 -15.28
N PRO E 206 -23.65 37.35 -16.12
CA PRO E 206 -24.14 36.68 -17.34
C PRO E 206 -23.05 36.39 -18.37
N GLN E 207 -21.87 37.00 -18.20
CA GLN E 207 -20.74 36.89 -19.16
C GLN E 207 -19.97 35.57 -18.93
N HIS E 208 -20.41 34.71 -18.00
CA HIS E 208 -19.91 33.33 -17.81
C HIS E 208 -20.97 32.27 -18.17
N ASP E 209 -22.10 32.67 -18.76
CA ASP E 209 -23.24 31.77 -19.09
C ASP E 209 -22.78 30.65 -20.04
N HIS E 210 -22.04 31.01 -21.08
CA HIS E 210 -21.53 30.11 -22.14
C HIS E 210 -20.44 29.17 -21.60
N LEU E 211 -20.01 29.36 -20.35
CA LEU E 211 -18.98 28.55 -19.65
C LEU E 211 -19.63 27.65 -18.59
N THR E 212 -20.95 27.55 -18.53
CA THR E 212 -21.63 26.80 -17.43
C THR E 212 -21.14 25.33 -17.47
N SER E 213 -21.18 24.67 -18.63
CA SER E 213 -20.71 23.28 -18.79
C SER E 213 -19.21 23.19 -18.41
N PHE E 214 -18.39 24.02 -19.06
CA PHE E 214 -16.93 24.08 -18.86
C PHE E 214 -16.61 24.10 -17.35
N HIS E 215 -17.25 25.01 -16.61
CA HIS E 215 -16.98 25.26 -15.16
C HIS E 215 -17.43 24.07 -14.29
N HIS E 216 -18.56 23.48 -14.63
CA HIS E 216 -19.09 22.25 -13.98
C HIS E 216 -18.07 21.12 -14.14
N LEU E 217 -17.75 20.78 -15.39
CA LEU E 217 -16.87 19.63 -15.72
C LEU E 217 -15.46 19.88 -15.20
N LEU E 218 -14.98 21.13 -15.32
CA LEU E 218 -13.64 21.50 -14.80
C LEU E 218 -13.59 21.18 -13.30
N SER E 219 -14.65 21.51 -12.56
CA SER E 219 -14.72 21.29 -11.09
C SER E 219 -14.63 19.79 -10.78
N MET E 220 -15.33 18.94 -11.55
CA MET E 220 -15.42 17.49 -11.25
C MET E 220 -14.09 16.82 -11.61
N GLN E 221 -13.50 17.17 -12.74
CA GLN E 221 -12.23 16.57 -13.22
C GLN E 221 -11.07 16.93 -12.27
N ALA E 222 -10.98 18.20 -11.85
CA ALA E 222 -9.88 18.70 -11.00
C ALA E 222 -9.99 18.07 -9.61
N GLY E 223 -11.18 18.07 -9.01
CA GLY E 223 -11.42 17.41 -7.69
C GLY E 223 -10.97 15.96 -7.69
N SER E 224 -11.38 15.19 -8.71
CA SER E 224 -11.10 13.74 -8.89
C SER E 224 -9.60 13.52 -8.99
N TYR E 225 -8.95 14.27 -9.88
CA TYR E 225 -7.50 14.15 -10.17
C TYR E 225 -6.70 14.45 -8.90
N GLN E 226 -6.93 15.62 -8.30
CA GLN E 226 -6.09 16.14 -7.20
C GLN E 226 -6.23 15.28 -5.93
N ASN E 227 -7.27 14.45 -5.83
CA ASN E 227 -7.55 13.59 -4.65
C ASN E 227 -7.51 12.10 -5.04
N GLY E 228 -7.22 11.79 -6.30
CA GLY E 228 -7.26 10.42 -6.80
C GLY E 228 -8.51 9.70 -6.38
N ALA E 229 -9.66 10.35 -6.60
CA ALA E 229 -11.02 9.86 -6.25
C ALA E 229 -11.87 9.69 -7.51
N TRP E 230 -12.58 8.57 -7.62
CA TRP E 230 -13.79 8.44 -8.49
C TRP E 230 -14.79 9.50 -8.02
N SER E 231 -15.50 10.14 -8.95
CA SER E 231 -16.60 11.06 -8.64
C SER E 231 -17.75 10.88 -9.63
N ALA E 232 -18.92 11.36 -9.23
CA ALA E 232 -20.20 11.26 -10.00
C ALA E 232 -21.06 12.44 -9.60
N ALA E 233 -21.58 13.17 -10.58
CA ALA E 233 -22.44 14.37 -10.37
C ALA E 233 -23.76 14.11 -11.07
N ALA E 234 -24.86 14.03 -10.31
CA ALA E 234 -26.24 13.83 -10.80
C ALA E 234 -26.97 15.16 -10.89
N GLY E 235 -27.26 15.61 -12.10
CA GLY E 235 -27.97 16.90 -12.31
C GLY E 235 -29.47 16.70 -12.29
N LYS E 236 -30.19 17.70 -11.82
CA LYS E 236 -31.60 17.94 -12.23
C LYS E 236 -31.52 19.08 -13.26
N VAL E 237 -32.07 18.86 -14.44
CA VAL E 237 -31.63 19.51 -15.71
C VAL E 237 -32.88 19.88 -16.52
N GLY E 238 -32.71 20.74 -17.53
CA GLY E 238 -33.77 21.08 -18.50
C GLY E 238 -34.58 22.31 -18.10
N MET E 239 -35.65 22.57 -18.84
CA MET E 239 -36.54 23.73 -18.59
C MET E 239 -37.49 23.37 -17.44
N GLU E 240 -37.14 23.81 -16.22
CA GLU E 240 -37.94 23.60 -15.00
C GLU E 240 -38.55 24.96 -14.61
N GLU E 241 -39.87 25.05 -14.61
CA GLU E 241 -40.63 26.28 -14.29
C GLU E 241 -39.94 27.47 -14.96
N ASN E 242 -39.65 27.30 -16.26
CA ASN E 242 -39.16 28.32 -17.23
C ASN E 242 -37.75 28.80 -16.88
N CYS E 243 -37.02 28.08 -16.02
CA CYS E 243 -35.56 28.28 -15.80
C CYS E 243 -34.83 27.08 -16.39
N MET E 244 -33.81 27.35 -17.20
CA MET E 244 -32.98 26.30 -17.85
C MET E 244 -31.90 25.84 -16.84
N LEU E 245 -31.85 24.52 -16.54
CA LEU E 245 -30.84 23.91 -15.64
C LEU E 245 -29.84 23.09 -16.47
N LEU E 246 -28.54 23.23 -16.18
CA LEU E 246 -27.44 22.55 -16.93
C LEU E 246 -27.61 21.04 -16.83
N GLY E 247 -27.39 20.34 -17.95
CA GLY E 247 -27.25 18.87 -17.99
C GLY E 247 -25.81 18.47 -17.71
N HIS E 248 -25.24 17.62 -18.57
CA HIS E 248 -23.86 17.08 -18.45
C HIS E 248 -23.63 16.46 -17.07
N SER E 249 -24.59 15.66 -16.58
CA SER E 249 -24.38 14.71 -15.47
C SER E 249 -23.22 13.78 -15.87
N CYS E 250 -22.35 13.38 -14.95
CA CYS E 250 -21.07 12.74 -15.32
C CYS E 250 -20.57 11.77 -14.25
N ILE E 251 -19.79 10.78 -14.67
CA ILE E 251 -18.93 9.94 -13.79
C ILE E 251 -17.49 10.20 -14.25
N VAL E 252 -16.55 10.24 -13.29
CA VAL E 252 -15.14 10.66 -13.51
C VAL E 252 -14.22 9.68 -12.78
N ALA E 253 -13.11 9.30 -13.40
CA ALA E 253 -12.06 8.40 -12.84
C ALA E 253 -11.13 9.20 -11.92
N PRO E 254 -10.31 8.54 -11.10
CA PRO E 254 -9.36 9.24 -10.23
C PRO E 254 -8.28 10.04 -10.98
N THR E 255 -8.10 9.79 -12.28
CA THR E 255 -7.20 10.55 -13.17
C THR E 255 -7.87 11.86 -13.60
N GLY E 256 -9.19 12.02 -13.34
CA GLY E 256 -9.99 13.19 -13.76
C GLY E 256 -10.55 13.04 -15.17
N GLU E 257 -10.43 11.84 -15.76
CA GLU E 257 -11.01 11.52 -17.08
C GLU E 257 -12.52 11.34 -16.89
N ILE E 258 -13.34 11.94 -17.77
CA ILE E 258 -14.81 11.73 -17.81
C ILE E 258 -15.05 10.38 -18.48
N VAL E 259 -15.56 9.40 -17.73
CA VAL E 259 -15.80 8.02 -18.23
C VAL E 259 -17.29 7.84 -18.59
N ALA E 260 -18.20 8.73 -18.17
CA ALA E 260 -19.59 8.74 -18.66
C ALA E 260 -20.19 10.15 -18.58
N LEU E 261 -21.15 10.48 -19.47
CA LEU E 261 -21.73 11.83 -19.65
C LEU E 261 -23.13 11.72 -20.24
N THR E 262 -24.11 12.43 -19.67
CA THR E 262 -25.49 12.54 -20.23
C THR E 262 -25.47 13.50 -21.43
N THR E 263 -26.39 13.30 -22.37
CA THR E 263 -26.55 14.13 -23.60
C THR E 263 -28.00 14.57 -23.79
N THR E 264 -28.95 14.15 -22.93
CA THR E 264 -30.35 14.65 -22.93
C THR E 264 -30.57 15.61 -21.76
N LEU E 265 -31.67 16.36 -21.79
CA LEU E 265 -32.19 17.17 -20.65
C LEU E 265 -33.42 16.49 -20.04
N GLU E 266 -33.36 15.17 -19.89
CA GLU E 266 -34.46 14.32 -19.36
C GLU E 266 -33.92 13.29 -18.38
N ASP E 267 -34.82 12.56 -17.71
CA ASP E 267 -34.43 11.39 -16.89
C ASP E 267 -33.50 10.56 -17.78
N GLU E 268 -32.24 10.41 -17.36
CA GLU E 268 -31.24 9.64 -18.12
C GLU E 268 -30.35 8.92 -17.12
N VAL E 269 -30.05 7.65 -17.40
CA VAL E 269 -29.14 6.81 -16.57
C VAL E 269 -27.84 6.63 -17.33
N ILE E 270 -26.71 6.88 -16.68
CA ILE E 270 -25.35 6.57 -17.21
C ILE E 270 -24.64 5.69 -16.18
N THR E 271 -23.76 4.80 -16.62
CA THR E 271 -22.99 3.87 -15.77
C THR E 271 -21.53 3.87 -16.19
N ALA E 272 -20.66 3.51 -15.26
CA ALA E 272 -19.22 3.28 -15.53
C ALA E 272 -18.72 2.16 -14.63
N ALA E 273 -17.78 1.36 -15.14
CA ALA E 273 -17.01 0.39 -14.34
C ALA E 273 -16.13 1.16 -13.36
N VAL E 274 -16.29 0.94 -12.06
CA VAL E 274 -15.44 1.56 -11.00
C VAL E 274 -14.53 0.47 -10.42
N ASP E 275 -13.22 0.71 -10.50
CA ASP E 275 -12.17 -0.09 -9.83
C ASP E 275 -11.58 0.75 -8.69
N LEU E 276 -11.96 0.44 -7.44
CA LEU E 276 -11.62 1.28 -6.26
C LEU E 276 -10.10 1.28 -6.02
N ASP E 277 -9.38 0.30 -6.56
CA ASP E 277 -7.92 0.15 -6.40
C ASP E 277 -7.18 1.17 -7.29
N ARG E 278 -7.88 1.79 -8.25
CA ARG E 278 -7.28 2.77 -9.21
C ARG E 278 -6.91 4.07 -8.49
N CYS E 279 -7.49 4.33 -7.31
CA CYS E 279 -7.15 5.49 -6.47
C CYS E 279 -5.65 5.46 -6.16
N ARG E 280 -5.04 4.26 -6.05
CA ARG E 280 -3.61 4.08 -5.68
C ARG E 280 -2.69 4.74 -6.72
N GLU E 281 -3.08 4.72 -7.99
CA GLU E 281 -2.26 5.22 -9.12
C GLU E 281 -1.86 6.68 -8.83
N LEU E 282 -2.69 7.42 -8.11
CA LEU E 282 -2.42 8.84 -7.74
C LEU E 282 -1.95 8.94 -6.29
N ARG E 283 -2.61 8.24 -5.38
CA ARG E 283 -2.47 8.41 -3.91
C ARG E 283 -1.18 7.76 -3.39
N GLU E 284 -0.54 6.91 -4.19
CA GLU E 284 0.74 6.24 -3.79
C GLU E 284 1.91 6.83 -4.60
N HIS E 285 1.67 7.78 -5.51
CA HIS E 285 2.71 8.33 -6.42
C HIS E 285 2.61 9.85 -6.44
N ILE E 286 2.05 10.41 -7.51
CA ILE E 286 1.97 11.87 -7.78
C ILE E 286 1.36 12.60 -6.59
N PHE E 287 0.28 12.05 -6.02
CA PHE E 287 -0.50 12.66 -4.90
C PHE E 287 -0.40 11.74 -3.68
N ASN E 288 0.81 11.28 -3.40
CA ASN E 288 1.18 10.65 -2.11
C ASN E 288 1.23 11.74 -1.04
N PHE E 289 0.13 11.92 -0.31
CA PHE E 289 -0.12 13.05 0.62
C PHE E 289 0.97 13.13 1.69
N LYS E 290 1.16 12.07 2.47
CA LYS E 290 2.14 12.03 3.60
C LYS E 290 3.53 12.45 3.08
N GLN E 291 3.87 12.05 1.85
CA GLN E 291 5.24 12.12 1.27
C GLN E 291 5.51 13.51 0.68
N HIS E 292 4.47 14.23 0.23
CA HIS E 292 4.58 15.47 -0.60
C HIS E 292 4.03 16.70 0.11
N ARG E 293 2.94 16.57 0.85
CA ARG E 293 2.23 17.72 1.48
C ARG E 293 3.12 18.34 2.57
N GLN E 294 3.06 19.67 2.67
CA GLN E 294 3.78 20.51 3.66
C GLN E 294 2.77 21.36 4.40
N PRO E 295 1.94 20.75 5.27
CA PRO E 295 0.80 21.43 5.88
C PRO E 295 1.15 22.61 6.80
N GLN E 296 2.43 22.79 7.16
CA GLN E 296 2.88 23.97 7.96
C GLN E 296 2.70 25.25 7.15
N HIS E 297 2.56 25.15 5.82
CA HIS E 297 2.38 26.32 4.91
C HIS E 297 0.91 26.53 4.55
N TYR E 298 0.00 25.68 5.01
CA TYR E 298 -1.43 25.66 4.55
C TYR E 298 -2.38 26.25 5.59
N GLY E 299 -1.88 26.75 6.72
CA GLY E 299 -2.68 27.18 7.90
C GLY E 299 -3.76 28.20 7.56
N LEU E 300 -3.46 29.12 6.65
CA LEU E 300 -4.37 30.25 6.30
C LEU E 300 -5.69 29.72 5.71
N ILE E 301 -5.67 28.51 5.14
CA ILE E 301 -6.87 27.88 4.50
C ILE E 301 -7.93 27.57 5.58
N ALA E 302 -7.51 27.31 6.83
CA ALA E 302 -8.38 26.81 7.93
C ALA E 302 -8.72 27.93 8.92
N GLU E 303 -8.25 29.15 8.69
CA GLU E 303 -8.32 30.27 9.67
C GLU E 303 -9.72 30.87 9.64
N LEU E 304 -10.38 31.03 10.81
CA LEU E 304 -11.65 31.79 10.93
C LEU E 304 -11.36 33.29 10.87
N ARG F 3 -4.81 47.93 -13.40
CA ARG F 3 -5.86 47.52 -14.41
C ARG F 3 -5.23 46.73 -15.56
N GLN F 4 -4.74 47.32 -16.68
CA GLN F 4 -4.45 46.58 -17.93
C GLN F 4 -2.96 46.51 -18.20
N MET F 5 -2.48 45.31 -18.53
CA MET F 5 -1.06 45.06 -18.92
C MET F 5 -1.05 43.93 -19.96
N ILE F 6 0.12 43.63 -20.50
CA ILE F 6 0.33 42.48 -21.42
C ILE F 6 1.34 41.55 -20.77
N LEU F 7 0.89 40.34 -20.43
CA LEU F 7 1.72 39.29 -19.80
C LEU F 7 2.27 38.39 -20.91
N ALA F 8 3.56 38.09 -20.85
CA ALA F 8 4.27 37.20 -21.79
C ALA F 8 4.76 35.97 -21.02
N VAL F 9 4.95 34.87 -21.74
CA VAL F 9 5.63 33.64 -21.27
C VAL F 9 6.78 33.38 -22.24
N GLY F 10 8.00 33.19 -21.73
CA GLY F 10 9.19 32.76 -22.50
C GLY F 10 9.46 31.30 -22.29
N GLN F 11 8.83 30.43 -23.09
CA GLN F 11 9.07 28.96 -23.09
C GLN F 11 10.49 28.73 -23.59
N GLN F 12 11.21 27.79 -22.98
CA GLN F 12 12.59 27.40 -23.38
C GLN F 12 12.55 26.01 -24.03
N GLY F 13 13.17 25.89 -25.20
CA GLY F 13 13.54 24.56 -25.75
C GLY F 13 14.61 23.93 -24.86
N PRO F 14 15.13 22.75 -25.21
CA PRO F 14 16.17 22.09 -24.41
C PRO F 14 17.40 22.95 -24.10
N ILE F 15 17.97 22.75 -22.91
CA ILE F 15 19.35 23.18 -22.53
C ILE F 15 20.18 21.90 -22.31
N ALA F 16 21.17 21.68 -23.17
CA ALA F 16 22.09 20.52 -23.12
C ALA F 16 23.05 20.70 -21.94
N ARG F 17 23.54 19.59 -21.39
CA ARG F 17 24.49 19.54 -20.25
C ARG F 17 25.68 20.49 -20.51
N ALA F 18 26.10 20.64 -21.77
CA ALA F 18 27.34 21.37 -22.16
C ALA F 18 27.02 22.82 -22.51
N GLU F 19 25.74 23.21 -22.44
CA GLU F 19 25.31 24.60 -22.75
C GLU F 19 25.54 25.48 -21.52
N THR F 20 26.41 26.48 -21.63
CA THR F 20 26.85 27.39 -20.55
C THR F 20 25.71 28.34 -20.19
N ARG F 21 25.74 28.91 -18.99
CA ARG F 21 24.82 29.99 -18.55
C ARG F 21 24.85 31.16 -19.53
N GLU F 22 26.04 31.45 -20.07
CA GLU F 22 26.32 32.55 -21.03
C GLU F 22 25.46 32.35 -22.30
N GLN F 23 25.38 31.12 -22.80
CA GLN F 23 24.63 30.75 -24.05
C GLN F 23 23.12 30.76 -23.78
N VAL F 24 22.70 30.39 -22.57
CA VAL F 24 21.27 30.42 -22.15
C VAL F 24 20.82 31.88 -21.99
N VAL F 25 21.66 32.75 -21.44
CA VAL F 25 21.29 34.19 -21.20
C VAL F 25 20.99 34.86 -22.54
N VAL F 26 21.76 34.52 -23.58
CA VAL F 26 21.55 35.00 -24.98
C VAL F 26 20.13 34.64 -25.41
N ARG F 27 19.76 33.36 -25.21
CA ARG F 27 18.42 32.83 -25.55
C ARG F 27 17.33 33.57 -24.76
N LEU F 28 17.54 33.79 -23.46
CA LEU F 28 16.60 34.55 -22.60
C LEU F 28 16.54 36.02 -23.06
N LEU F 29 17.68 36.63 -23.41
CA LEU F 29 17.72 38.05 -23.87
C LEU F 29 16.87 38.21 -25.14
N ASP F 30 17.04 37.29 -26.10
CA ASP F 30 16.31 37.28 -27.39
C ASP F 30 14.80 37.20 -27.15
N MET F 31 14.35 36.31 -26.26
CA MET F 31 12.90 36.14 -25.97
C MET F 31 12.38 37.39 -25.26
N LEU F 32 13.17 37.94 -24.35
CA LEU F 32 12.84 39.18 -23.58
C LEU F 32 12.70 40.36 -24.55
N THR F 33 13.44 40.34 -25.66
CA THR F 33 13.43 41.41 -26.69
C THR F 33 12.16 41.26 -27.54
N LYS F 34 11.80 40.04 -27.92
CA LYS F 34 10.60 39.77 -28.75
C LYS F 34 9.33 40.08 -27.96
N ALA F 35 9.34 39.89 -26.63
CA ALA F 35 8.17 40.15 -25.77
C ALA F 35 7.93 41.66 -25.69
N ALA F 36 9.00 42.44 -25.52
CA ALA F 36 8.96 43.93 -25.56
C ALA F 36 8.33 44.40 -26.86
N SER F 37 8.77 43.84 -28.00
CA SER F 37 8.33 44.24 -29.36
C SER F 37 6.84 43.87 -29.58
N ARG F 38 6.29 42.97 -28.76
CA ARG F 38 4.86 42.57 -28.83
C ARG F 38 4.08 43.26 -27.70
N GLY F 39 4.72 44.17 -26.96
CA GLY F 39 4.11 45.10 -26.01
C GLY F 39 4.04 44.55 -24.59
N ALA F 40 4.81 43.51 -24.28
CA ALA F 40 4.80 42.81 -22.97
C ALA F 40 5.36 43.73 -21.88
N ASN F 41 4.73 43.72 -20.69
CA ASN F 41 5.17 44.48 -19.48
C ASN F 41 5.85 43.53 -18.50
N PHE F 42 5.62 42.24 -18.64
CA PHE F 42 6.18 41.18 -17.77
C PHE F 42 6.32 39.89 -18.59
N ILE F 43 7.38 39.13 -18.34
CA ILE F 43 7.58 37.80 -18.99
C ILE F 43 7.93 36.75 -17.94
N VAL F 44 7.22 35.62 -17.99
CA VAL F 44 7.46 34.43 -17.11
C VAL F 44 8.44 33.49 -17.83
N PHE F 45 9.54 33.13 -17.15
CA PHE F 45 10.56 32.16 -17.61
C PHE F 45 10.42 30.86 -16.82
N PRO F 46 10.98 29.74 -17.32
CA PRO F 46 10.75 28.44 -16.68
C PRO F 46 11.44 28.20 -15.34
N GLU F 47 11.12 27.07 -14.73
CA GLU F 47 11.83 26.49 -13.56
C GLU F 47 13.26 26.14 -13.97
N LEU F 48 14.25 26.43 -13.11
CA LEU F 48 15.67 26.07 -13.33
C LEU F 48 16.04 26.43 -14.76
N ALA F 49 15.91 27.73 -15.09
CA ALA F 49 15.94 28.26 -16.47
C ALA F 49 17.38 28.43 -16.97
N LEU F 50 18.39 28.30 -16.12
CA LEU F 50 19.82 28.63 -16.41
C LEU F 50 20.63 27.39 -16.76
N THR F 51 20.06 26.19 -16.60
CA THR F 51 20.79 24.92 -16.84
C THR F 51 19.85 23.83 -17.35
N THR F 52 20.44 22.77 -17.91
CA THR F 52 19.77 21.46 -18.12
C THR F 52 19.12 21.05 -16.81
N PHE F 53 18.14 20.14 -16.87
CA PHE F 53 17.43 19.64 -15.68
C PHE F 53 18.25 18.52 -15.04
N PHE F 54 19.21 18.93 -14.21
CA PHE F 54 20.23 18.05 -13.58
C PHE F 54 19.62 17.01 -12.64
N PRO F 55 18.42 17.21 -12.04
CA PRO F 55 17.82 16.17 -11.20
C PRO F 55 17.48 14.87 -11.93
N ARG F 56 17.71 14.79 -13.25
CA ARG F 56 17.52 13.53 -14.01
C ARG F 56 18.73 12.58 -13.82
N TRP F 57 19.86 13.06 -13.26
CA TRP F 57 21.08 12.23 -13.02
C TRP F 57 21.38 12.07 -11.53
N HIS F 58 21.92 10.90 -11.17
CA HIS F 58 22.57 10.59 -9.87
C HIS F 58 23.99 11.15 -9.85
N PHE F 59 24.31 12.01 -8.88
CA PHE F 59 25.66 12.61 -8.68
C PHE F 59 26.31 11.99 -7.44
N THR F 60 27.58 11.61 -7.59
CA THR F 60 28.48 11.08 -6.53
C THR F 60 29.45 12.20 -6.11
N ASP F 61 29.88 13.04 -7.06
CA ASP F 61 30.78 14.20 -6.84
C ASP F 61 29.93 15.44 -6.51
N GLU F 62 30.18 16.05 -5.35
CA GLU F 62 29.38 17.16 -4.76
C GLU F 62 29.76 18.48 -5.42
N ALA F 63 30.99 18.62 -5.92
CA ALA F 63 31.43 19.81 -6.70
C ALA F 63 30.66 19.84 -8.04
N GLU F 64 30.51 18.67 -8.68
CA GLU F 64 29.77 18.52 -9.97
C GLU F 64 28.31 18.94 -9.75
N LEU F 65 27.70 18.49 -8.64
CA LEU F 65 26.29 18.84 -8.29
C LEU F 65 26.14 20.35 -8.05
N ASP F 66 27.04 20.93 -7.27
CA ASP F 66 27.00 22.36 -6.87
C ASP F 66 27.12 23.26 -8.12
N SER F 67 27.84 22.81 -9.15
CA SER F 67 28.12 23.61 -10.37
C SER F 67 26.82 24.03 -11.08
N PHE F 68 25.70 23.31 -10.84
CA PHE F 68 24.36 23.62 -11.42
C PHE F 68 23.58 24.65 -10.58
N TYR F 69 24.10 25.05 -9.41
CA TYR F 69 23.42 26.02 -8.48
C TYR F 69 24.04 27.41 -8.64
N GLU F 70 23.27 28.44 -8.30
CA GLU F 70 23.71 29.86 -8.23
C GLU F 70 24.01 30.19 -6.75
N THR F 71 25.16 30.80 -6.50
CA THR F 71 25.62 31.25 -5.16
C THR F 71 25.23 32.71 -4.95
N GLU F 72 24.74 33.37 -5.99
CA GLU F 72 24.33 34.79 -5.98
C GLU F 72 23.35 35.05 -7.12
N MET F 73 22.54 36.10 -7.00
CA MET F 73 21.46 36.42 -7.96
C MET F 73 21.19 37.93 -7.92
N PRO F 74 21.54 38.68 -8.99
CA PRO F 74 22.27 38.14 -10.14
C PRO F 74 23.79 38.02 -9.94
N GLY F 75 24.40 37.03 -10.61
CA GLY F 75 25.85 36.93 -10.81
C GLY F 75 26.24 37.63 -12.12
N PRO F 76 27.55 37.77 -12.40
CA PRO F 76 27.98 38.52 -13.58
C PRO F 76 27.42 37.96 -14.90
N VAL F 77 27.28 36.63 -14.99
CA VAL F 77 26.85 35.93 -16.23
C VAL F 77 25.35 36.21 -16.48
N VAL F 78 24.57 36.36 -15.42
CA VAL F 78 23.09 36.56 -15.49
C VAL F 78 22.78 38.07 -15.46
N ARG F 79 23.71 38.90 -14.99
CA ARG F 79 23.50 40.37 -14.82
C ARG F 79 22.96 41.02 -16.10
N PRO F 80 23.45 40.67 -17.31
CA PRO F 80 22.97 41.32 -18.54
C PRO F 80 21.45 41.20 -18.77
N LEU F 81 20.83 40.11 -18.27
CA LEU F 81 19.37 39.83 -18.36
C LEU F 81 18.59 40.86 -17.53
N PHE F 82 19.06 41.18 -16.33
CA PHE F 82 18.47 42.23 -15.46
C PHE F 82 18.63 43.61 -16.10
N GLU F 83 19.83 43.92 -16.60
CA GLU F 83 20.16 45.23 -17.21
C GLU F 83 19.22 45.48 -18.40
N LYS F 84 19.01 44.47 -19.23
CA LYS F 84 18.16 44.56 -20.45
C LYS F 84 16.69 44.74 -20.05
N ALA F 85 16.24 44.06 -18.99
CA ALA F 85 14.85 44.13 -18.45
C ALA F 85 14.53 45.54 -17.97
N ALA F 86 15.49 46.19 -17.30
CA ALA F 86 15.33 47.56 -16.75
C ALA F 86 15.32 48.56 -17.91
N GLU F 87 16.13 48.33 -18.95
CA GLU F 87 16.21 49.18 -20.16
C GLU F 87 14.88 49.17 -20.90
N LEU F 88 14.27 47.99 -21.07
CA LEU F 88 13.05 47.78 -21.90
C LEU F 88 11.79 48.08 -21.07
N GLY F 89 11.90 48.16 -19.74
CA GLY F 89 10.74 48.43 -18.86
C GLY F 89 9.84 47.22 -18.74
N ILE F 90 10.43 46.03 -18.55
CA ILE F 90 9.70 44.73 -18.52
C ILE F 90 10.20 43.91 -17.33
N GLY F 91 9.27 43.53 -16.44
CA GLY F 91 9.55 42.63 -15.30
C GLY F 91 9.63 41.18 -15.76
N PHE F 92 10.16 40.29 -14.92
CA PHE F 92 10.25 38.85 -15.24
C PHE F 92 10.24 38.02 -13.96
N ASN F 93 9.89 36.75 -14.15
CA ASN F 93 9.92 35.66 -13.14
C ASN F 93 10.97 34.67 -13.65
N LEU F 94 12.01 34.44 -12.86
CA LEU F 94 13.16 33.57 -13.25
C LEU F 94 13.27 32.47 -12.22
N GLY F 95 13.32 31.22 -12.69
CA GLY F 95 13.63 30.04 -11.86
C GLY F 95 15.10 29.68 -11.95
N TYR F 96 15.68 29.23 -10.84
CA TYR F 96 17.11 28.83 -10.77
C TYR F 96 17.32 27.96 -9.53
N ALA F 97 18.41 27.18 -9.52
CA ALA F 97 18.82 26.36 -8.37
C ALA F 97 19.63 27.24 -7.41
N GLU F 98 19.22 27.30 -6.14
CA GLU F 98 19.79 28.21 -5.12
C GLU F 98 20.64 27.42 -4.13
N LEU F 99 21.94 27.71 -4.04
CA LEU F 99 22.86 27.16 -3.02
C LEU F 99 23.24 28.31 -2.07
N VAL F 100 22.74 28.25 -0.82
CA VAL F 100 22.84 29.35 0.19
C VAL F 100 23.42 28.73 1.45
N VAL F 101 24.50 29.28 1.99
CA VAL F 101 25.17 28.77 3.23
C VAL F 101 24.70 29.60 4.42
N GLU F 102 24.20 28.93 5.46
CA GLU F 102 23.79 29.54 6.76
C GLU F 102 24.36 28.68 7.89
N LYS F 106 24.51 25.20 4.91
CA LYS F 106 24.47 24.89 3.45
C LYS F 106 23.09 24.33 3.05
N ARG F 107 22.28 25.12 2.37
CA ARG F 107 20.89 24.76 1.99
C ARG F 107 20.83 24.76 0.45
N ARG F 108 20.04 23.81 -0.11
CA ARG F 108 19.73 23.74 -1.55
C ARG F 108 18.21 23.87 -1.79
N PHE F 109 17.83 24.84 -2.64
CA PHE F 109 16.42 25.17 -2.96
C PHE F 109 16.20 25.21 -4.47
N ASN F 110 15.01 24.79 -4.89
CA ASN F 110 14.43 25.04 -6.22
C ASN F 110 13.69 26.37 -6.11
N THR F 111 14.24 27.44 -6.69
CA THR F 111 13.87 28.84 -6.36
C THR F 111 13.39 29.57 -7.61
N SER F 112 12.61 30.63 -7.39
CA SER F 112 12.16 31.61 -8.40
C SER F 112 12.07 33.00 -7.75
N ILE F 113 12.21 34.04 -8.55
CA ILE F 113 12.13 35.46 -8.09
C ILE F 113 11.22 36.23 -9.03
N LEU F 114 10.63 37.31 -8.50
CA LEU F 114 9.88 38.34 -9.25
C LEU F 114 10.78 39.56 -9.31
N VAL F 115 10.97 40.08 -10.53
CA VAL F 115 11.73 41.33 -10.82
C VAL F 115 10.74 42.30 -11.47
N ASP F 116 10.59 43.51 -10.91
CA ASP F 116 9.67 44.53 -11.46
C ASP F 116 10.35 45.22 -12.66
N LYS F 117 9.70 46.20 -13.25
CA LYS F 117 10.15 46.84 -14.51
C LYS F 117 11.34 47.78 -14.27
N SER F 118 11.68 48.13 -13.01
CA SER F 118 12.93 48.85 -12.63
C SER F 118 14.12 47.91 -12.64
N GLY F 119 13.88 46.59 -12.65
CA GLY F 119 14.95 45.57 -12.58
C GLY F 119 15.34 45.27 -11.15
N LYS F 120 14.42 45.50 -10.21
CA LYS F 120 14.61 45.30 -8.75
C LYS F 120 13.92 43.99 -8.34
N ILE F 121 14.62 43.12 -7.63
CA ILE F 121 14.06 41.85 -7.09
C ILE F 121 13.07 42.21 -5.98
N VAL F 122 11.78 42.00 -6.23
CA VAL F 122 10.69 42.41 -5.30
C VAL F 122 10.23 41.22 -4.46
N GLY F 123 10.60 40.00 -4.82
CA GLY F 123 10.14 38.82 -4.08
C GLY F 123 10.81 37.53 -4.49
N LYS F 124 10.97 36.62 -3.53
CA LYS F 124 11.57 35.27 -3.70
C LYS F 124 10.57 34.21 -3.22
N TYR F 125 10.61 33.02 -3.81
CA TYR F 125 9.81 31.83 -3.40
C TYR F 125 10.68 30.59 -3.60
N ARG F 126 10.57 29.62 -2.69
CA ARG F 126 11.31 28.32 -2.74
C ARG F 126 10.28 27.19 -2.84
N LYS F 127 10.43 26.32 -3.84
CA LYS F 127 9.49 25.23 -4.19
C LYS F 127 9.19 24.43 -2.93
N ILE F 128 7.91 24.34 -2.56
CA ILE F 128 7.48 23.65 -1.30
C ILE F 128 7.13 22.18 -1.61
N HIS F 129 6.50 21.91 -2.77
CA HIS F 129 6.10 20.54 -3.16
C HIS F 129 7.18 19.95 -4.07
N LEU F 130 7.98 19.03 -3.56
CA LEU F 130 9.06 18.35 -4.31
C LEU F 130 8.55 17.00 -4.81
N PRO F 131 8.58 16.72 -6.12
CA PRO F 131 8.13 15.45 -6.67
C PRO F 131 9.27 14.43 -6.79
N GLY F 132 8.96 13.27 -7.38
CA GLY F 132 9.93 12.20 -7.64
C GLY F 132 10.33 11.49 -6.37
N HIS F 133 11.62 11.25 -6.18
CA HIS F 133 12.17 10.26 -5.22
C HIS F 133 13.53 10.75 -4.70
N LYS F 134 14.00 10.07 -3.65
CA LYS F 134 15.15 10.46 -2.79
C LYS F 134 16.40 9.67 -3.21
N GLU F 135 16.25 8.37 -3.48
CA GLU F 135 17.40 7.45 -3.75
C GLU F 135 17.40 7.06 -5.23
N TYR F 136 18.57 6.71 -5.76
CA TYR F 136 18.79 6.20 -7.14
C TYR F 136 17.93 4.94 -7.37
N GLU F 137 17.25 4.90 -8.51
CA GLU F 137 16.35 3.78 -8.92
C GLU F 137 16.77 3.35 -10.32
N ALA F 138 17.57 2.29 -10.41
CA ALA F 138 18.35 1.90 -11.61
C ALA F 138 17.44 1.62 -12.80
N TYR F 139 16.21 1.12 -12.57
CA TYR F 139 15.24 0.72 -13.61
C TYR F 139 14.86 1.95 -14.46
N ARG F 140 14.80 3.14 -13.82
CA ARG F 140 14.36 4.38 -14.50
C ARG F 140 15.36 4.72 -15.59
N PRO F 141 14.90 4.95 -16.85
CA PRO F 141 15.77 5.42 -17.92
C PRO F 141 16.38 6.80 -17.57
N PHE F 142 15.60 7.62 -16.85
CA PHE F 142 16.06 8.89 -16.23
C PHE F 142 15.49 8.98 -14.81
N GLN F 143 16.23 9.62 -13.90
CA GLN F 143 15.84 9.87 -12.49
C GLN F 143 15.01 11.15 -12.39
N HIS F 144 14.42 11.41 -11.21
CA HIS F 144 13.78 12.70 -10.84
C HIS F 144 14.06 12.97 -9.36
N LEU F 145 15.31 13.34 -9.03
CA LEU F 145 15.84 13.30 -7.65
C LEU F 145 15.74 14.68 -6.99
N GLU F 146 14.63 15.37 -7.17
CA GLU F 146 14.37 16.69 -6.54
C GLU F 146 14.39 16.57 -5.00
N LYS F 147 13.93 15.44 -4.45
CA LYS F 147 13.85 15.21 -2.97
C LYS F 147 15.26 15.03 -2.40
N ARG F 148 16.23 14.73 -3.25
CA ARG F 148 17.66 14.55 -2.85
C ARG F 148 18.37 15.91 -2.99
N TYR F 149 18.15 16.62 -4.08
CA TYR F 149 18.94 17.81 -4.50
C TYR F 149 18.33 19.11 -3.97
N PHE F 150 17.13 19.06 -3.39
CA PHE F 150 16.44 20.24 -2.81
C PHE F 150 15.83 19.88 -1.47
N GLU F 151 15.82 20.85 -0.55
CA GLU F 151 14.98 20.83 0.67
C GLU F 151 13.66 21.54 0.35
N PRO F 152 12.53 21.14 0.98
CA PRO F 152 11.29 21.90 0.83
C PRO F 152 11.47 23.38 1.25
N GLY F 153 10.98 24.31 0.43
CA GLY F 153 11.05 25.76 0.66
C GLY F 153 10.48 26.18 2.01
N ASP F 154 11.01 27.26 2.58
CA ASP F 154 10.73 27.70 3.98
C ASP F 154 10.12 29.10 3.99
N LEU F 155 9.75 29.66 2.83
CA LEU F 155 9.19 31.04 2.70
C LEU F 155 7.66 31.01 2.57
N GLY F 156 7.05 29.83 2.47
CA GLY F 156 5.59 29.70 2.32
C GLY F 156 5.18 30.04 0.90
N PHE F 157 3.93 30.49 0.73
CA PHE F 157 3.34 30.95 -0.54
C PHE F 157 3.07 32.44 -0.45
N PRO F 158 4.10 33.31 -0.56
CA PRO F 158 3.89 34.75 -0.45
C PRO F 158 3.23 35.33 -1.71
N VAL F 159 2.63 36.52 -1.58
CA VAL F 159 2.11 37.33 -2.72
C VAL F 159 2.77 38.71 -2.62
N TYR F 160 3.34 39.21 -3.71
CA TYR F 160 4.13 40.48 -3.76
C TYR F 160 3.43 41.47 -4.68
N ASP F 161 3.50 42.76 -4.34
CA ASP F 161 3.18 43.89 -5.23
C ASP F 161 4.29 44.00 -6.27
N VAL F 162 3.95 43.86 -7.54
CA VAL F 162 4.89 43.96 -8.69
C VAL F 162 4.27 44.95 -9.68
N ASP F 163 4.73 46.20 -9.68
CA ASP F 163 4.16 47.28 -10.50
C ASP F 163 2.64 47.31 -10.17
N ALA F 164 1.75 47.16 -11.14
CA ALA F 164 0.29 47.31 -10.88
C ALA F 164 -0.35 46.05 -10.28
N ALA F 165 0.39 44.93 -10.18
CA ALA F 165 -0.20 43.58 -9.98
C ALA F 165 0.18 43.02 -8.60
N LYS F 166 -0.78 42.33 -7.96
CA LYS F 166 -0.54 41.34 -6.89
C LYS F 166 -0.14 40.01 -7.56
N MET F 167 1.12 39.59 -7.40
CA MET F 167 1.67 38.39 -8.09
C MET F 167 2.15 37.37 -7.06
N GLY F 168 1.77 36.11 -7.25
CA GLY F 168 2.25 34.95 -6.48
C GLY F 168 2.98 33.98 -7.37
N MET F 169 3.91 33.22 -6.81
CA MET F 169 4.75 32.24 -7.55
C MET F 169 4.39 30.82 -7.11
N PHE F 170 4.33 29.92 -8.08
CA PHE F 170 4.44 28.45 -7.89
C PHE F 170 5.69 28.02 -8.66
N ILE F 171 6.25 26.87 -8.33
CA ILE F 171 7.29 26.20 -9.17
C ILE F 171 6.78 24.79 -9.49
N ALA F 172 6.61 24.54 -10.80
CA ALA F 172 6.23 23.28 -11.46
C ALA F 172 5.21 22.48 -10.64
N ASN F 173 5.67 21.49 -9.87
CA ASN F 173 4.80 20.48 -9.18
C ASN F 173 3.75 21.18 -8.32
N ASP F 174 4.09 22.33 -7.73
CA ASP F 174 3.18 23.20 -6.93
C ASP F 174 1.82 23.36 -7.65
N ARG F 175 1.82 23.42 -9.00
CA ARG F 175 0.61 23.79 -9.77
C ARG F 175 -0.47 22.71 -9.62
N ARG F 176 -0.10 21.51 -9.15
CA ARG F 176 -1.04 20.36 -9.04
C ARG F 176 -1.70 20.40 -7.66
N TRP F 177 -1.24 21.27 -6.75
CA TRP F 177 -1.68 21.30 -5.33
C TRP F 177 -2.63 22.45 -5.10
N PRO F 178 -3.93 22.19 -4.82
CA PRO F 178 -4.90 23.24 -4.57
C PRO F 178 -4.51 24.18 -3.42
N GLU F 179 -3.80 23.65 -2.42
CA GLU F 179 -3.35 24.38 -1.20
C GLU F 179 -2.45 25.55 -1.60
N ALA F 180 -1.56 25.36 -2.59
CA ALA F 180 -0.63 26.39 -3.06
C ALA F 180 -1.42 27.56 -3.63
N TRP F 181 -2.35 27.25 -4.53
CA TRP F 181 -3.24 28.24 -5.22
C TRP F 181 -4.07 28.96 -4.17
N ARG F 182 -4.66 28.22 -3.23
CA ARG F 182 -5.69 28.76 -2.31
C ARG F 182 -5.04 29.77 -1.37
N VAL F 183 -3.91 29.41 -0.76
CA VAL F 183 -3.16 30.31 0.16
C VAL F 183 -2.91 31.63 -0.57
N MET F 184 -2.44 31.56 -1.82
CA MET F 184 -2.09 32.78 -2.58
C MET F 184 -3.36 33.51 -3.01
N GLY F 185 -4.44 32.78 -3.28
CA GLY F 185 -5.77 33.34 -3.56
C GLY F 185 -6.31 34.09 -2.37
N LEU F 186 -6.13 33.55 -1.16
CA LEU F 186 -6.58 34.18 0.11
C LEU F 186 -5.75 35.45 0.37
N ARG F 187 -4.51 35.53 -0.10
CA ARG F 187 -3.62 36.72 0.03
C ARG F 187 -3.87 37.72 -1.11
N GLY F 188 -4.80 37.45 -2.01
CA GLY F 188 -5.35 38.40 -3.00
C GLY F 188 -4.58 38.42 -4.32
N ALA F 189 -3.87 37.34 -4.68
CA ALA F 189 -3.06 37.27 -5.90
C ALA F 189 -3.97 37.45 -7.12
N GLU F 190 -3.55 38.28 -8.07
CA GLU F 190 -4.27 38.56 -9.35
C GLU F 190 -3.58 37.80 -10.49
N ILE F 191 -2.27 37.55 -10.37
CA ILE F 191 -1.49 36.69 -11.30
C ILE F 191 -0.74 35.66 -10.45
N ILE F 192 -0.84 34.39 -10.82
CA ILE F 192 -0.05 33.29 -10.21
C ILE F 192 0.79 32.68 -11.34
N CYS F 193 2.12 32.71 -11.23
CA CYS F 193 2.98 32.32 -12.36
C CYS F 193 4.18 31.50 -11.88
N GLY F 194 4.76 30.77 -12.81
CA GLY F 194 5.94 29.92 -12.58
C GLY F 194 6.25 29.13 -13.82
N GLY F 195 7.17 28.19 -13.70
CA GLY F 195 7.59 27.37 -14.83
C GLY F 195 7.70 25.93 -14.43
N TYR F 196 8.04 25.07 -15.38
CA TYR F 196 8.02 23.62 -15.17
C TYR F 196 9.00 22.91 -16.09
N ASN F 197 9.53 21.79 -15.58
CA ASN F 197 10.19 20.72 -16.36
C ASN F 197 9.39 19.44 -16.11
N THR F 198 8.51 19.07 -17.04
CA THR F 198 7.54 17.94 -16.87
C THR F 198 7.78 16.85 -17.91
N PRO F 199 8.45 15.73 -17.55
CA PRO F 199 8.60 14.60 -18.47
C PRO F 199 7.25 14.05 -18.92
N THR F 200 7.16 13.61 -20.17
CA THR F 200 5.98 12.96 -20.79
C THR F 200 5.99 11.46 -20.50
N HIS F 201 7.09 10.93 -19.93
CA HIS F 201 7.22 9.53 -19.41
C HIS F 201 7.43 9.59 -17.90
N ASN F 202 6.59 8.87 -17.14
CA ASN F 202 6.72 8.68 -15.66
C ASN F 202 6.93 7.19 -15.42
N PRO F 203 8.19 6.76 -15.15
CA PRO F 203 8.53 5.34 -15.05
C PRO F 203 7.68 4.50 -14.09
N PRO F 204 7.35 4.97 -12.86
CA PRO F 204 6.46 4.23 -11.96
C PRO F 204 4.97 4.24 -12.34
N VAL F 205 4.52 5.21 -13.14
CA VAL F 205 3.09 5.29 -13.55
C VAL F 205 3.00 5.58 -15.05
N PRO F 206 3.55 4.71 -15.92
CA PRO F 206 3.56 4.96 -17.36
C PRO F 206 2.17 5.03 -17.99
N GLN F 207 1.15 4.55 -17.27
CA GLN F 207 -0.25 4.45 -17.76
C GLN F 207 -0.95 5.83 -17.69
N HIS F 208 -0.26 6.89 -17.24
CA HIS F 208 -0.75 8.29 -17.30
C HIS F 208 0.10 9.14 -18.26
N ASP F 209 1.01 8.54 -19.04
CA ASP F 209 1.92 9.26 -19.98
C ASP F 209 1.11 10.07 -21.00
N HIS F 210 0.08 9.47 -21.59
CA HIS F 210 -0.79 10.05 -22.64
C HIS F 210 -1.68 11.16 -22.07
N LEU F 211 -1.66 11.36 -20.75
CA LEU F 211 -2.46 12.38 -20.01
C LEU F 211 -1.57 13.53 -19.54
N THR F 212 -0.30 13.58 -19.96
CA THR F 212 0.67 14.59 -19.43
C THR F 212 0.12 15.99 -19.69
N SER F 213 -0.28 16.31 -20.91
CA SER F 213 -0.84 17.62 -21.29
C SER F 213 -2.11 17.89 -20.49
N PHE F 214 -3.07 16.96 -20.56
CA PHE F 214 -4.38 17.03 -19.87
C PHE F 214 -4.17 17.45 -18.42
N HIS F 215 -3.28 16.75 -17.70
CA HIS F 215 -3.05 16.93 -16.25
C HIS F 215 -2.42 18.29 -15.95
N HIS F 216 -1.47 18.72 -16.80
CA HIS F 216 -0.81 20.04 -16.70
C HIS F 216 -1.88 21.13 -16.84
N LEU F 217 -2.62 21.13 -17.95
CA LEU F 217 -3.60 22.18 -18.29
C LEU F 217 -4.76 22.15 -17.30
N LEU F 218 -5.19 20.94 -16.90
CA LEU F 218 -6.28 20.79 -15.91
C LEU F 218 -5.88 21.52 -14.62
N SER F 219 -4.61 21.37 -14.20
CA SER F 219 -4.10 21.99 -12.95
C SER F 219 -4.13 23.52 -13.07
N MET F 220 -3.78 24.08 -14.23
CA MET F 220 -3.66 25.54 -14.42
C MET F 220 -5.05 26.17 -14.50
N GLN F 221 -5.96 25.52 -15.22
CA GLN F 221 -7.35 26.02 -15.42
C GLN F 221 -8.10 25.99 -14.08
N ALA F 222 -7.99 24.91 -13.31
CA ALA F 222 -8.70 24.73 -12.02
C ALA F 222 -8.18 25.75 -11.00
N GLY F 223 -6.87 25.89 -10.86
CA GLY F 223 -6.25 26.86 -9.94
C GLY F 223 -6.75 28.27 -10.23
N SER F 224 -6.74 28.69 -11.49
CA SER F 224 -7.14 30.03 -11.99
C SER F 224 -8.61 30.27 -11.66
N TYR F 225 -9.48 29.34 -12.03
CA TYR F 225 -10.94 29.43 -11.84
C TYR F 225 -11.27 29.55 -10.35
N GLN F 226 -10.76 28.62 -9.55
CA GLN F 226 -11.18 28.45 -8.12
C GLN F 226 -10.69 29.63 -7.27
N ASN F 227 -9.73 30.40 -7.76
CA ASN F 227 -9.13 31.56 -7.04
C ASN F 227 -9.34 32.85 -7.83
N GLY F 228 -10.05 32.80 -8.96
CA GLY F 228 -10.28 33.97 -9.82
C GLY F 228 -8.97 34.72 -10.06
N ALA F 229 -7.94 33.99 -10.46
CA ALA F 229 -6.57 34.47 -10.73
C ALA F 229 -6.19 34.23 -12.20
N TRP F 230 -5.59 35.25 -12.84
CA TRP F 230 -4.72 35.08 -14.02
C TRP F 230 -3.58 34.16 -13.63
N SER F 231 -3.18 33.25 -14.52
CA SER F 231 -2.00 32.37 -14.30
C SER F 231 -1.23 32.22 -15.62
N ALA F 232 0.03 31.85 -15.49
CA ALA F 232 0.99 31.66 -16.58
C ALA F 232 1.97 30.56 -16.16
N ALA F 233 2.19 29.58 -17.01
CA ALA F 233 3.13 28.46 -16.78
C ALA F 233 4.13 28.45 -17.92
N ALA F 234 5.41 28.69 -17.62
CA ALA F 234 6.53 28.68 -18.59
C ALA F 234 7.27 27.33 -18.51
N GLY F 235 7.16 26.55 -19.58
CA GLY F 235 7.82 25.23 -19.67
C GLY F 235 9.24 25.37 -20.18
N LYS F 236 10.12 24.49 -19.71
CA LYS F 236 11.32 24.06 -20.47
C LYS F 236 10.95 22.69 -21.05
N VAL F 237 11.06 22.54 -22.37
CA VAL F 237 10.27 21.58 -23.19
C VAL F 237 11.19 20.93 -24.23
N GLY F 238 10.76 19.83 -24.84
CA GLY F 238 11.44 19.19 -25.97
C GLY F 238 12.37 18.07 -25.53
N MET F 239 13.17 17.53 -26.46
CA MET F 239 14.14 16.44 -26.19
C MET F 239 15.39 17.05 -25.56
N GLU F 240 15.49 16.98 -24.23
CA GLU F 240 16.65 17.47 -23.43
C GLU F 240 17.40 16.25 -22.90
N GLU F 241 18.65 16.09 -23.32
CA GLU F 241 19.54 14.96 -22.91
C GLU F 241 18.71 13.66 -22.95
N ASN F 242 18.00 13.46 -24.06
CA ASN F 242 17.25 12.24 -24.48
C ASN F 242 16.06 11.96 -23.55
N CYS F 243 15.62 12.94 -22.75
CA CYS F 243 14.31 12.90 -22.04
C CYS F 243 13.38 13.91 -22.68
N MET F 244 12.17 13.49 -23.05
CA MET F 244 11.14 14.40 -23.65
C MET F 244 10.43 15.17 -22.54
N LEU F 245 10.43 16.51 -22.61
CA LEU F 245 9.75 17.42 -21.63
C LEU F 245 8.50 18.01 -22.29
N LEU F 246 7.37 18.02 -21.57
CA LEU F 246 6.06 18.51 -22.07
C LEU F 246 6.18 20.00 -22.43
N GLY F 247 5.59 20.39 -23.56
CA GLY F 247 5.37 21.78 -23.96
C GLY F 247 4.10 22.33 -23.35
N HIS F 248 3.23 22.91 -24.17
CA HIS F 248 1.95 23.53 -23.76
C HIS F 248 2.16 24.53 -22.62
N SER F 249 3.18 25.37 -22.72
CA SER F 249 3.31 26.62 -21.92
C SER F 249 2.04 27.43 -22.17
N CYS F 250 1.50 28.12 -21.16
CA CYS F 250 0.14 28.71 -21.26
C CYS F 250 0.00 29.96 -20.41
N ILE F 251 -0.90 30.84 -20.84
CA ILE F 251 -1.52 31.92 -20.01
C ILE F 251 -3.01 31.57 -19.89
N VAL F 252 -3.58 31.84 -18.70
CA VAL F 252 -4.96 31.45 -18.34
C VAL F 252 -5.66 32.64 -17.68
N ALA F 253 -6.93 32.88 -18.00
CA ALA F 253 -7.79 33.93 -17.41
C ALA F 253 -8.36 33.47 -16.06
N PRO F 254 -8.90 34.39 -15.24
CA PRO F 254 -9.48 34.01 -13.95
C PRO F 254 -10.71 33.07 -14.06
N THR F 255 -11.30 32.95 -15.24
CA THR F 255 -12.39 31.99 -15.54
C THR F 255 -11.82 30.58 -15.71
N GLY F 256 -10.49 30.45 -15.88
CA GLY F 256 -9.80 29.18 -16.20
C GLY F 256 -9.76 28.91 -17.70
N GLU F 257 -10.13 29.88 -18.54
CA GLU F 257 -10.00 29.79 -20.01
C GLU F 257 -8.52 29.96 -20.38
N ILE F 258 -8.00 29.10 -21.26
CA ILE F 258 -6.63 29.20 -21.82
C ILE F 258 -6.65 30.31 -22.88
N VAL F 259 -5.98 31.43 -22.64
CA VAL F 259 -5.98 32.61 -23.54
C VAL F 259 -4.71 32.63 -24.39
N ALA F 260 -3.68 31.85 -24.06
CA ALA F 260 -2.51 31.65 -24.94
C ALA F 260 -1.87 30.29 -24.63
N LEU F 261 -1.24 29.69 -25.65
CA LEU F 261 -0.69 28.31 -25.62
C LEU F 261 0.42 28.20 -26.65
N THR F 262 1.56 27.63 -26.27
CA THR F 262 2.69 27.31 -27.20
C THR F 262 2.32 26.07 -28.01
N THR F 263 2.86 25.98 -29.22
CA THR F 263 2.65 24.86 -30.18
C THR F 263 3.97 24.30 -30.70
N THR F 264 5.12 24.86 -30.33
CA THR F 264 6.47 24.32 -30.66
C THR F 264 7.10 23.71 -29.41
N LEU F 265 8.17 22.92 -29.58
CA LEU F 265 9.05 22.43 -28.48
C LEU F 265 10.39 23.18 -28.54
N GLU F 266 10.33 24.50 -28.71
CA GLU F 266 11.52 25.38 -28.86
C GLU F 266 11.29 26.69 -28.10
N ASP F 267 12.32 27.52 -27.98
CA ASP F 267 12.16 28.90 -27.45
C ASP F 267 10.95 29.49 -28.15
N GLU F 268 9.90 29.79 -27.41
CA GLU F 268 8.68 30.40 -27.98
C GLU F 268 8.14 31.40 -26.98
N VAL F 269 7.72 32.56 -27.49
CA VAL F 269 7.08 33.65 -26.69
C VAL F 269 5.59 33.66 -27.03
N ILE F 270 4.75 33.66 -26.00
CA ILE F 270 3.28 33.89 -26.14
C ILE F 270 2.91 35.05 -25.20
N THR F 271 1.90 35.83 -25.58
CA THR F 271 1.39 36.99 -24.82
C THR F 271 -0.13 36.94 -24.75
N ALA F 272 -0.70 37.58 -23.73
CA ALA F 272 -2.16 37.80 -23.59
C ALA F 272 -2.39 39.14 -22.91
N ALA F 273 -3.46 39.83 -23.31
CA ALA F 273 -3.99 41.04 -22.65
C ALA F 273 -4.50 40.62 -21.28
N VAL F 274 -3.95 41.18 -20.20
CA VAL F 274 -4.38 40.90 -18.80
C VAL F 274 -5.10 42.14 -18.27
N ASP F 275 -6.36 41.93 -17.85
CA ASP F 275 -7.17 42.93 -17.13
C ASP F 275 -7.33 42.47 -15.68
N LEU F 276 -6.61 43.07 -14.75
CA LEU F 276 -6.53 42.63 -13.33
C LEU F 276 -7.89 42.82 -12.64
N ASP F 277 -8.79 43.63 -13.20
CA ASP F 277 -10.15 43.87 -12.66
C ASP F 277 -11.06 42.65 -12.91
N ARG F 278 -10.66 41.76 -13.81
CA ARG F 278 -11.47 40.58 -14.21
C ARG F 278 -11.51 39.54 -13.08
N CYS F 279 -10.58 39.61 -12.14
CA CYS F 279 -10.56 38.75 -10.93
C CYS F 279 -11.88 38.92 -10.17
N ARG F 280 -12.50 40.11 -10.21
CA ARG F 280 -13.73 40.44 -9.47
C ARG F 280 -14.90 39.55 -9.91
N GLU F 281 -14.94 39.20 -11.19
CA GLU F 281 -16.05 38.42 -11.79
C GLU F 281 -16.26 37.13 -11.01
N LEU F 282 -15.21 36.59 -10.41
CA LEU F 282 -15.26 35.35 -9.59
C LEU F 282 -15.23 35.67 -8.09
N ARG F 283 -14.33 36.59 -7.70
CA ARG F 283 -13.99 36.83 -6.26
C ARG F 283 -15.07 37.65 -5.56
N GLU F 284 -15.98 38.28 -6.31
CA GLU F 284 -17.08 39.08 -5.72
C GLU F 284 -18.42 38.36 -5.89
N HIS F 285 -18.45 37.19 -6.53
CA HIS F 285 -19.71 36.46 -6.84
C HIS F 285 -19.55 34.99 -6.48
N ILE F 286 -19.34 34.12 -7.47
CA ILE F 286 -19.33 32.64 -7.29
C ILE F 286 -18.30 32.24 -6.23
N PHE F 287 -17.12 32.87 -6.23
CA PHE F 287 -16.00 32.58 -5.28
C PHE F 287 -15.73 33.81 -4.44
N ASN F 288 -16.83 34.39 -3.91
CA ASN F 288 -16.78 35.37 -2.80
C ASN F 288 -16.43 34.62 -1.52
N PHE F 289 -15.15 34.62 -1.17
CA PHE F 289 -14.57 33.83 -0.07
C PHE F 289 -15.25 34.11 1.26
N LYS F 290 -15.23 35.37 1.71
CA LYS F 290 -15.79 35.77 3.03
C LYS F 290 -17.25 35.32 3.13
N GLN F 291 -17.97 35.35 2.02
CA GLN F 291 -19.45 35.20 1.97
C GLN F 291 -19.86 33.71 1.93
N HIS F 292 -19.00 32.82 1.42
CA HIS F 292 -19.34 31.42 1.08
C HIS F 292 -18.52 30.42 1.92
N ARG F 293 -17.26 30.71 2.19
CA ARG F 293 -16.33 29.75 2.84
C ARG F 293 -16.76 29.51 4.28
N GLN F 294 -16.63 28.27 4.75
CA GLN F 294 -16.92 27.81 6.13
C GLN F 294 -15.68 27.13 6.68
N PRO F 295 -14.62 27.93 6.99
CA PRO F 295 -13.31 27.38 7.35
C PRO F 295 -13.27 26.52 8.62
N GLN F 296 -14.34 26.53 9.44
CA GLN F 296 -14.42 25.68 10.64
C GLN F 296 -14.50 24.20 10.23
N HIS F 297 -14.85 23.91 8.97
CA HIS F 297 -14.96 22.53 8.44
C HIS F 297 -13.73 22.13 7.64
N TYR F 298 -12.71 23.00 7.49
CA TYR F 298 -11.56 22.77 6.58
C TYR F 298 -10.27 22.41 7.36
N GLY F 299 -10.35 22.29 8.69
CA GLY F 299 -9.21 22.19 9.63
C GLY F 299 -8.24 21.08 9.28
N LEU F 300 -8.71 19.94 8.76
CA LEU F 300 -7.88 18.74 8.44
C LEU F 300 -6.79 19.11 7.41
N ILE F 301 -7.04 20.14 6.57
CA ILE F 301 -6.11 20.57 5.50
C ILE F 301 -4.82 21.15 6.13
N ALA F 302 -4.89 21.72 7.34
CA ALA F 302 -3.82 22.50 8.00
C ALA F 302 -3.15 21.68 9.12
N GLU F 303 -3.55 20.42 9.32
CA GLU F 303 -3.01 19.54 10.39
C GLU F 303 -1.61 19.04 10.02
N LEU F 304 -0.63 19.20 10.93
CA LEU F 304 0.83 19.00 10.71
C LEU F 304 1.21 17.51 10.54
N THR G 2 -18.94 -32.51 18.50
CA THR G 2 -19.51 -31.44 17.63
C THR G 2 -18.38 -30.47 17.25
N ARG G 3 -18.01 -29.58 18.18
CA ARG G 3 -16.99 -28.51 17.99
C ARG G 3 -15.64 -29.00 18.56
N GLN G 4 -15.61 -30.22 19.08
CA GLN G 4 -14.39 -30.89 19.62
C GLN G 4 -13.97 -32.04 18.71
N MET G 5 -12.67 -32.12 18.40
CA MET G 5 -12.07 -33.24 17.65
C MET G 5 -10.65 -33.46 18.18
N ILE G 6 -9.99 -34.51 17.70
CA ILE G 6 -8.54 -34.75 17.97
C ILE G 6 -7.80 -34.70 16.64
N LEU G 7 -6.90 -33.73 16.50
CA LEU G 7 -6.08 -33.49 15.29
C LEU G 7 -4.75 -34.23 15.47
N ALA G 8 -4.33 -34.97 14.45
CA ALA G 8 -3.05 -35.70 14.42
C ALA G 8 -2.17 -35.09 13.33
N VAL G 9 -0.86 -35.25 13.48
CA VAL G 9 0.15 -34.94 12.44
C VAL G 9 0.94 -36.23 12.22
N GLY G 10 1.08 -36.68 10.97
CA GLY G 10 1.93 -37.82 10.58
C GLY G 10 3.21 -37.32 9.94
N GLN G 11 4.23 -37.06 10.77
CA GLN G 11 5.58 -36.65 10.31
C GLN G 11 6.20 -37.85 9.60
N GLN G 12 6.89 -37.61 8.48
CA GLN G 12 7.58 -38.64 7.69
C GLN G 12 9.09 -38.49 7.87
N GLY G 13 9.77 -39.60 8.19
CA GLY G 13 11.22 -39.69 8.03
C GLY G 13 11.57 -39.62 6.54
N PRO G 14 12.86 -39.75 6.17
CA PRO G 14 13.25 -39.72 4.75
C PRO G 14 12.50 -40.73 3.84
N ILE G 15 12.26 -40.32 2.59
CA ILE G 15 11.91 -41.20 1.45
C ILE G 15 13.09 -41.18 0.46
N ALA G 16 13.75 -42.33 0.29
CA ALA G 16 14.89 -42.52 -0.63
C ALA G 16 14.34 -42.50 -2.06
N ARG G 17 15.17 -42.10 -3.02
CA ARG G 17 14.81 -42.09 -4.48
C ARG G 17 14.31 -43.48 -4.91
N ALA G 18 14.79 -44.55 -4.27
CA ALA G 18 14.56 -45.98 -4.62
C ALA G 18 13.32 -46.52 -3.89
N GLU G 19 12.72 -45.72 -2.99
CA GLU G 19 11.51 -46.12 -2.26
C GLU G 19 10.29 -45.85 -3.15
N THR G 20 9.53 -46.91 -3.48
CA THR G 20 8.32 -46.86 -4.35
C THR G 20 7.18 -46.15 -3.63
N ARG G 21 6.21 -45.62 -4.35
CA ARG G 21 4.94 -45.06 -3.80
C ARG G 21 4.23 -46.12 -2.94
N GLU G 22 4.32 -47.38 -3.36
CA GLU G 22 3.70 -48.57 -2.70
C GLU G 22 4.27 -48.69 -1.27
N GLN G 23 5.59 -48.50 -1.10
CA GLN G 23 6.30 -48.66 0.19
C GLN G 23 6.04 -47.43 1.08
N VAL G 24 5.87 -46.25 0.48
CA VAL G 24 5.49 -45.01 1.22
C VAL G 24 4.06 -45.13 1.74
N VAL G 25 3.13 -45.69 0.94
CA VAL G 25 1.70 -45.80 1.33
C VAL G 25 1.59 -46.68 2.58
N VAL G 26 2.38 -47.74 2.65
CA VAL G 26 2.49 -48.66 3.84
C VAL G 26 2.87 -47.81 5.06
N ARG G 27 3.87 -46.96 4.94
CA ARG G 27 4.35 -46.05 6.01
C ARG G 27 3.24 -45.09 6.42
N LEU G 28 2.53 -44.51 5.45
CA LEU G 28 1.36 -43.62 5.72
C LEU G 28 0.23 -44.42 6.37
N LEU G 29 -0.03 -45.66 5.92
CA LEU G 29 -1.11 -46.52 6.50
C LEU G 29 -0.82 -46.79 7.98
N ASP G 30 0.42 -47.14 8.30
CA ASP G 30 0.91 -47.44 9.68
C ASP G 30 0.66 -46.22 10.60
N MET G 31 1.02 -45.03 10.14
CA MET G 31 0.85 -43.79 10.95
C MET G 31 -0.63 -43.48 11.10
N LEU G 32 -1.40 -43.67 10.04
CA LEU G 32 -2.87 -43.44 10.01
C LEU G 32 -3.55 -44.41 11.00
N THR G 33 -2.96 -45.60 11.22
CA THR G 33 -3.48 -46.63 12.15
C THR G 33 -3.17 -46.20 13.60
N LYS G 34 -1.99 -45.68 13.86
CA LYS G 34 -1.55 -45.25 15.21
C LYS G 34 -2.35 -44.01 15.63
N ALA G 35 -2.72 -43.14 14.69
CA ALA G 35 -3.52 -41.92 14.96
C ALA G 35 -4.93 -42.31 15.39
N ALA G 36 -5.54 -43.27 14.70
CA ALA G 36 -6.85 -43.87 15.04
C ALA G 36 -6.82 -44.38 16.48
N SER G 37 -5.79 -45.14 16.83
CA SER G 37 -5.64 -45.80 18.15
C SER G 37 -5.44 -44.75 19.26
N ARG G 38 -5.08 -43.51 18.91
CA ARG G 38 -4.91 -42.40 19.88
C ARG G 38 -6.11 -41.45 19.79
N GLY G 39 -7.14 -41.82 19.00
CA GLY G 39 -8.46 -41.18 18.97
C GLY G 39 -8.55 -40.07 17.95
N ALA G 40 -7.64 -40.02 16.99
CA ALA G 40 -7.56 -38.94 15.96
C ALA G 40 -8.77 -39.00 15.01
N ASN G 41 -9.33 -37.84 14.65
CA ASN G 41 -10.44 -37.68 13.67
C ASN G 41 -9.88 -37.15 12.34
N PHE G 42 -8.67 -36.61 12.34
CA PHE G 42 -8.01 -36.00 11.16
C PHE G 42 -6.50 -36.11 11.34
N ILE G 43 -5.76 -36.38 10.27
CA ILE G 43 -4.27 -36.43 10.30
C ILE G 43 -3.71 -35.61 9.14
N VAL G 44 -2.73 -34.75 9.44
CA VAL G 44 -1.98 -33.90 8.47
C VAL G 44 -0.73 -34.67 8.07
N PHE G 45 -0.52 -34.86 6.76
CA PHE G 45 0.68 -35.50 6.17
C PHE G 45 1.51 -34.43 5.47
N PRO G 46 2.81 -34.70 5.17
CA PRO G 46 3.70 -33.66 4.67
C PRO G 46 3.47 -33.21 3.22
N GLU G 47 4.21 -32.18 2.83
CA GLU G 47 4.33 -31.71 1.43
C GLU G 47 5.00 -32.83 0.61
N LEU G 48 4.52 -33.06 -0.62
CA LEU G 48 5.14 -34.05 -1.56
C LEU G 48 5.43 -35.34 -0.77
N ALA G 49 4.38 -35.93 -0.21
CA ALA G 49 4.45 -37.01 0.81
C ALA G 49 4.67 -38.38 0.16
N LEU G 50 4.59 -38.49 -1.18
CA LEU G 50 4.56 -39.79 -1.92
C LEU G 50 5.95 -40.10 -2.50
N THR G 51 6.89 -39.15 -2.45
CA THR G 51 8.22 -39.30 -3.08
C THR G 51 9.30 -38.58 -2.29
N THR G 52 10.55 -38.94 -2.55
CA THR G 52 11.76 -38.14 -2.20
C THR G 52 11.52 -36.71 -2.70
N PHE G 53 12.24 -35.75 -2.15
CA PHE G 53 12.10 -34.31 -2.51
C PHE G 53 12.97 -34.05 -3.74
N PHE G 54 12.40 -34.33 -4.91
CA PHE G 54 13.08 -34.31 -6.23
C PHE G 54 13.57 -32.92 -6.63
N PRO G 55 13.01 -31.79 -6.13
CA PRO G 55 13.54 -30.48 -6.45
C PRO G 55 14.98 -30.21 -5.96
N ARG G 56 15.59 -31.17 -5.25
CA ARG G 56 17.01 -31.04 -4.83
C ARG G 56 17.96 -31.41 -5.99
N TRP G 57 17.45 -31.99 -7.07
CA TRP G 57 18.27 -32.38 -8.27
C TRP G 57 17.89 -31.56 -9.49
N HIS G 58 18.91 -31.27 -10.31
CA HIS G 58 18.79 -30.79 -11.72
C HIS G 58 18.46 -31.98 -12.63
N PHE G 59 17.36 -31.90 -13.37
CA PHE G 59 16.93 -32.92 -14.36
C PHE G 59 17.09 -32.34 -15.76
N THR G 60 17.63 -33.17 -16.66
CA THR G 60 17.78 -32.90 -18.12
C THR G 60 16.67 -33.66 -18.88
N ASP G 61 16.32 -34.87 -18.40
CA ASP G 61 15.31 -35.77 -19.01
C ASP G 61 13.94 -35.47 -18.36
N GLU G 62 12.94 -35.12 -19.18
CA GLU G 62 11.61 -34.67 -18.72
C GLU G 62 10.71 -35.87 -18.40
N ALA G 63 10.97 -37.04 -18.94
CA ALA G 63 10.30 -38.30 -18.53
C ALA G 63 10.70 -38.66 -17.09
N GLU G 64 11.99 -38.50 -16.77
CA GLU G 64 12.55 -38.75 -15.39
C GLU G 64 11.86 -37.78 -14.40
N LEU G 65 11.73 -36.52 -14.78
CA LEU G 65 11.08 -35.46 -13.96
C LEU G 65 9.60 -35.79 -13.72
N ASP G 66 8.88 -36.17 -14.77
CA ASP G 66 7.42 -36.44 -14.74
C ASP G 66 7.14 -37.63 -13.81
N SER G 67 8.07 -38.58 -13.71
CA SER G 67 7.87 -39.83 -12.94
C SER G 67 7.58 -39.54 -11.45
N PHE G 68 7.96 -38.35 -10.95
CA PHE G 68 7.72 -37.90 -9.54
C PHE G 68 6.34 -37.25 -9.36
N TYR G 69 5.58 -37.02 -10.44
CA TYR G 69 4.25 -36.35 -10.40
C TYR G 69 3.11 -37.38 -10.48
N GLU G 70 1.95 -37.02 -9.96
CA GLU G 70 0.68 -37.81 -10.05
C GLU G 70 -0.17 -37.23 -11.19
N THR G 71 -0.72 -38.09 -12.05
CA THR G 71 -1.65 -37.68 -13.14
C THR G 71 -3.10 -37.77 -12.65
N GLU G 72 -3.32 -38.35 -11.46
CA GLU G 72 -4.66 -38.57 -10.89
C GLU G 72 -4.53 -38.73 -9.38
N MET G 73 -5.64 -38.48 -8.69
CA MET G 73 -5.69 -38.47 -7.20
C MET G 73 -7.12 -38.81 -6.79
N PRO G 74 -7.36 -40.00 -6.18
CA PRO G 74 -6.32 -41.03 -6.00
C PRO G 74 -6.06 -41.89 -7.25
N GLY G 75 -4.82 -42.35 -7.40
CA GLY G 75 -4.44 -43.41 -8.33
C GLY G 75 -4.48 -44.74 -7.59
N PRO G 76 -4.37 -45.88 -8.32
CA PRO G 76 -4.47 -47.20 -7.69
C PRO G 76 -3.44 -47.40 -6.57
N VAL G 77 -2.23 -46.84 -6.70
CA VAL G 77 -1.12 -47.04 -5.70
C VAL G 77 -1.48 -46.34 -4.38
N VAL G 78 -2.16 -45.21 -4.46
CA VAL G 78 -2.51 -44.34 -3.29
C VAL G 78 -3.91 -44.70 -2.78
N ARG G 79 -4.73 -45.35 -3.60
CA ARG G 79 -6.15 -45.67 -3.28
C ARG G 79 -6.26 -46.39 -1.93
N PRO G 80 -5.37 -47.35 -1.56
CA PRO G 80 -5.51 -48.07 -0.28
C PRO G 80 -5.48 -47.14 0.95
N LEU G 81 -4.77 -46.00 0.86
CA LEU G 81 -4.69 -44.96 1.93
C LEU G 81 -6.07 -44.31 2.13
N PHE G 82 -6.79 -44.00 1.06
CA PHE G 82 -8.18 -43.46 1.11
C PHE G 82 -9.11 -44.51 1.71
N GLU G 83 -9.04 -45.76 1.23
CA GLU G 83 -9.92 -46.87 1.69
C GLU G 83 -9.79 -47.03 3.21
N LYS G 84 -8.55 -47.03 3.71
CA LYS G 84 -8.27 -47.24 5.16
C LYS G 84 -8.78 -46.04 5.98
N ALA G 85 -8.63 -44.81 5.45
CA ALA G 85 -9.08 -43.55 6.11
C ALA G 85 -10.60 -43.55 6.29
N ALA G 86 -11.35 -44.03 5.29
CA ALA G 86 -12.83 -44.09 5.30
C ALA G 86 -13.28 -45.17 6.29
N GLU G 87 -12.56 -46.29 6.36
CA GLU G 87 -12.82 -47.42 7.30
C GLU G 87 -12.67 -46.94 8.74
N LEU G 88 -11.61 -46.21 9.05
CA LEU G 88 -11.25 -45.75 10.43
C LEU G 88 -12.04 -44.48 10.83
N GLY G 89 -12.64 -43.79 9.86
CA GLY G 89 -13.41 -42.54 10.10
C GLY G 89 -12.49 -41.39 10.42
N ILE G 90 -11.42 -41.22 9.62
CA ILE G 90 -10.33 -40.23 9.86
C ILE G 90 -10.05 -39.52 8.51
N GLY G 91 -10.20 -38.20 8.51
CA GLY G 91 -9.84 -37.31 7.38
C GLY G 91 -8.36 -37.09 7.34
N PHE G 92 -7.83 -36.59 6.22
CA PHE G 92 -6.39 -36.30 6.08
C PHE G 92 -6.16 -35.17 5.08
N ASN G 93 -4.97 -34.58 5.21
CA ASN G 93 -4.39 -33.59 4.28
C ASN G 93 -3.17 -34.26 3.68
N LEU G 94 -3.14 -34.41 2.35
CA LEU G 94 -2.05 -35.12 1.64
C LEU G 94 -1.44 -34.13 0.65
N GLY G 95 -0.11 -33.97 0.68
CA GLY G 95 0.65 -33.22 -0.32
C GLY G 95 1.23 -34.16 -1.38
N TYR G 96 1.26 -33.71 -2.62
CA TYR G 96 1.78 -34.49 -3.77
C TYR G 96 2.10 -33.53 -4.94
N ALA G 97 2.93 -34.00 -5.87
CA ALA G 97 3.28 -33.25 -7.10
C ALA G 97 2.19 -33.54 -8.15
N GLU G 98 1.58 -32.48 -8.70
CA GLU G 98 0.44 -32.57 -9.62
C GLU G 98 0.88 -32.23 -11.04
N LEU G 99 0.74 -33.18 -11.98
CA LEU G 99 0.93 -32.99 -13.44
C LEU G 99 -0.45 -33.04 -14.10
N VAL G 100 -0.87 -31.92 -14.68
CA VAL G 100 -2.17 -31.74 -15.40
C VAL G 100 -1.85 -31.30 -16.83
N VAL G 101 -2.57 -31.81 -17.83
CA VAL G 101 -2.58 -31.26 -19.23
C VAL G 101 -3.77 -30.30 -19.38
N GLU G 102 -3.50 -29.08 -19.84
CA GLU G 102 -4.51 -28.01 -20.12
C GLU G 102 -4.33 -27.47 -21.56
N LYS G 106 1.14 -29.24 -20.55
CA LYS G 106 1.72 -29.74 -19.27
C LYS G 106 1.79 -28.58 -18.27
N ARG G 107 1.01 -28.65 -17.19
CA ARG G 107 1.14 -27.74 -16.02
C ARG G 107 1.60 -28.57 -14.81
N ARG G 108 2.51 -27.99 -14.01
CA ARG G 108 3.11 -28.65 -12.82
C ARG G 108 2.86 -27.81 -11.57
N PHE G 109 2.26 -28.44 -10.54
CA PHE G 109 1.90 -27.78 -9.26
C PHE G 109 2.41 -28.59 -8.06
N ASN G 110 2.80 -27.86 -7.01
CA ASN G 110 3.04 -28.42 -5.65
C ASN G 110 1.70 -28.33 -4.93
N THR G 111 1.04 -29.47 -4.74
CA THR G 111 -0.41 -29.54 -4.44
C THR G 111 -0.65 -30.27 -3.11
N SER G 112 -1.79 -29.98 -2.51
CA SER G 112 -2.34 -30.66 -1.31
C SER G 112 -3.87 -30.72 -1.41
N ILE G 113 -4.47 -31.71 -0.77
CA ILE G 113 -5.95 -31.89 -0.74
C ILE G 113 -6.39 -32.14 0.70
N LEU G 114 -7.66 -31.80 0.96
CA LEU G 114 -8.39 -32.15 2.20
C LEU G 114 -9.35 -33.27 1.84
N VAL G 115 -9.30 -34.35 2.64
CA VAL G 115 -10.21 -35.52 2.54
C VAL G 115 -10.97 -35.61 3.87
N ASP G 116 -12.31 -35.65 3.84
CA ASP G 116 -13.14 -35.76 5.07
C ASP G 116 -13.15 -37.22 5.53
N LYS G 117 -13.89 -37.52 6.61
CA LYS G 117 -13.86 -38.85 7.27
C LYS G 117 -14.59 -39.91 6.43
N SER G 118 -15.39 -39.52 5.44
CA SER G 118 -16.05 -40.41 4.44
C SER G 118 -15.04 -40.84 3.37
N GLY G 119 -13.92 -40.15 3.26
CA GLY G 119 -12.89 -40.41 2.24
C GLY G 119 -13.21 -39.67 0.96
N LYS G 120 -13.91 -38.54 1.06
CA LYS G 120 -14.31 -37.67 -0.08
C LYS G 120 -13.38 -36.45 -0.12
N ILE G 121 -12.81 -36.18 -1.31
CA ILE G 121 -11.90 -35.02 -1.53
C ILE G 121 -12.79 -33.78 -1.51
N VAL G 122 -12.65 -32.94 -0.49
CA VAL G 122 -13.53 -31.76 -0.25
C VAL G 122 -12.86 -30.50 -0.82
N GLY G 123 -11.56 -30.53 -1.09
CA GLY G 123 -10.87 -29.27 -1.44
C GLY G 123 -9.44 -29.50 -1.83
N LYS G 124 -8.99 -28.65 -2.77
CA LYS G 124 -7.62 -28.67 -3.35
C LYS G 124 -7.00 -27.29 -3.16
N TYR G 125 -5.67 -27.25 -3.02
CA TYR G 125 -4.85 -26.00 -2.96
C TYR G 125 -3.53 -26.26 -3.68
N ARG G 126 -3.03 -25.25 -4.41
CA ARG G 126 -1.74 -25.30 -5.15
C ARG G 126 -0.80 -24.23 -4.57
N LYS G 127 0.40 -24.65 -4.18
CA LYS G 127 1.41 -23.81 -3.49
C LYS G 127 1.59 -22.50 -4.27
N ILE G 128 1.36 -21.35 -3.62
CA ILE G 128 1.41 -20.02 -4.27
C ILE G 128 2.81 -19.41 -4.10
N HIS G 129 3.42 -19.58 -2.92
CA HIS G 129 4.80 -19.08 -2.65
C HIS G 129 5.84 -20.17 -2.92
N LEU G 130 6.56 -20.07 -4.04
CA LEU G 130 7.63 -21.02 -4.42
C LEU G 130 8.98 -20.46 -4.00
N PRO G 131 9.77 -21.21 -3.20
CA PRO G 131 11.08 -20.74 -2.76
C PRO G 131 12.21 -21.22 -3.68
N GLY G 132 13.44 -20.95 -3.29
CA GLY G 132 14.67 -21.37 -3.99
C GLY G 132 14.86 -20.57 -5.27
N HIS G 133 15.20 -21.27 -6.36
CA HIS G 133 15.80 -20.69 -7.59
C HIS G 133 15.35 -21.49 -8.81
N LYS G 134 15.64 -20.94 -9.98
CA LYS G 134 15.13 -21.35 -11.32
C LYS G 134 16.21 -22.15 -12.06
N GLU G 135 17.47 -21.71 -11.99
CA GLU G 135 18.59 -22.27 -12.77
C GLU G 135 19.53 -23.05 -11.83
N TYR G 136 20.24 -24.04 -12.39
CA TYR G 136 21.26 -24.86 -11.68
C TYR G 136 22.37 -23.94 -11.14
N GLU G 137 22.76 -24.17 -9.89
CA GLU G 137 23.81 -23.41 -9.18
C GLU G 137 24.80 -24.42 -8.61
N ALA G 138 25.94 -24.59 -9.28
CA ALA G 138 26.90 -25.72 -9.10
C ALA G 138 27.45 -25.76 -7.69
N TYR G 139 27.62 -24.59 -7.04
CA TYR G 139 28.26 -24.44 -5.72
C TYR G 139 27.40 -25.14 -4.67
N ARG G 140 26.07 -25.13 -4.85
CA ARG G 140 25.11 -25.71 -3.88
C ARG G 140 25.37 -27.22 -3.81
N PRO G 141 25.56 -27.78 -2.59
CA PRO G 141 25.69 -29.23 -2.44
C PRO G 141 24.40 -29.94 -2.89
N PHE G 142 23.26 -29.27 -2.69
CA PHE G 142 21.91 -29.67 -3.15
C PHE G 142 21.20 -28.42 -3.70
N GLN G 143 20.35 -28.63 -4.72
CA GLN G 143 19.53 -27.59 -5.37
C GLN G 143 18.20 -27.42 -4.58
N HIS G 144 17.43 -26.38 -4.89
CA HIS G 144 16.02 -26.19 -4.46
C HIS G 144 15.23 -25.55 -5.61
N LEU G 145 14.96 -26.35 -6.66
CA LEU G 145 14.51 -25.83 -7.99
C LEU G 145 12.98 -25.89 -8.11
N GLU G 146 12.27 -25.52 -7.04
CA GLU G 146 10.78 -25.44 -7.03
C GLU G 146 10.28 -24.45 -8.08
N LYS G 147 11.03 -23.36 -8.35
CA LYS G 147 10.63 -22.30 -9.31
C LYS G 147 10.72 -22.83 -10.75
N ARG G 148 11.47 -23.91 -10.94
CA ARG G 148 11.65 -24.58 -12.25
C ARG G 148 10.59 -25.66 -12.41
N TYR G 149 10.36 -26.46 -11.39
CA TYR G 149 9.57 -27.72 -11.45
C TYR G 149 8.08 -27.47 -11.10
N PHE G 150 7.73 -26.26 -10.64
CA PHE G 150 6.34 -25.87 -10.33
C PHE G 150 6.05 -24.47 -10.88
N GLU G 151 4.80 -24.26 -11.29
CA GLU G 151 4.20 -22.91 -11.51
C GLU G 151 3.52 -22.47 -10.21
N PRO G 152 3.51 -21.16 -9.89
CA PRO G 152 2.72 -20.67 -8.78
C PRO G 152 1.23 -21.07 -8.90
N GLY G 153 0.64 -21.56 -7.82
CA GLY G 153 -0.76 -22.03 -7.77
C GLY G 153 -1.74 -20.95 -8.20
N ASP G 154 -2.87 -21.38 -8.78
CA ASP G 154 -3.88 -20.49 -9.42
C ASP G 154 -5.23 -20.62 -8.72
N LEU G 155 -5.30 -21.30 -7.56
CA LEU G 155 -6.54 -21.54 -6.79
C LEU G 155 -6.72 -20.54 -5.65
N GLY G 156 -5.72 -19.71 -5.36
CA GLY G 156 -5.76 -18.77 -4.22
C GLY G 156 -5.59 -19.51 -2.89
N PHE G 157 -6.12 -18.93 -1.81
CA PHE G 157 -6.08 -19.50 -0.44
C PHE G 157 -7.50 -19.83 0.02
N PRO G 158 -8.12 -20.91 -0.51
CA PRO G 158 -9.52 -21.20 -0.16
C PRO G 158 -9.66 -21.79 1.24
N VAL G 159 -10.86 -21.72 1.83
CA VAL G 159 -11.19 -22.40 3.12
C VAL G 159 -12.41 -23.29 2.87
N TYR G 160 -12.33 -24.57 3.28
CA TYR G 160 -13.35 -25.61 2.97
C TYR G 160 -13.98 -26.12 4.28
N ASP G 161 -15.26 -26.46 4.23
CA ASP G 161 -15.96 -27.22 5.30
C ASP G 161 -15.50 -28.66 5.20
N VAL G 162 -14.90 -29.18 6.26
CA VAL G 162 -14.43 -30.59 6.40
C VAL G 162 -15.05 -31.14 7.70
N ASP G 163 -16.11 -31.94 7.57
CA ASP G 163 -16.89 -32.45 8.74
C ASP G 163 -17.17 -31.37 9.78
N ALA G 164 -17.60 -30.16 9.46
CA ALA G 164 -17.98 -29.17 10.49
C ALA G 164 -16.77 -28.46 11.15
N ALA G 165 -15.55 -28.68 10.66
CA ALA G 165 -14.41 -27.73 10.79
C ALA G 165 -14.24 -26.91 9.50
N LYS G 166 -14.01 -25.60 9.65
CA LYS G 166 -13.49 -24.72 8.57
C LYS G 166 -11.97 -24.91 8.49
N MET G 167 -11.49 -25.49 7.39
CA MET G 167 -10.05 -25.86 7.24
C MET G 167 -9.48 -25.17 6.01
N GLY G 168 -8.31 -24.54 6.17
CA GLY G 168 -7.51 -23.94 5.08
C GLY G 168 -6.15 -24.62 4.99
N MET G 169 -5.54 -24.63 3.80
CA MET G 169 -4.24 -25.29 3.53
C MET G 169 -3.18 -24.23 3.21
N PHE G 170 -1.98 -24.45 3.73
CA PHE G 170 -0.70 -23.85 3.25
C PHE G 170 0.15 -25.02 2.79
N ILE G 171 1.15 -24.76 1.95
CA ILE G 171 2.21 -25.75 1.65
C ILE G 171 3.56 -25.09 1.96
N ALA G 172 4.28 -25.69 2.90
CA ALA G 172 5.64 -25.36 3.39
C ALA G 172 5.91 -23.85 3.40
N ASN G 173 6.54 -23.33 2.36
CA ASN G 173 7.09 -21.94 2.30
C ASN G 173 5.98 -20.94 2.62
N ASP G 174 4.73 -21.23 2.21
CA ASP G 174 3.52 -20.42 2.50
C ASP G 174 3.48 -20.01 3.97
N ARG G 175 3.94 -20.87 4.88
CA ARG G 175 3.76 -20.67 6.34
C ARG G 175 4.56 -19.45 6.81
N ARG G 176 5.50 -18.96 6.00
CA ARG G 176 6.38 -17.80 6.37
C ARG G 176 5.71 -16.50 5.94
N TRP G 177 4.62 -16.58 5.16
CA TRP G 177 3.97 -15.40 4.53
C TRP G 177 2.69 -15.03 5.28
N PRO G 178 2.66 -13.87 5.97
CA PRO G 178 1.47 -13.46 6.71
C PRO G 178 0.21 -13.36 5.85
N GLU G 179 0.38 -13.01 4.57
CA GLU G 179 -0.74 -12.84 3.60
C GLU G 179 -1.50 -14.16 3.43
N ALA G 180 -0.81 -15.30 3.41
CA ALA G 180 -1.44 -16.63 3.24
C ALA G 180 -2.35 -16.90 4.43
N TRP G 181 -1.82 -16.69 5.65
CA TRP G 181 -2.57 -16.86 6.93
C TRP G 181 -3.79 -15.93 6.96
N ARG G 182 -3.57 -14.66 6.60
CA ARG G 182 -4.56 -13.58 6.82
C ARG G 182 -5.77 -13.82 5.91
N VAL G 183 -5.53 -14.08 4.63
CA VAL G 183 -6.61 -14.39 3.65
C VAL G 183 -7.49 -15.50 4.23
N MET G 184 -6.87 -16.57 4.73
CA MET G 184 -7.62 -17.75 5.21
C MET G 184 -8.28 -17.42 6.55
N GLY G 185 -7.64 -16.57 7.37
CA GLY G 185 -8.23 -16.06 8.62
C GLY G 185 -9.45 -15.23 8.35
N LEU G 186 -9.41 -14.39 7.32
CA LEU G 186 -10.55 -13.54 6.90
C LEU G 186 -11.70 -14.39 6.36
N ARG G 187 -11.41 -15.58 5.80
CA ARG G 187 -12.43 -16.54 5.29
C ARG G 187 -12.95 -17.43 6.41
N GLY G 188 -12.46 -17.26 7.64
CA GLY G 188 -13.02 -17.87 8.88
C GLY G 188 -12.46 -19.26 9.16
N ALA G 189 -11.23 -19.54 8.71
CA ALA G 189 -10.54 -20.83 8.95
C ALA G 189 -10.35 -21.04 10.44
N GLU G 190 -10.68 -22.23 10.93
CA GLU G 190 -10.51 -22.64 12.35
C GLU G 190 -9.26 -23.50 12.49
N ILE G 191 -8.90 -24.24 11.43
CA ILE G 191 -7.64 -25.01 11.33
C ILE G 191 -6.94 -24.63 10.03
N ILE G 192 -5.66 -24.30 10.12
CA ILE G 192 -4.79 -24.04 8.94
C ILE G 192 -3.68 -25.09 8.98
N CYS G 193 -3.57 -25.94 7.97
CA CYS G 193 -2.65 -27.09 8.03
C CYS G 193 -1.93 -27.31 6.70
N GLY G 194 -0.81 -28.02 6.79
CA GLY G 194 0.02 -28.37 5.63
C GLY G 194 1.28 -29.04 6.09
N GLY G 195 2.19 -29.26 5.16
CA GLY G 195 3.46 -29.94 5.46
C GLY G 195 4.63 -29.20 4.84
N TYR G 196 5.83 -29.70 5.08
CA TYR G 196 7.06 -29.00 4.66
C TYR G 196 8.22 -29.97 4.46
N ASN G 197 9.10 -29.61 3.51
CA ASN G 197 10.46 -30.14 3.34
C ASN G 197 11.40 -28.95 3.46
N THR G 198 12.01 -28.78 4.63
CA THR G 198 12.82 -27.60 5.00
C THR G 198 14.25 -28.01 5.30
N PRO G 199 15.22 -27.82 4.38
CA PRO G 199 16.62 -28.08 4.66
C PRO G 199 17.13 -27.23 5.84
N THR G 200 18.03 -27.80 6.65
CA THR G 200 18.69 -27.13 7.81
C THR G 200 19.95 -26.38 7.32
N HIS G 201 20.32 -26.54 6.03
CA HIS G 201 21.36 -25.76 5.32
C HIS G 201 20.71 -24.95 4.18
N ASN G 202 20.95 -23.64 4.14
CA ASN G 202 20.58 -22.72 3.04
C ASN G 202 21.88 -22.16 2.45
N PRO G 203 22.32 -22.70 1.30
CA PRO G 203 23.64 -22.36 0.73
C PRO G 203 23.94 -20.88 0.55
N PRO G 204 23.00 -20.05 0.03
CA PRO G 204 23.22 -18.60 -0.07
C PRO G 204 23.16 -17.81 1.25
N VAL G 205 22.53 -18.36 2.29
CA VAL G 205 22.43 -17.66 3.61
C VAL G 205 22.72 -18.66 4.72
N PRO G 206 23.92 -19.29 4.75
CA PRO G 206 24.26 -20.31 5.75
C PRO G 206 24.27 -19.77 7.19
N GLN G 207 24.27 -18.45 7.36
CA GLN G 207 24.37 -17.78 8.69
C GLN G 207 23.01 -17.75 9.39
N HIS G 208 21.95 -18.32 8.77
CA HIS G 208 20.63 -18.55 9.40
C HIS G 208 20.34 -20.06 9.57
N ASP G 209 21.33 -20.94 9.34
CA ASP G 209 21.16 -22.42 9.43
C ASP G 209 20.73 -22.81 10.86
N HIS G 210 21.39 -22.25 11.87
CA HIS G 210 21.14 -22.56 13.32
C HIS G 210 19.78 -22.02 13.77
N LEU G 211 19.09 -21.25 12.89
CA LEU G 211 17.78 -20.62 13.17
C LEU G 211 16.66 -21.33 12.42
N THR G 212 16.94 -22.47 11.78
CA THR G 212 15.94 -23.22 10.98
C THR G 212 14.72 -23.52 11.85
N SER G 213 14.90 -24.12 13.02
CA SER G 213 13.77 -24.47 13.93
C SER G 213 13.05 -23.19 14.36
N PHE G 214 13.80 -22.23 14.91
CA PHE G 214 13.28 -20.92 15.39
C PHE G 214 12.35 -20.32 14.34
N HIS G 215 12.80 -20.23 13.08
CA HIS G 215 12.10 -19.56 11.96
C HIS G 215 10.82 -20.32 11.59
N HIS G 216 10.89 -21.65 11.57
CA HIS G 216 9.74 -22.56 11.30
C HIS G 216 8.69 -22.31 12.37
N LEU G 217 9.04 -22.49 13.65
CA LEU G 217 8.09 -22.42 14.79
C LEU G 217 7.58 -20.98 14.93
N LEU G 218 8.45 -19.98 14.73
CA LEU G 218 8.03 -18.56 14.79
C LEU G 218 6.90 -18.34 13.79
N SER G 219 7.04 -18.88 12.58
CA SER G 219 6.04 -18.70 11.49
C SER G 219 4.70 -19.34 11.88
N MET G 220 4.71 -20.52 12.53
CA MET G 220 3.48 -21.27 12.85
C MET G 220 2.75 -20.59 14.00
N GLN G 221 3.51 -20.18 15.02
CA GLN G 221 2.94 -19.56 16.24
C GLN G 221 2.31 -18.20 15.88
N ALA G 222 3.00 -17.38 15.09
CA ALA G 222 2.55 -16.01 14.71
C ALA G 222 1.29 -16.10 13.84
N GLY G 223 1.29 -16.98 12.83
CA GLY G 223 0.13 -17.21 11.97
C GLY G 223 -1.11 -17.57 12.78
N SER G 224 -0.99 -18.52 13.70
CA SER G 224 -2.06 -19.06 14.57
C SER G 224 -2.61 -17.93 15.45
N TYR G 225 -1.72 -17.22 16.15
CA TYR G 225 -2.06 -16.13 17.09
C TYR G 225 -2.82 -15.03 16.34
N GLN G 226 -2.24 -14.51 15.27
CA GLN G 226 -2.71 -13.29 14.58
C GLN G 226 -4.05 -13.53 13.89
N ASN G 227 -4.44 -14.79 13.68
CA ASN G 227 -5.70 -15.19 12.99
C ASN G 227 -6.58 -16.00 13.92
N GLY G 228 -6.18 -16.19 15.18
CA GLY G 228 -6.92 -17.03 16.13
C GLY G 228 -7.32 -18.34 15.51
N ALA G 229 -6.36 -19.02 14.89
CA ALA G 229 -6.53 -20.32 14.18
C ALA G 229 -5.68 -21.41 14.83
N TRP G 230 -6.26 -22.59 15.01
CA TRP G 230 -5.51 -23.86 15.17
C TRP G 230 -4.68 -24.05 13.91
N SER G 231 -3.45 -24.54 14.05
CA SER G 231 -2.59 -24.91 12.91
C SER G 231 -1.82 -26.20 13.22
N ALA G 232 -1.32 -26.83 12.18
CA ALA G 232 -0.59 -28.11 12.21
C ALA G 232 0.36 -28.12 11.01
N ALA G 233 1.64 -28.39 11.25
CA ALA G 233 2.68 -28.46 10.19
C ALA G 233 3.28 -29.87 10.23
N ALA G 234 3.12 -30.64 9.15
CA ALA G 234 3.67 -32.01 9.00
C ALA G 234 4.95 -31.96 8.16
N GLY G 235 6.07 -32.25 8.81
CA GLY G 235 7.38 -32.27 8.14
C GLY G 235 7.67 -33.61 7.52
N LYS G 236 8.40 -33.60 6.40
CA LYS G 236 9.26 -34.73 5.98
C LYS G 236 10.68 -34.31 6.36
N VAL G 237 11.37 -35.15 7.12
CA VAL G 237 12.46 -34.76 8.05
C VAL G 237 13.58 -35.79 7.96
N GLY G 238 14.77 -35.46 8.46
CA GLY G 238 15.92 -36.38 8.60
C GLY G 238 16.86 -36.33 7.40
N MET G 239 17.81 -37.27 7.36
CA MET G 239 18.82 -37.37 6.27
C MET G 239 18.15 -38.07 5.08
N GLU G 240 17.69 -37.29 4.10
CA GLU G 240 17.09 -37.78 2.84
C GLU G 240 18.07 -37.52 1.70
N GLU G 241 18.54 -38.59 1.06
CA GLU G 241 19.51 -38.53 -0.07
C GLU G 241 20.60 -37.51 0.29
N ASN G 242 21.15 -37.64 1.51
CA ASN G 242 22.32 -36.93 2.08
C ASN G 242 22.04 -35.43 2.25
N CYS G 243 20.78 -35.00 2.22
CA CYS G 243 20.38 -33.63 2.64
C CYS G 243 19.58 -33.76 3.95
N MET G 244 19.94 -32.98 4.96
CA MET G 244 19.24 -32.97 6.28
C MET G 244 18.01 -32.06 6.18
N LEU G 245 16.82 -32.59 6.51
CA LEU G 245 15.53 -31.87 6.53
C LEU G 245 15.09 -31.64 7.99
N LEU G 246 14.61 -30.43 8.31
CA LEU G 246 14.21 -30.03 9.69
C LEU G 246 13.05 -30.90 10.16
N GLY G 247 13.08 -31.32 11.43
CA GLY G 247 11.94 -31.94 12.14
C GLY G 247 11.01 -30.89 12.73
N HIS G 248 10.69 -31.03 14.02
CA HIS G 248 9.79 -30.14 14.78
C HIS G 248 8.45 -29.95 14.05
N SER G 249 7.87 -31.04 13.55
CA SER G 249 6.43 -31.09 13.17
C SER G 249 5.61 -30.71 14.40
N CYS G 250 4.50 -29.97 14.23
CA CYS G 250 3.83 -29.33 15.38
C CYS G 250 2.33 -29.19 15.15
N ILE G 251 1.57 -29.17 16.24
CA ILE G 251 0.18 -28.63 16.32
C ILE G 251 0.23 -27.39 17.23
N VAL G 252 -0.57 -26.38 16.91
CA VAL G 252 -0.54 -25.03 17.57
C VAL G 252 -1.97 -24.60 17.83
N ALA G 253 -2.24 -24.02 19.01
CA ALA G 253 -3.54 -23.47 19.43
C ALA G 253 -3.71 -22.06 18.85
N PRO G 254 -4.95 -21.52 18.84
CA PRO G 254 -5.19 -20.18 18.33
C PRO G 254 -4.45 -19.05 19.07
N THR G 255 -3.94 -19.33 20.28
CA THR G 255 -3.10 -18.41 21.06
C THR G 255 -1.67 -18.38 20.52
N GLY G 256 -1.31 -19.34 19.65
CA GLY G 256 0.05 -19.54 19.12
C GLY G 256 0.90 -20.43 20.04
N GLU G 257 0.31 -21.03 21.06
CA GLU G 257 1.00 -22.00 21.95
C GLU G 257 1.16 -23.32 21.18
N ILE G 258 2.36 -23.90 21.20
CA ILE G 258 2.64 -25.24 20.60
C ILE G 258 2.08 -26.28 21.56
N VAL G 259 1.05 -27.01 21.15
CA VAL G 259 0.35 -28.03 21.99
C VAL G 259 0.85 -29.44 21.66
N ALA G 260 1.55 -29.66 20.57
CA ALA G 260 2.26 -30.93 20.30
C ALA G 260 3.47 -30.69 19.39
N LEU G 261 4.51 -31.51 19.55
CA LEU G 261 5.84 -31.33 18.87
C LEU G 261 6.54 -32.67 18.74
N THR G 262 7.05 -32.99 17.55
CA THR G 262 7.88 -34.20 17.30
C THR G 262 9.28 -33.97 17.87
N THR G 263 9.95 -35.06 18.28
CA THR G 263 11.33 -35.06 18.82
C THR G 263 12.23 -36.10 18.13
N THR G 264 11.71 -36.88 17.17
CA THR G 264 12.51 -37.81 16.32
C THR G 264 12.64 -37.23 14.91
N LEU G 265 13.56 -37.77 14.10
CA LEU G 265 13.69 -37.51 12.65
C LEU G 265 13.21 -38.75 11.88
N GLU G 266 12.09 -39.33 12.30
CA GLU G 266 11.49 -40.57 11.72
C GLU G 266 9.98 -40.41 11.63
N ASP G 267 9.32 -41.37 10.99
CA ASP G 267 7.84 -41.46 11.01
C ASP G 267 7.43 -41.28 12.48
N GLU G 268 6.71 -40.22 12.80
CA GLU G 268 6.24 -39.96 14.17
C GLU G 268 4.86 -39.35 14.08
N VAL G 269 3.94 -39.81 14.94
CA VAL G 269 2.55 -39.31 15.06
C VAL G 269 2.46 -38.48 16.35
N ILE G 270 1.91 -37.28 16.27
CA ILE G 270 1.55 -36.46 17.45
C ILE G 270 0.07 -36.08 17.32
N THR G 271 -0.62 -35.88 18.45
CA THR G 271 -2.05 -35.51 18.52
C THR G 271 -2.27 -34.38 19.54
N ALA G 272 -3.34 -33.62 19.36
CA ALA G 272 -3.81 -32.59 20.32
C ALA G 272 -5.33 -32.51 20.27
N ALA G 273 -5.97 -32.27 21.42
CA ALA G 273 -7.40 -31.96 21.54
C ALA G 273 -7.65 -30.61 20.89
N VAL G 274 -8.51 -30.56 19.86
CA VAL G 274 -8.90 -29.28 19.18
C VAL G 274 -10.33 -28.94 19.56
N ASP G 275 -10.50 -27.75 20.14
CA ASP G 275 -11.83 -27.13 20.39
C ASP G 275 -11.98 -25.96 19.42
N LEU G 276 -12.82 -26.12 18.39
CA LEU G 276 -12.97 -25.13 17.28
C LEU G 276 -13.54 -23.81 17.81
N ASP G 277 -14.19 -23.83 18.97
CA ASP G 277 -14.79 -22.62 19.61
C ASP G 277 -13.70 -21.71 20.20
N ARG G 278 -12.48 -22.25 20.39
CA ARG G 278 -11.37 -21.52 21.06
C ARG G 278 -10.85 -20.39 20.18
N CYS G 279 -11.13 -20.44 18.87
CA CYS G 279 -10.85 -19.34 17.92
C CYS G 279 -11.45 -18.03 18.42
N ARG G 280 -12.59 -18.08 19.10
CA ARG G 280 -13.37 -16.90 19.57
C ARG G 280 -12.56 -16.10 20.59
N GLU G 281 -11.73 -16.76 21.40
CA GLU G 281 -10.90 -16.10 22.47
C GLU G 281 -10.10 -14.95 21.84
N LEU G 282 -9.72 -15.07 20.57
CA LEU G 282 -8.93 -14.04 19.82
C LEU G 282 -9.83 -13.27 18.87
N ARG G 283 -10.72 -13.95 18.15
CA ARG G 283 -11.50 -13.40 17.01
C ARG G 283 -12.68 -12.54 17.51
N GLU G 284 -13.03 -12.62 18.80
CA GLU G 284 -14.13 -11.81 19.40
C GLU G 284 -13.54 -10.74 20.33
N HIS G 285 -12.22 -10.69 20.52
CA HIS G 285 -11.58 -9.75 21.48
C HIS G 285 -10.39 -9.05 20.80
N ILE G 286 -9.18 -9.50 21.09
CA ILE G 286 -7.89 -8.86 20.67
C ILE G 286 -7.89 -8.72 19.14
N PHE G 287 -8.32 -9.76 18.41
CA PHE G 287 -8.31 -9.82 16.93
C PHE G 287 -9.74 -9.95 16.44
N ASN G 288 -10.62 -9.10 17.00
CA ASN G 288 -11.97 -8.81 16.46
C ASN G 288 -11.81 -8.00 15.18
N PHE G 289 -11.81 -8.68 14.03
CA PHE G 289 -11.44 -8.11 12.71
C PHE G 289 -12.31 -6.91 12.36
N LYS G 290 -13.63 -7.12 12.29
CA LYS G 290 -14.60 -6.06 11.87
C LYS G 290 -14.39 -4.81 12.74
N GLN G 291 -14.06 -5.01 14.03
CA GLN G 291 -14.10 -3.97 15.08
C GLN G 291 -12.79 -3.17 15.11
N HIS G 292 -11.67 -3.75 14.67
CA HIS G 292 -10.29 -3.21 14.84
C HIS G 292 -9.64 -2.87 13.50
N ARG G 293 -9.82 -3.71 12.47
CA ARG G 293 -9.11 -3.58 11.18
C ARG G 293 -9.54 -2.29 10.47
N GLN G 294 -8.58 -1.64 9.80
CA GLN G 294 -8.75 -0.39 9.01
C GLN G 294 -8.20 -0.66 7.59
N PRO G 295 -8.92 -1.47 6.79
CA PRO G 295 -8.40 -1.95 5.51
C PRO G 295 -8.12 -0.87 4.46
N GLN G 296 -8.58 0.37 4.67
CA GLN G 296 -8.26 1.51 3.75
C GLN G 296 -6.76 1.84 3.80
N HIS G 297 -6.05 1.38 4.83
CA HIS G 297 -4.59 1.62 5.00
C HIS G 297 -3.75 0.44 4.52
N TYR G 298 -4.38 -0.68 4.08
CA TYR G 298 -3.68 -1.96 3.80
C TYR G 298 -3.55 -2.19 2.28
N GLY G 299 -4.00 -1.25 1.43
CA GLY G 299 -4.07 -1.39 -0.03
C GLY G 299 -2.75 -1.79 -0.69
N LEU G 300 -1.61 -1.32 -0.17
CA LEU G 300 -0.29 -1.55 -0.80
C LEU G 300 0.06 -3.04 -0.78
N ILE G 301 -0.52 -3.81 0.14
CA ILE G 301 -0.29 -5.28 0.30
C ILE G 301 -0.83 -6.02 -0.94
N ALA G 302 -1.85 -5.49 -1.62
CA ALA G 302 -2.61 -6.18 -2.70
C ALA G 302 -2.22 -5.62 -4.08
N GLU G 303 -1.26 -4.70 -4.15
CA GLU G 303 -0.87 -3.99 -5.39
C GLU G 303 -0.01 -4.91 -6.27
N LEU G 304 -0.34 -5.03 -7.56
CA LEU G 304 0.44 -5.83 -8.55
C LEU G 304 1.63 -5.00 -8.98
N THR H 2 9.53 36.79 -43.18
CA THR H 2 9.28 36.08 -44.47
C THR H 2 8.10 35.11 -44.27
N ARG H 3 8.35 33.97 -43.62
CA ARG H 3 7.36 32.88 -43.39
C ARG H 3 6.75 33.03 -41.98
N GLN H 4 7.19 34.05 -41.25
CA GLN H 4 6.70 34.41 -39.88
C GLN H 4 5.90 35.71 -39.96
N MET H 5 4.74 35.72 -39.32
CA MET H 5 3.92 36.93 -39.14
C MET H 5 3.22 36.84 -37.79
N ILE H 6 2.53 37.91 -37.40
CA ILE H 6 1.66 37.95 -36.21
C ILE H 6 0.24 38.24 -36.67
N LEU H 7 -0.65 37.26 -36.47
CA LEU H 7 -2.08 37.34 -36.83
C LEU H 7 -2.85 37.85 -35.61
N ALA H 8 -3.74 38.82 -35.81
CA ALA H 8 -4.62 39.39 -34.79
C ALA H 8 -6.07 39.06 -35.15
N VAL H 9 -6.94 39.01 -34.15
CA VAL H 9 -8.42 38.96 -34.30
C VAL H 9 -8.99 40.17 -33.57
N GLY H 10 -9.85 40.96 -34.22
CA GLY H 10 -10.61 42.07 -33.62
C GLY H 10 -12.05 41.67 -33.38
N GLN H 11 -12.32 41.08 -32.22
CA GLN H 11 -13.69 40.71 -31.77
C GLN H 11 -14.47 42.01 -31.53
N GLN H 12 -15.74 42.04 -31.94
CA GLN H 12 -16.64 43.21 -31.74
C GLN H 12 -17.68 42.86 -30.66
N GLY H 13 -17.84 43.74 -29.69
CA GLY H 13 -19.04 43.76 -28.83
C GLY H 13 -20.26 44.11 -29.68
N PRO H 14 -21.45 44.23 -29.06
CA PRO H 14 -22.67 44.60 -29.81
C PRO H 14 -22.57 45.88 -30.65
N ILE H 15 -23.25 45.88 -31.80
CA ILE H 15 -23.61 47.10 -32.59
C ILE H 15 -25.13 47.26 -32.55
N ALA H 16 -25.59 48.33 -31.91
CA ALA H 16 -27.02 48.67 -31.76
C ALA H 16 -27.58 49.12 -33.11
N ARG H 17 -28.88 48.93 -33.33
CA ARG H 17 -29.59 49.34 -34.58
C ARG H 17 -29.30 50.82 -34.90
N ALA H 18 -29.11 51.66 -33.88
CA ALA H 18 -28.99 53.14 -33.99
C ALA H 18 -27.52 53.55 -34.11
N GLU H 19 -26.59 52.58 -34.06
CA GLU H 19 -25.14 52.86 -34.16
C GLU H 19 -24.77 52.97 -35.63
N THR H 20 -24.28 54.14 -36.05
CA THR H 20 -23.92 54.49 -37.45
C THR H 20 -22.66 53.73 -37.85
N ARG H 21 -22.43 53.57 -39.15
CA ARG H 21 -21.17 53.01 -39.72
C ARG H 21 -19.98 53.83 -39.26
N GLU H 22 -20.17 55.15 -39.11
CA GLU H 22 -19.15 56.14 -38.68
C GLU H 22 -18.66 55.78 -37.28
N GLN H 23 -19.56 55.42 -36.37
CA GLN H 23 -19.25 55.08 -34.94
C GLN H 23 -18.59 53.69 -34.86
N VAL H 24 -18.98 52.77 -35.75
CA VAL H 24 -18.38 51.41 -35.83
C VAL H 24 -16.94 51.52 -36.37
N VAL H 25 -16.70 52.37 -37.36
CA VAL H 25 -15.35 52.52 -38.00
C VAL H 25 -14.35 53.01 -36.94
N VAL H 26 -14.79 53.89 -36.04
CA VAL H 26 -13.98 54.40 -34.89
C VAL H 26 -13.55 53.19 -34.05
N ARG H 27 -14.50 52.31 -33.71
CA ARG H 27 -14.27 51.09 -32.91
C ARG H 27 -13.29 50.16 -33.66
N LEU H 28 -13.47 49.97 -34.96
CA LEU H 28 -12.56 49.14 -35.80
C LEU H 28 -11.18 49.80 -35.88
N LEU H 29 -11.11 51.13 -36.01
CA LEU H 29 -9.82 51.88 -36.09
C LEU H 29 -9.02 51.65 -34.81
N ASP H 30 -9.68 51.78 -33.64
CA ASP H 30 -9.06 51.60 -32.31
C ASP H 30 -8.47 50.19 -32.18
N MET H 31 -9.20 49.16 -32.60
CA MET H 31 -8.74 47.75 -32.48
C MET H 31 -7.56 47.55 -33.43
N LEU H 32 -7.68 48.11 -34.65
CA LEU H 32 -6.63 48.02 -35.69
C LEU H 32 -5.35 48.70 -35.20
N THR H 33 -5.47 49.73 -34.36
CA THR H 33 -4.32 50.50 -33.79
C THR H 33 -3.65 49.66 -32.69
N LYS H 34 -4.43 49.00 -31.84
CA LYS H 34 -3.91 48.20 -30.71
C LYS H 34 -3.20 46.95 -31.27
N ALA H 35 -3.67 46.41 -32.39
CA ALA H 35 -3.08 45.21 -33.01
C ALA H 35 -1.69 45.55 -33.58
N ALA H 36 -1.58 46.70 -34.25
CA ALA H 36 -0.29 47.26 -34.75
C ALA H 36 0.70 47.37 -33.61
N SER H 37 0.27 47.94 -32.48
CA SER H 37 1.12 48.22 -31.29
C SER H 37 1.58 46.91 -30.64
N ARG H 38 0.92 45.79 -30.93
CA ARG H 38 1.28 44.45 -30.39
C ARG H 38 1.99 43.63 -31.49
N GLY H 39 2.29 44.27 -32.63
CA GLY H 39 3.16 43.75 -33.69
C GLY H 39 2.40 42.95 -34.74
N ALA H 40 1.08 43.11 -34.81
CA ALA H 40 0.21 42.39 -35.78
C ALA H 40 0.48 42.88 -37.20
N ASN H 41 0.51 41.95 -38.16
CA ASN H 41 0.68 42.23 -39.62
C ASN H 41 -0.68 42.09 -40.33
N PHE H 42 -1.64 41.44 -39.68
CA PHE H 42 -3.00 41.21 -40.22
C PHE H 42 -3.98 41.10 -39.06
N ILE H 43 -5.20 41.62 -39.23
CA ILE H 43 -6.29 41.49 -38.22
C ILE H 43 -7.58 41.02 -38.89
N VAL H 44 -8.20 39.99 -38.33
CA VAL H 44 -9.51 39.42 -38.77
C VAL H 44 -10.62 40.14 -38.01
N PHE H 45 -11.60 40.69 -38.73
CA PHE H 45 -12.80 41.35 -38.18
C PHE H 45 -14.01 40.45 -38.44
N PRO H 46 -15.15 40.66 -37.72
CA PRO H 46 -16.27 39.73 -37.80
C PRO H 46 -17.08 39.77 -39.11
N GLU H 47 -18.03 38.85 -39.20
CA GLU H 47 -19.10 38.83 -40.23
C GLU H 47 -19.99 40.06 -40.06
N LEU H 48 -20.39 40.71 -41.17
CA LEU H 48 -21.33 41.85 -41.14
C LEU H 48 -20.89 42.83 -40.06
N ALA H 49 -19.65 43.32 -40.16
CA ALA H 49 -18.92 44.04 -39.08
C ALA H 49 -19.32 45.51 -39.02
N LEU H 50 -20.09 46.03 -39.98
CA LEU H 50 -20.41 47.48 -40.13
C LEU H 50 -21.79 47.81 -39.53
N THR H 51 -22.58 46.81 -39.17
CA THR H 51 -23.97 47.01 -38.70
C THR H 51 -24.37 45.96 -37.66
N THR H 52 -25.43 46.26 -36.93
CA THR H 52 -26.22 45.27 -36.14
C THR H 52 -26.54 44.09 -37.05
N PHE H 53 -26.84 42.94 -36.47
CA PHE H 53 -27.15 41.70 -37.22
C PHE H 53 -28.62 41.73 -37.61
N PHE H 54 -28.91 42.40 -38.73
CA PHE H 54 -30.28 42.73 -39.22
C PHE H 54 -31.07 41.48 -39.59
N PRO H 55 -30.47 40.31 -39.94
CA PRO H 55 -31.24 39.09 -40.20
C PRO H 55 -32.04 38.56 -39.00
N ARG H 56 -31.95 39.20 -37.83
CA ARG H 56 -32.76 38.81 -36.65
C ARG H 56 -34.19 39.39 -36.76
N TRP H 57 -34.43 40.34 -37.69
CA TRP H 57 -35.76 40.98 -37.88
C TRP H 57 -36.36 40.63 -39.25
N HIS H 58 -37.69 40.53 -39.28
CA HIS H 58 -38.54 40.49 -40.50
C HIS H 58 -38.74 41.92 -41.02
N PHE H 59 -38.37 42.20 -42.27
CA PHE H 59 -38.53 43.51 -42.93
C PHE H 59 -39.62 43.41 -44.01
N THR H 60 -40.51 44.40 -44.01
CA THR H 60 -41.57 44.63 -45.01
C THR H 60 -41.15 45.73 -45.98
N ASP H 61 -40.44 46.76 -45.50
CA ASP H 61 -39.93 47.92 -46.28
C ASP H 61 -38.54 47.60 -46.84
N GLU H 62 -38.40 47.65 -48.17
CA GLU H 62 -37.18 47.20 -48.91
C GLU H 62 -36.10 48.28 -48.86
N ALA H 63 -36.47 49.55 -48.69
CA ALA H 63 -35.51 50.66 -48.48
C ALA H 63 -34.83 50.47 -47.11
N GLU H 64 -35.60 50.10 -46.09
CA GLU H 64 -35.11 49.85 -44.70
C GLU H 64 -34.10 48.68 -44.76
N LEU H 65 -34.43 47.62 -45.48
CA LEU H 65 -33.56 46.42 -45.65
C LEU H 65 -32.26 46.79 -46.34
N ASP H 66 -32.34 47.54 -47.44
CA ASP H 66 -31.18 47.92 -48.28
C ASP H 66 -30.20 48.78 -47.47
N SER H 67 -30.70 49.58 -46.52
CA SER H 67 -29.89 50.54 -45.73
C SER H 67 -28.77 49.81 -44.96
N PHE H 68 -28.90 48.50 -44.71
CA PHE H 68 -27.88 47.66 -44.00
C PHE H 68 -26.82 47.12 -44.96
N TYR H 69 -26.97 47.30 -46.27
CA TYR H 69 -26.04 46.78 -47.31
C TYR H 69 -25.10 47.91 -47.80
N GLU H 70 -23.92 47.51 -48.30
CA GLU H 70 -22.94 48.41 -48.96
C GLU H 70 -23.12 48.28 -50.47
N THR H 71 -23.21 49.42 -51.18
CA THR H 71 -23.29 49.51 -52.66
C THR H 71 -21.89 49.74 -53.21
N GLU H 72 -20.89 49.98 -52.34
CA GLU H 72 -19.48 50.16 -52.74
C GLU H 72 -18.57 49.83 -51.55
N MET H 73 -17.32 49.49 -51.85
CA MET H 73 -16.33 49.01 -50.86
C MET H 73 -14.93 49.36 -51.36
N PRO H 74 -14.22 50.32 -50.73
CA PRO H 74 -14.78 51.13 -49.64
C PRO H 74 -15.64 52.32 -50.11
N GLY H 75 -16.62 52.70 -49.29
CA GLY H 75 -17.32 53.99 -49.40
C GLY H 75 -16.64 55.04 -48.52
N PRO H 76 -17.06 56.32 -48.59
CA PRO H 76 -16.38 57.38 -47.84
C PRO H 76 -16.34 57.12 -46.33
N VAL H 77 -17.41 56.53 -45.77
CA VAL H 77 -17.55 56.32 -44.30
C VAL H 77 -16.57 55.23 -43.84
N VAL H 78 -16.30 54.24 -44.70
CA VAL H 78 -15.43 53.08 -44.37
C VAL H 78 -13.99 53.37 -44.84
N ARG H 79 -13.80 54.31 -45.75
CA ARG H 79 -12.48 54.64 -46.36
C ARG H 79 -11.42 54.89 -45.29
N PRO H 80 -11.71 55.59 -44.16
CA PRO H 80 -10.68 55.85 -43.13
C PRO H 80 -10.00 54.58 -42.58
N LEU H 81 -10.75 53.46 -42.54
CA LEU H 81 -10.27 52.14 -42.05
C LEU H 81 -9.19 51.60 -43.00
N PHE H 82 -9.39 51.71 -44.31
CA PHE H 82 -8.39 51.32 -45.34
C PHE H 82 -7.15 52.23 -45.24
N GLU H 83 -7.36 53.54 -45.15
CA GLU H 83 -6.26 54.55 -45.08
C GLU H 83 -5.37 54.24 -43.87
N LYS H 84 -5.96 53.95 -42.72
CA LYS H 84 -5.23 53.68 -41.45
C LYS H 84 -4.47 52.36 -41.58
N ALA H 85 -5.04 51.34 -42.23
CA ALA H 85 -4.43 50.00 -42.45
C ALA H 85 -3.17 50.12 -43.30
N ALA H 86 -3.20 50.97 -44.33
CA ALA H 86 -2.07 51.21 -45.26
C ALA H 86 -0.96 51.97 -44.52
N GLU H 87 -1.35 52.92 -43.66
CA GLU H 87 -0.41 53.75 -42.85
C GLU H 87 0.36 52.86 -41.88
N LEU H 88 -0.33 51.95 -41.20
CA LEU H 88 0.26 51.09 -40.12
C LEU H 88 0.94 49.86 -40.72
N GLY H 89 0.67 49.53 -41.98
CA GLY H 89 1.25 48.35 -42.65
C GLY H 89 0.64 47.05 -42.15
N ILE H 90 -0.70 47.02 -42.01
CA ILE H 90 -1.46 45.87 -41.46
C ILE H 90 -2.66 45.58 -42.37
N GLY H 91 -2.76 44.35 -42.87
CA GLY H 91 -3.89 43.84 -43.66
C GLY H 91 -5.06 43.49 -42.76
N PHE H 92 -6.25 43.30 -43.33
CA PHE H 92 -7.45 42.93 -42.56
C PHE H 92 -8.43 42.13 -43.45
N ASN H 93 -9.30 41.42 -42.76
CA ASN H 93 -10.45 40.66 -43.32
C ASN H 93 -11.69 41.35 -42.76
N LEU H 94 -12.53 41.88 -43.63
CA LEU H 94 -13.73 42.65 -43.25
C LEU H 94 -14.94 41.95 -43.84
N GLY H 95 -15.94 41.64 -43.00
CA GLY H 95 -17.25 41.17 -43.43
C GLY H 95 -18.25 42.30 -43.53
N TYR H 96 -19.13 42.26 -44.53
CA TYR H 96 -20.17 43.27 -44.76
C TYR H 96 -21.27 42.68 -45.66
N ALA H 97 -22.46 43.30 -45.65
CA ALA H 97 -23.59 42.93 -46.53
C ALA H 97 -23.40 43.63 -47.87
N GLU H 98 -23.40 42.87 -48.97
CA GLU H 98 -23.11 43.35 -50.34
C GLU H 98 -24.40 43.42 -51.16
N LEU H 99 -24.78 44.61 -51.62
CA LEU H 99 -25.92 44.83 -52.55
C LEU H 99 -25.33 45.25 -53.90
N VAL H 100 -25.47 44.40 -54.92
CA VAL H 100 -25.02 44.65 -56.32
C VAL H 100 -26.24 44.60 -57.25
N VAL H 101 -26.45 45.62 -58.07
CA VAL H 101 -27.67 45.76 -58.92
C VAL H 101 -27.33 45.30 -60.35
N GLU H 102 -28.12 44.36 -60.89
CA GLU H 102 -28.12 43.91 -62.30
C GLU H 102 -29.58 43.76 -62.74
N LYS H 106 -31.00 43.26 -58.73
CA LYS H 106 -30.60 43.33 -57.29
C LYS H 106 -30.13 41.94 -56.81
N ARG H 107 -28.85 41.81 -56.47
CA ARG H 107 -28.29 40.60 -55.82
C ARG H 107 -27.81 41.00 -54.42
N ARG H 108 -28.07 40.11 -53.44
CA ARG H 108 -27.68 40.31 -52.01
C ARG H 108 -26.76 39.16 -51.56
N PHE H 109 -25.59 39.50 -51.04
CA PHE H 109 -24.57 38.53 -50.55
C PHE H 109 -24.11 38.90 -49.12
N ASN H 110 -23.82 37.86 -48.34
CA ASN H 110 -23.07 37.95 -47.06
C ASN H 110 -21.59 37.79 -47.44
N THR H 111 -20.83 38.88 -47.42
CA THR H 111 -19.53 39.00 -48.11
C THR H 111 -18.42 39.31 -47.09
N SER H 112 -17.20 38.97 -47.49
CA SER H 112 -15.94 39.30 -46.79
C SER H 112 -14.83 39.53 -47.83
N ILE H 113 -13.85 40.37 -47.50
CA ILE H 113 -12.70 40.69 -48.38
C ILE H 113 -11.42 40.54 -47.58
N LEU H 114 -10.33 40.28 -48.30
CA LEU H 114 -8.95 40.34 -47.80
C LEU H 114 -8.35 41.64 -48.34
N VAL H 115 -7.75 42.42 -47.45
CA VAL H 115 -6.98 43.66 -47.77
C VAL H 115 -5.54 43.43 -47.31
N ASP H 116 -4.55 43.61 -48.20
CA ASP H 116 -3.12 43.42 -47.87
C ASP H 116 -2.63 44.68 -47.14
N LYS H 117 -1.33 44.72 -46.80
CA LYS H 117 -0.75 45.79 -45.94
C LYS H 117 -0.61 47.10 -46.72
N SER H 118 -0.73 47.10 -48.05
CA SER H 118 -0.78 48.32 -48.93
C SER H 118 -2.17 48.94 -48.87
N GLY H 119 -3.17 48.22 -48.36
CA GLY H 119 -4.57 48.69 -48.29
C GLY H 119 -5.31 48.40 -49.58
N LYS H 120 -4.87 47.38 -50.32
CA LYS H 120 -5.44 46.95 -51.63
C LYS H 120 -6.30 45.70 -51.42
N ILE H 121 -7.52 45.70 -51.94
CA ILE H 121 -8.44 44.54 -51.88
C ILE H 121 -7.87 43.45 -52.79
N VAL H 122 -7.37 42.36 -52.21
CA VAL H 122 -6.65 41.28 -52.95
C VAL H 122 -7.59 40.09 -53.18
N GLY H 123 -8.74 40.05 -52.52
CA GLY H 123 -9.66 38.89 -52.70
C GLY H 123 -11.02 39.10 -52.07
N LYS H 124 -12.06 38.53 -52.69
CA LYS H 124 -13.46 38.58 -52.21
C LYS H 124 -13.99 37.15 -52.08
N TYR H 125 -14.90 36.92 -51.14
CA TYR H 125 -15.65 35.65 -50.93
C TYR H 125 -17.08 35.98 -50.52
N ARG H 126 -18.05 35.20 -51.00
CA ARG H 126 -19.50 35.32 -50.68
C ARG H 126 -19.97 34.05 -49.98
N LYS H 127 -20.59 34.20 -48.80
CA LYS H 127 -20.99 33.08 -47.91
C LYS H 127 -21.80 32.06 -48.72
N ILE H 128 -21.35 30.80 -48.75
CA ILE H 128 -21.97 29.73 -49.57
C ILE H 128 -22.99 28.96 -48.72
N HIS H 129 -22.69 28.71 -47.44
CA HIS H 129 -23.61 28.00 -46.51
C HIS H 129 -24.42 29.02 -45.70
N LEU H 130 -25.69 29.18 -46.05
CA LEU H 130 -26.64 30.08 -45.34
C LEU H 130 -27.44 29.28 -44.32
N PRO H 131 -27.41 29.66 -43.02
CA PRO H 131 -28.19 28.99 -42.00
C PRO H 131 -29.58 29.62 -41.78
N GLY H 132 -30.29 29.12 -40.77
CA GLY H 132 -31.62 29.61 -40.37
C GLY H 132 -32.68 29.21 -41.39
N HIS H 133 -33.55 30.16 -41.74
CA HIS H 133 -34.86 29.92 -42.37
C HIS H 133 -35.22 31.09 -43.30
N LYS H 134 -36.26 30.88 -44.10
CA LYS H 134 -36.64 31.72 -45.27
C LYS H 134 -37.80 32.65 -44.89
N GLU H 135 -38.80 32.12 -44.19
CA GLU H 135 -40.06 32.84 -43.86
C GLU H 135 -40.09 33.15 -42.35
N TYR H 136 -40.87 34.16 -41.97
CA TYR H 136 -41.09 34.60 -40.57
C TYR H 136 -41.67 33.45 -39.76
N GLU H 137 -41.13 33.24 -38.55
CA GLU H 137 -41.57 32.18 -37.61
C GLU H 137 -41.84 32.84 -36.26
N ALA H 138 -43.11 33.09 -35.96
CA ALA H 138 -43.59 33.98 -34.87
C ALA H 138 -43.12 33.49 -33.50
N TYR H 139 -42.97 32.17 -33.31
CA TYR H 139 -42.64 31.54 -32.00
C TYR H 139 -41.23 31.99 -31.60
N ARG H 140 -40.33 32.18 -32.57
CA ARG H 140 -38.92 32.57 -32.32
C ARG H 140 -38.90 33.94 -31.64
N PRO H 141 -38.22 34.06 -30.47
CA PRO H 141 -38.01 35.37 -29.85
C PRO H 141 -37.23 36.32 -30.77
N PHE H 142 -36.31 35.75 -31.57
CA PHE H 142 -35.57 36.44 -32.66
C PHE H 142 -35.50 35.53 -33.88
N GLN H 143 -35.50 36.12 -35.08
CA GLN H 143 -35.41 35.42 -36.38
C GLN H 143 -33.92 35.17 -36.75
N HIS H 144 -33.68 34.37 -37.77
CA HIS H 144 -32.34 34.20 -38.43
C HIS H 144 -32.56 34.00 -39.94
N LEU H 145 -32.91 35.09 -40.63
CA LEU H 145 -33.50 35.06 -42.00
C LEU H 145 -32.41 35.30 -43.06
N GLU H 146 -31.24 34.68 -42.89
CA GLU H 146 -30.14 34.77 -43.88
C GLU H 146 -30.57 34.20 -45.23
N LYS H 147 -31.44 33.17 -45.25
CA LYS H 147 -31.90 32.50 -46.50
C LYS H 147 -32.85 33.45 -47.27
N ARG H 148 -33.39 34.45 -46.59
CA ARG H 148 -34.28 35.47 -47.19
C ARG H 148 -33.44 36.64 -47.70
N TYR H 149 -32.48 37.11 -46.90
CA TYR H 149 -31.77 38.40 -47.10
C TYR H 149 -30.48 38.20 -47.91
N PHE H 150 -30.06 36.95 -48.17
CA PHE H 150 -28.85 36.63 -48.97
C PHE H 150 -29.15 35.49 -49.94
N GLU H 151 -28.49 35.53 -51.10
CA GLU H 151 -28.37 34.38 -52.03
C GLU H 151 -27.07 33.64 -51.69
N PRO H 152 -27.01 32.30 -51.86
CA PRO H 152 -25.73 31.58 -51.72
C PRO H 152 -24.65 32.16 -52.65
N GLY H 153 -23.46 32.37 -52.12
CA GLY H 153 -22.29 32.92 -52.84
C GLY H 153 -21.94 32.11 -54.07
N ASP H 154 -21.39 32.78 -55.09
CA ASP H 154 -21.16 32.22 -56.45
C ASP H 154 -19.67 32.23 -56.79
N LEU H 155 -18.78 32.53 -55.81
CA LEU H 155 -17.31 32.63 -56.05
C LEU H 155 -16.58 31.34 -55.67
N GLY H 156 -17.26 30.38 -55.05
CA GLY H 156 -16.62 29.17 -54.51
C GLY H 156 -15.84 29.49 -53.25
N PHE H 157 -14.81 28.69 -52.96
CA PHE H 157 -13.88 28.83 -51.81
C PHE H 157 -12.49 29.13 -52.35
N PRO H 158 -12.21 30.37 -52.82
CA PRO H 158 -10.90 30.70 -53.36
C PRO H 158 -9.84 30.85 -52.27
N VAL H 159 -8.57 30.75 -52.64
CA VAL H 159 -7.40 31.03 -51.75
C VAL H 159 -6.53 32.07 -52.46
N TYR H 160 -6.16 33.14 -51.76
CA TYR H 160 -5.46 34.33 -52.32
C TYR H 160 -4.09 34.49 -51.66
N ASP H 161 -3.10 34.97 -52.43
CA ASP H 161 -1.82 35.48 -51.89
C ASP H 161 -2.11 36.83 -51.24
N VAL H 162 -1.81 36.94 -49.95
CA VAL H 162 -1.92 38.20 -49.15
C VAL H 162 -0.56 38.41 -48.48
N ASP H 163 0.26 39.30 -49.03
CA ASP H 163 1.67 39.53 -48.57
C ASP H 163 2.34 38.15 -48.61
N ALA H 164 2.89 37.65 -47.51
CA ALA H 164 3.65 36.37 -47.53
C ALA H 164 2.74 35.13 -47.48
N ALA H 165 1.43 35.28 -47.27
CA ALA H 165 0.53 34.20 -46.80
C ALA H 165 -0.47 33.77 -47.88
N LYS H 166 -0.71 32.47 -48.01
CA LYS H 166 -1.88 31.90 -48.71
C LYS H 166 -3.06 31.92 -47.74
N MET H 167 -4.07 32.75 -48.02
CA MET H 167 -5.22 32.97 -47.11
C MET H 167 -6.53 32.60 -47.82
N GLY H 168 -7.37 31.82 -47.15
CA GLY H 168 -8.74 31.49 -47.56
C GLY H 168 -9.75 32.05 -46.58
N MET H 169 -10.96 32.37 -47.05
CA MET H 169 -12.04 32.94 -46.22
C MET H 169 -13.19 31.94 -46.06
N PHE H 170 -13.71 31.85 -44.85
CA PHE H 170 -15.06 31.32 -44.54
C PHE H 170 -15.86 32.49 -43.97
N ILE H 171 -17.19 32.39 -43.98
CA ILE H 171 -18.06 33.32 -43.21
C ILE H 171 -18.96 32.46 -42.32
N ALA H 172 -18.81 32.68 -41.01
CA ALA H 172 -19.58 32.09 -39.89
C ALA H 172 -19.94 30.63 -40.16
N ASN H 173 -21.17 30.36 -40.62
CA ASN H 173 -21.78 29.00 -40.69
C ASN H 173 -20.86 28.07 -41.48
N ASP H 174 -20.17 28.60 -42.50
CA ASP H 174 -19.16 27.87 -43.32
C ASP H 174 -18.22 27.05 -42.42
N ARG H 175 -17.89 27.53 -41.23
CA ARG H 175 -16.83 26.93 -40.36
C ARG H 175 -17.28 25.54 -39.88
N ARG H 176 -18.56 25.22 -39.98
CA ARG H 176 -19.13 23.94 -39.48
C ARG H 176 -19.07 22.91 -40.62
N TRP H 177 -18.73 23.32 -41.84
CA TRP H 177 -18.78 22.46 -43.05
C TRP H 177 -17.38 22.00 -43.44
N PRO H 178 -17.04 20.70 -43.30
CA PRO H 178 -15.73 20.18 -43.68
C PRO H 178 -15.35 20.48 -45.14
N GLU H 179 -16.35 20.52 -46.03
CA GLU H 179 -16.16 20.74 -47.49
C GLU H 179 -15.52 22.12 -47.73
N ALA H 180 -15.91 23.13 -46.97
CA ALA H 180 -15.39 24.51 -47.10
C ALA H 180 -13.89 24.49 -46.78
N TRP H 181 -13.53 23.90 -45.65
CA TRP H 181 -12.12 23.74 -45.18
C TRP H 181 -11.31 22.95 -46.19
N ARG H 182 -11.85 21.84 -46.69
CA ARG H 182 -11.10 20.84 -47.47
C ARG H 182 -10.72 21.45 -48.83
N VAL H 183 -11.70 22.07 -49.50
CA VAL H 183 -11.46 22.75 -50.81
C VAL H 183 -10.29 23.73 -50.63
N MET H 184 -10.32 24.54 -49.57
CA MET H 184 -9.31 25.60 -49.36
C MET H 184 -7.98 24.95 -48.93
N GLY H 185 -8.04 23.84 -48.19
CA GLY H 185 -6.86 23.04 -47.82
C GLY H 185 -6.19 22.47 -49.06
N LEU H 186 -6.99 21.97 -50.00
CA LEU H 186 -6.48 21.38 -51.28
C LEU H 186 -5.87 22.48 -52.17
N ARG H 187 -6.31 23.73 -52.03
CA ARG H 187 -5.78 24.91 -52.79
C ARG H 187 -4.55 25.48 -52.08
N GLY H 188 -4.14 24.91 -50.94
CA GLY H 188 -2.86 25.20 -50.25
C GLY H 188 -2.93 26.38 -49.30
N ALA H 189 -4.11 26.64 -48.72
CA ALA H 189 -4.33 27.73 -47.75
C ALA H 189 -3.46 27.46 -46.52
N GLU H 190 -2.76 28.48 -46.04
CA GLU H 190 -1.94 28.43 -44.79
C GLU H 190 -2.71 29.04 -43.63
N ILE H 191 -3.58 30.02 -43.92
CA ILE H 191 -4.51 30.66 -42.95
C ILE H 191 -5.91 30.60 -43.53
N ILE H 192 -6.87 30.15 -42.73
CA ILE H 192 -8.32 30.17 -43.08
C ILE H 192 -9.00 31.05 -42.03
N CYS H 193 -9.64 32.14 -42.44
CA CYS H 193 -10.14 33.13 -41.46
C CYS H 193 -11.51 33.68 -41.88
N GLY H 194 -12.22 34.20 -40.89
CA GLY H 194 -13.54 34.80 -41.07
C GLY H 194 -14.12 35.17 -39.72
N GLY H 195 -15.39 35.54 -39.70
CA GLY H 195 -16.06 35.99 -38.48
C GLY H 195 -17.42 35.37 -38.37
N TYR H 196 -18.12 35.65 -37.28
CA TYR H 196 -19.41 35.00 -36.98
C TYR H 196 -20.28 35.88 -36.10
N ASN H 197 -21.60 35.73 -36.31
CA ASN H 197 -22.68 36.14 -35.39
C ASN H 197 -23.44 34.85 -35.05
N THR H 198 -23.16 34.26 -33.89
CA THR H 198 -23.69 32.95 -33.42
C THR H 198 -24.50 33.13 -32.15
N PRO H 199 -25.84 33.13 -32.23
CA PRO H 199 -26.69 33.12 -31.04
C PRO H 199 -26.40 31.93 -30.13
N THR H 200 -26.50 32.13 -28.81
CA THR H 200 -26.34 31.08 -27.77
C THR H 200 -27.68 30.36 -27.54
N HIS H 201 -28.77 30.86 -28.13
CA HIS H 201 -30.11 30.24 -28.16
C HIS H 201 -30.47 29.87 -29.60
N ASN H 202 -30.83 28.61 -29.85
CA ASN H 202 -31.39 28.11 -31.13
C ASN H 202 -32.82 27.65 -30.88
N PRO H 203 -33.83 28.46 -31.26
CA PRO H 203 -35.23 28.19 -30.92
C PRO H 203 -35.77 26.81 -31.29
N PRO H 204 -35.48 26.26 -32.50
CA PRO H 204 -35.90 24.90 -32.85
C PRO H 204 -35.12 23.77 -32.15
N VAL H 205 -33.91 24.03 -31.67
CA VAL H 205 -33.07 22.97 -31.00
C VAL H 205 -32.44 23.56 -29.75
N PRO H 206 -33.24 24.03 -28.76
CA PRO H 206 -32.70 24.66 -27.55
C PRO H 206 -31.84 23.73 -26.69
N GLN H 207 -31.91 22.41 -26.95
CA GLN H 207 -31.21 21.37 -26.16
C GLN H 207 -29.72 21.29 -26.57
N HIS H 208 -29.25 22.14 -27.50
CA HIS H 208 -27.81 22.30 -27.85
C HIS H 208 -27.26 23.68 -27.42
N ASP H 209 -28.05 24.47 -26.69
CA ASP H 209 -27.70 25.87 -26.27
C ASP H 209 -26.41 25.85 -25.44
N HIS H 210 -26.31 24.94 -24.46
CA HIS H 210 -25.15 24.83 -23.54
C HIS H 210 -23.88 24.35 -24.26
N LEU H 211 -24.02 23.95 -25.54
CA LEU H 211 -22.94 23.40 -26.39
C LEU H 211 -22.49 24.44 -27.44
N THR H 212 -22.99 25.67 -27.37
CA THR H 212 -22.69 26.71 -28.39
C THR H 212 -21.18 26.89 -28.49
N SER H 213 -20.48 27.11 -27.37
CA SER H 213 -19.00 27.28 -27.37
C SER H 213 -18.33 26.01 -27.93
N PHE H 214 -18.64 24.88 -27.33
CA PHE H 214 -18.08 23.54 -27.69
C PHE H 214 -18.15 23.35 -29.20
N HIS H 215 -19.31 23.58 -29.80
CA HIS H 215 -19.59 23.33 -31.24
C HIS H 215 -18.81 24.30 -32.13
N HIS H 216 -18.71 25.56 -31.73
CA HIS H 216 -17.91 26.60 -32.41
C HIS H 216 -16.44 26.17 -32.42
N LEU H 217 -15.86 25.94 -31.25
CA LEU H 217 -14.41 25.63 -31.10
C LEU H 217 -14.11 24.26 -31.73
N LEU H 218 -15.01 23.29 -31.59
CA LEU H 218 -14.85 21.96 -32.23
C LEU H 218 -14.69 22.16 -33.75
N SER H 219 -15.51 23.02 -34.34
CA SER H 219 -15.48 23.30 -35.80
C SER H 219 -14.13 23.90 -36.22
N MET H 220 -13.58 24.81 -35.42
CA MET H 220 -12.34 25.55 -35.77
C MET H 220 -11.14 24.62 -35.62
N GLN H 221 -11.10 23.85 -34.53
CA GLN H 221 -9.97 22.93 -34.21
C GLN H 221 -9.92 21.82 -35.26
N ALA H 222 -11.05 21.22 -35.62
CA ALA H 222 -11.11 20.07 -36.56
C ALA H 222 -10.74 20.53 -37.96
N GLY H 223 -11.30 21.65 -38.42
CA GLY H 223 -10.93 22.25 -39.74
C GLY H 223 -9.44 22.46 -39.87
N SER H 224 -8.82 23.08 -38.86
CA SER H 224 -7.37 23.43 -38.80
C SER H 224 -6.54 22.16 -38.87
N TYR H 225 -6.84 21.20 -38.00
CA TYR H 225 -6.09 19.92 -37.88
C TYR H 225 -6.16 19.15 -39.20
N GLN H 226 -7.36 18.92 -39.71
CA GLN H 226 -7.59 18.01 -40.86
C GLN H 226 -7.00 18.59 -42.16
N ASN H 227 -6.69 19.88 -42.19
CA ASN H 227 -6.14 20.59 -43.38
C ASN H 227 -4.76 21.16 -43.08
N GLY H 228 -4.24 20.94 -41.87
CA GLY H 228 -2.95 21.51 -41.45
C GLY H 228 -2.90 22.99 -41.78
N ALA H 229 -3.95 23.73 -41.40
CA ALA H 229 -4.09 25.19 -41.64
C ALA H 229 -4.18 25.95 -40.31
N TRP H 230 -3.47 27.07 -40.20
CA TRP H 230 -3.79 28.16 -39.24
C TRP H 230 -5.20 28.62 -39.53
N SER H 231 -5.97 28.93 -38.49
CA SER H 231 -7.31 29.55 -38.63
C SER H 231 -7.52 30.61 -37.54
N ALA H 232 -8.50 31.47 -37.76
CA ALA H 232 -8.87 32.61 -36.90
C ALA H 232 -10.36 32.89 -37.11
N ALA H 233 -11.14 32.98 -36.04
CA ALA H 233 -12.59 33.26 -36.09
C ALA H 233 -12.84 34.51 -35.28
N ALA H 234 -13.32 35.59 -35.92
CA ALA H 234 -13.67 36.89 -35.27
C ALA H 234 -15.18 36.96 -35.04
N GLY H 235 -15.59 36.94 -33.76
CA GLY H 235 -17.01 37.02 -33.38
C GLY H 235 -17.46 38.46 -33.26
N LYS H 236 -18.72 38.73 -33.58
CA LYS H 236 -19.51 39.84 -32.98
C LYS H 236 -20.39 39.19 -31.92
N VAL H 237 -20.30 39.69 -30.69
CA VAL H 237 -20.57 38.92 -29.44
C VAL H 237 -21.34 39.80 -28.47
N GLY H 238 -21.94 39.20 -27.44
CA GLY H 238 -22.61 39.92 -26.33
C GLY H 238 -24.09 40.16 -26.58
N MET H 239 -24.72 40.96 -25.71
CA MET H 239 -26.17 41.30 -25.81
C MET H 239 -26.34 42.37 -26.88
N GLU H 240 -26.72 41.96 -28.10
CA GLU H 240 -27.02 42.88 -29.23
C GLU H 240 -28.53 42.88 -29.45
N GLU H 241 -29.18 44.04 -29.29
CA GLU H 241 -30.64 44.21 -29.48
C GLU H 241 -31.37 43.03 -28.84
N ASN H 242 -30.98 42.74 -27.59
CA ASN H 242 -31.59 41.79 -26.62
C ASN H 242 -31.45 40.33 -27.10
N CYS H 243 -30.57 40.04 -28.07
CA CYS H 243 -30.16 38.66 -28.42
C CYS H 243 -28.70 38.47 -27.99
N MET H 244 -28.42 37.39 -27.27
CA MET H 244 -27.06 37.05 -26.79
C MET H 244 -26.28 36.34 -27.92
N LEU H 245 -25.12 36.88 -28.30
CA LEU H 245 -24.22 36.31 -29.35
C LEU H 245 -22.97 35.70 -28.66
N LEU H 246 -22.58 34.48 -29.06
CA LEU H 246 -21.42 33.74 -28.50
C LEU H 246 -20.12 34.56 -28.69
N GLY H 247 -19.28 34.58 -27.66
CA GLY H 247 -17.90 35.08 -27.72
C GLY H 247 -16.94 34.00 -28.19
N HIS H 248 -15.86 33.77 -27.47
CA HIS H 248 -14.80 32.78 -27.77
C HIS H 248 -14.27 32.96 -29.21
N SER H 249 -14.03 34.19 -29.62
CA SER H 249 -13.18 34.49 -30.80
C SER H 249 -11.81 33.85 -30.59
N CYS H 250 -11.17 33.30 -31.62
CA CYS H 250 -10.00 32.41 -31.44
C CYS H 250 -9.04 32.47 -32.62
N ILE H 251 -7.76 32.19 -32.35
CA ILE H 251 -6.75 31.78 -33.35
C ILE H 251 -6.34 30.35 -33.03
N VAL H 252 -6.10 29.54 -34.07
CA VAL H 252 -5.84 28.07 -33.97
C VAL H 252 -4.64 27.72 -34.86
N ALA H 253 -3.77 26.84 -34.38
CA ALA H 253 -2.56 26.32 -35.09
C ALA H 253 -3.00 25.19 -36.03
N PRO H 254 -2.13 24.79 -36.98
CA PRO H 254 -2.46 23.70 -37.89
C PRO H 254 -2.67 22.34 -37.22
N THR H 255 -2.23 22.19 -35.97
CA THR H 255 -2.44 20.99 -35.12
C THR H 255 -3.88 21.00 -34.57
N GLY H 256 -4.60 22.12 -34.66
CA GLY H 256 -5.94 22.33 -34.08
C GLY H 256 -5.88 22.79 -32.64
N GLU H 257 -4.69 23.15 -32.15
CA GLU H 257 -4.50 23.76 -30.82
C GLU H 257 -4.99 25.20 -30.86
N ILE H 258 -5.78 25.62 -29.86
CA ILE H 258 -6.21 27.04 -29.68
C ILE H 258 -5.01 27.80 -29.10
N VAL H 259 -4.42 28.71 -29.86
CA VAL H 259 -3.23 29.51 -29.45
C VAL H 259 -3.66 30.90 -28.95
N ALA H 260 -4.89 31.35 -29.19
CA ALA H 260 -5.44 32.58 -28.55
C ALA H 260 -6.97 32.49 -28.47
N LEU H 261 -7.56 33.14 -27.46
CA LEU H 261 -9.02 33.05 -27.14
C LEU H 261 -9.45 34.32 -26.40
N THR H 262 -10.56 34.93 -26.81
CA THR H 262 -11.19 36.07 -26.09
C THR H 262 -11.91 35.54 -24.85
N THR H 263 -12.03 36.37 -23.81
CA THR H 263 -12.70 36.06 -22.53
C THR H 263 -13.72 37.15 -22.14
N THR H 264 -13.85 38.23 -22.93
CA THR H 264 -14.88 39.29 -22.72
C THR H 264 -15.97 39.17 -23.80
N LEU H 265 -17.11 39.83 -23.60
CA LEU H 265 -18.18 40.02 -24.62
C LEU H 265 -18.16 41.48 -25.10
N GLU H 266 -16.96 42.01 -25.36
CA GLU H 266 -16.72 43.41 -25.82
C GLU H 266 -15.66 43.44 -26.92
N ASP H 267 -15.47 44.62 -27.51
CA ASP H 267 -14.32 44.84 -28.44
C ASP H 267 -13.07 44.28 -27.73
N GLU H 268 -12.46 43.25 -28.28
CA GLU H 268 -11.25 42.63 -27.70
C GLU H 268 -10.34 42.20 -28.84
N VAL H 269 -9.05 42.45 -28.70
CA VAL H 269 -7.98 42.08 -29.67
C VAL H 269 -7.15 40.96 -29.07
N ILE H 270 -6.95 39.88 -29.81
CA ILE H 270 -6.03 38.76 -29.45
C ILE H 270 -5.06 38.57 -30.61
N THR H 271 -3.84 38.13 -30.33
CA THR H 271 -2.78 37.88 -31.34
C THR H 271 -2.12 36.51 -31.10
N ALA H 272 -1.52 35.94 -32.15
CA ALA H 272 -0.66 34.74 -32.06
C ALA H 272 0.45 34.85 -33.11
N ALA H 273 1.64 34.36 -32.78
CA ALA H 273 2.77 34.18 -33.72
C ALA H 273 2.37 33.09 -34.72
N VAL H 274 2.34 33.41 -36.01
CA VAL H 274 2.02 32.44 -37.10
C VAL H 274 3.31 32.13 -37.87
N ASP H 275 3.66 30.85 -37.92
CA ASP H 275 4.76 30.30 -38.75
C ASP H 275 4.11 29.50 -39.87
N LEU H 276 4.13 30.05 -41.10
CA LEU H 276 3.37 29.49 -42.26
C LEU H 276 3.94 28.13 -42.65
N ASP H 277 5.19 27.84 -42.26
CA ASP H 277 5.88 26.57 -42.59
C ASP H 277 5.35 25.42 -41.73
N ARG H 278 4.61 25.73 -40.65
CA ARG H 278 4.15 24.73 -39.65
C ARG H 278 3.02 23.87 -40.25
N CYS H 279 2.41 24.34 -41.34
CA CYS H 279 1.44 23.56 -42.15
C CYS H 279 2.06 22.22 -42.57
N ARG H 280 3.36 22.19 -42.81
CA ARG H 280 4.11 20.99 -43.32
C ARG H 280 4.06 19.85 -42.31
N GLU H 281 4.04 20.16 -41.01
CA GLU H 281 4.03 19.14 -39.92
C GLU H 281 2.89 18.14 -40.17
N LEU H 282 1.80 18.60 -40.78
CA LEU H 282 0.60 17.76 -41.06
C LEU H 282 0.57 17.37 -42.55
N ARG H 283 0.83 18.34 -43.42
CA ARG H 283 0.61 18.22 -44.89
C ARG H 283 1.72 17.39 -45.56
N GLU H 284 2.82 17.11 -44.87
CA GLU H 284 3.93 16.28 -45.41
C GLU H 284 3.97 14.91 -44.71
N HIS H 285 3.08 14.67 -43.74
CA HIS H 285 3.09 13.43 -42.91
C HIS H 285 1.68 12.85 -42.82
N ILE H 286 1.01 13.03 -41.68
CA ILE H 286 -0.29 12.39 -41.39
C ILE H 286 -1.31 12.76 -42.48
N PHE H 287 -1.31 14.03 -42.89
CA PHE H 287 -2.28 14.56 -43.90
C PHE H 287 -1.52 14.96 -45.16
N ASN H 288 -0.61 14.10 -45.61
CA ASN H 288 0.01 14.13 -46.96
C ASN H 288 -1.05 13.73 -48.00
N PHE H 289 -1.72 14.72 -48.56
CA PHE H 289 -2.92 14.56 -49.42
C PHE H 289 -2.64 13.65 -50.63
N LYS H 290 -1.66 14.02 -51.46
CA LYS H 290 -1.32 13.25 -52.70
C LYS H 290 -1.07 11.78 -52.35
N GLN H 291 -0.46 11.52 -51.19
CA GLN H 291 0.11 10.21 -50.80
C GLN H 291 -0.98 9.31 -50.19
N HIS H 292 -2.02 9.89 -49.58
CA HIS H 292 -2.98 9.18 -48.70
C HIS H 292 -4.41 9.22 -49.25
N ARG H 293 -4.83 10.32 -49.87
CA ARG H 293 -6.22 10.49 -50.36
C ARG H 293 -6.50 9.52 -51.51
N GLN H 294 -7.72 8.99 -51.53
CA GLN H 294 -8.26 8.02 -52.53
C GLN H 294 -9.55 8.61 -53.08
N PRO H 295 -9.46 9.69 -53.89
CA PRO H 295 -10.63 10.45 -54.31
C PRO H 295 -11.65 9.68 -55.17
N GLN H 296 -11.31 8.48 -55.66
CA GLN H 296 -12.25 7.62 -56.41
C GLN H 296 -13.38 7.14 -55.49
N HIS H 297 -13.19 7.23 -54.17
CA HIS H 297 -14.21 6.80 -53.16
C HIS H 297 -15.01 7.99 -52.63
N TYR H 298 -14.69 9.23 -53.04
CA TYR H 298 -15.24 10.47 -52.41
C TYR H 298 -16.32 11.12 -53.28
N GLY H 299 -16.67 10.53 -54.44
CA GLY H 299 -17.58 11.07 -55.45
C GLY H 299 -18.93 11.54 -54.91
N LEU H 300 -19.49 10.84 -53.92
CA LEU H 300 -20.85 11.15 -53.39
C LEU H 300 -20.87 12.55 -52.75
N ILE H 301 -19.71 13.06 -52.31
CA ILE H 301 -19.60 14.39 -51.65
C ILE H 301 -19.90 15.51 -52.66
N ALA H 302 -19.65 15.28 -53.96
CA ALA H 302 -19.73 16.30 -55.04
C ALA H 302 -21.01 16.14 -55.88
N GLU H 303 -21.88 15.19 -55.53
CA GLU H 303 -23.18 14.94 -56.22
C GLU H 303 -24.20 16.01 -55.79
N LEU H 304 -24.89 16.60 -56.75
CA LEU H 304 -26.01 17.56 -56.51
C LEU H 304 -27.26 16.81 -56.06
N3 M9L I . -2.78 4.35 -37.02
C4 M9L I . -2.68 5.70 -37.51
C5 M9L I . -1.38 6.25 -36.93
C6 M9L I . -0.23 5.58 -37.29
C7 M9L I . 1.06 5.93 -36.85
C8 M9L I . 1.19 7.04 -36.02
C10 M9L I . 0.00 7.74 -35.68
O1 M9L I . -4.23 3.66 -38.74
C2 M9L I . -3.54 3.46 -37.68
O9 M9L I . 2.46 7.38 -35.58
C11 M9L I . -1.24 7.32 -36.09
C12 M9L I . -3.98 6.37 -37.14
O13 M9L I . -4.59 7.26 -37.93
O14 M9L I . -4.50 6.10 -36.12
N15 M9L I . -3.48 2.26 -37.10
N3 M9L J . -2.56 -1.86 24.37
C4 M9L J . -3.07 -3.10 23.75
C5 M9L J . -3.72 -3.98 24.85
C6 M9L J . -4.82 -3.49 25.54
C7 M9L J . -5.38 -4.20 26.55
C8 M9L J . -4.90 -5.46 26.90
C10 M9L J . -3.80 -5.96 26.21
O1 M9L J . -2.80 -0.69 22.58
C2 M9L J . -2.42 -0.71 23.73
O9 M9L J . -5.51 -6.18 27.90
C11 M9L J . -3.22 -5.22 25.20
C12 M9L J . -1.90 -3.81 23.19
O13 M9L J . -0.78 -3.49 23.55
O14 M9L J . -2.01 -4.81 22.30
N15 M9L J . -1.90 0.41 24.30
N3 M9L K . 31.99 -27.92 22.88
C4 M9L K . 30.99 -28.88 23.29
C5 M9L K . 30.39 -29.65 22.15
C6 M9L K . 31.20 -30.57 21.48
C7 M9L K . 30.66 -31.30 20.45
C8 M9L K . 29.33 -31.11 20.12
C10 M9L K . 28.54 -30.20 20.76
O1 M9L K . 32.93 -27.99 24.94
C2 M9L K . 32.90 -27.51 23.80
O9 M9L K . 28.78 -31.81 19.13
C11 M9L K . 29.05 -29.45 21.80
C12 M9L K . 29.90 -28.16 24.07
O13 M9L K . 29.67 -26.95 24.03
O14 M9L K . 29.17 -28.92 24.85
N15 M9L K . 33.82 -26.56 23.48
N3 M9L L . 4.23 -23.74 44.52
C4 M9L L . 5.50 -23.05 44.40
C5 M9L L . 5.33 -21.53 44.34
C6 M9L L . 4.66 -20.88 45.38
C7 M9L L . 4.43 -19.53 45.34
C8 M9L L . 4.94 -18.81 44.30
C10 M9L L . 5.64 -19.43 43.27
O1 M9L L . 5.16 -25.67 45.36
C2 M9L L . 4.17 -25.02 45.01
O9 M9L L . 4.80 -17.48 44.25
C11 M9L L . 5.84 -20.81 43.27
C12 M9L L . 6.17 -23.52 43.16
O13 M9L L . 5.54 -23.76 42.15
O14 M9L L . 7.50 -23.58 43.25
N15 M9L L . 2.97 -25.67 45.14
N3 M9L M . -26.03 25.48 -7.81
C4 M9L M . -24.77 26.28 -7.90
C5 M9L M . -24.97 27.50 -8.82
C6 M9L M . -26.02 28.42 -8.63
C7 M9L M . -26.25 29.49 -9.48
C8 M9L M . -25.35 29.69 -10.54
C10 M9L M . -24.28 28.82 -10.73
O1 M9L M . -25.75 24.75 -5.68
C2 M9L M . -26.41 24.80 -6.70
O9 M9L M . -25.46 30.76 -11.42
C11 M9L M . -24.10 27.73 -9.90
C12 M9L M . -23.68 25.33 -8.43
O13 M9L M . -22.35 25.63 -8.20
O14 M9L M . -24.00 24.34 -9.10
N15 M9L M . -27.57 24.17 -6.73
N3 M9L N . 8.07 18.13 -12.17
C4 M9L N . 6.88 17.38 -11.88
C5 M9L N . 6.88 15.99 -12.49
C6 M9L N . 7.99 15.19 -12.35
C7 M9L N . 7.97 13.91 -12.86
C8 M9L N . 6.83 13.43 -13.51
C10 M9L N . 5.69 14.19 -13.63
O1 M9L N . 7.80 19.72 -10.65
C2 M9L N . 8.42 19.24 -11.54
O9 M9L N . 6.81 12.19 -14.01
C11 M9L N . 5.72 15.48 -13.11
C12 M9L N . 5.67 18.15 -12.28
O13 M9L N . 4.66 18.17 -11.47
O14 M9L N . 5.52 18.70 -13.29
N15 M9L N . 9.54 19.91 -11.88
N3 M9L O . 10.97 -25.19 1.75
C4 M9L O . 11.21 -23.78 2.11
C5 M9L O . 12.74 -23.62 2.29
C6 M9L O . 13.61 -24.14 1.31
C7 M9L O . 15.02 -24.05 1.45
C8 M9L O . 15.56 -23.46 2.60
C10 M9L O . 14.68 -22.98 3.58
O1 M9L O . 9.01 -24.90 0.63
C2 M9L O . 9.90 -25.61 1.04
O9 M9L O . 16.92 -23.36 2.77
C11 M9L O . 13.31 -23.06 3.43
C12 M9L O . 10.44 -23.46 3.37
O13 M9L O . 9.95 -22.23 3.54
O14 M9L O . 10.29 -24.30 4.25
N15 M9L O . 9.77 -26.91 0.77
N3 M9L P . -24.71 32.01 -37.57
C4 M9L P . -24.90 30.53 -37.53
C5 M9L P . -25.87 30.10 -36.45
C6 M9L P . -27.19 30.56 -36.50
C7 M9L P . -28.12 30.19 -35.50
C8 M9L P . -27.75 29.34 -34.47
C10 M9L P . -26.44 28.82 -34.40
O1 M9L P . -23.95 31.97 -39.67
C2 M9L P . -24.20 32.63 -38.68
O9 M9L P . -28.66 29.01 -33.51
C11 M9L P . -25.51 29.22 -35.37
C12 M9L P . -23.54 29.85 -37.29
O13 M9L P . -22.64 30.45 -36.71
O14 M9L P . -23.34 28.59 -37.65
N15 M9L P . -23.97 33.95 -38.79
#